data_7T99
#
_entry.id   7T99
#
_cell.length_a   52.824
_cell.length_b   62.451
_cell.length_c   124.018
_cell.angle_alpha   89.990
_cell.angle_beta   98.370
_cell.angle_gamma   89.890
#
_symmetry.space_group_name_H-M   'P 1'
#
loop_
_entity.id
_entity.type
_entity.pdbx_description
1 polymer 'FAB Heavy Chain'
2 polymer 'FAB Light Chain'
3 non-polymer 'PHOSPHATE ION'
4 water water
#
loop_
_entity_poly.entity_id
_entity_poly.type
_entity_poly.pdbx_seq_one_letter_code
_entity_poly.pdbx_strand_id
1 'polypeptide(L)'
;EVQLVESGGGLVQPGGSLRLSCAASGFNIKDTYIHWVRQAPGKGLEWVARIYPTNGYTRYADSVKGRFTISADTSKNTAY
LQMNSLRAEDTAVYYCSRWGGDGFYAMDYWGQGTLVTVSSASTKGPSVFPLAPSSKSTSGGTAALGCLVKDYFPEPVTVS
WNSGALTSGVHTFPAVLQSSGLYSLSSVVTVPSSSLGTQTYICNVNHKPSNTKVDKKVEPKSCDKTHT
;
A,C,E,H
2 'polypeptide(L)'
;DIQMTQSPSSLSASVGDRVTITCRASQDVNTAVAWYQQKPGKAPKLLIYSASFLYSGVPSRFSGSRSGTDFTLTISSLQP
EDFATYYCQQHYTTPPTFGQGTKVEIKRTVAAPSVFIFPPSDEQLKSGTASVVCLLNNFYPREAKVQWKVDNALQSGNSQ
ESVTEQDSKDSTYSLSSTLTLSKADYEKHKVYACEVTHQGLCSPVTKCFNRGEC
;
B,D,F,L
#
loop_
_chem_comp.id
_chem_comp.type
_chem_comp.name
_chem_comp.formula
PO4 non-polymer 'PHOSPHATE ION' 'O4 P -3'
#
# COMPACT_ATOMS: atom_id res chain seq x y z
N VAL A 2 -7.94 -47.44 -8.36
CA VAL A 2 -9.14 -47.76 -9.19
C VAL A 2 -9.76 -46.44 -9.63
N GLN A 3 -10.27 -46.35 -10.86
CA GLN A 3 -10.99 -45.15 -11.31
C GLN A 3 -12.11 -45.50 -12.29
N LEU A 4 -13.16 -44.71 -12.27
CA LEU A 4 -14.33 -44.83 -13.14
C LEU A 4 -14.68 -43.42 -13.61
N VAL A 5 -14.72 -43.15 -14.91
CA VAL A 5 -14.82 -41.75 -15.42
C VAL A 5 -15.99 -41.71 -16.42
N GLU A 6 -17.15 -41.24 -15.94
CA GLU A 6 -18.38 -41.01 -16.77
C GLU A 6 -18.03 -39.94 -17.80
N SER A 7 -18.42 -40.13 -19.07
CA SER A 7 -18.35 -39.11 -20.16
C SER A 7 -19.71 -39.05 -20.87
N GLY A 8 -19.82 -38.19 -21.88
CA GLY A 8 -20.96 -38.13 -22.82
C GLY A 8 -22.28 -37.85 -22.12
N GLY A 9 -22.31 -36.85 -21.24
CA GLY A 9 -23.52 -36.35 -20.55
C GLY A 9 -23.61 -34.83 -20.66
N GLY A 10 -24.81 -34.30 -20.94
CA GLY A 10 -25.02 -32.85 -21.06
C GLY A 10 -26.48 -32.49 -21.20
N LEU A 11 -26.79 -31.63 -22.17
CA LEU A 11 -28.16 -31.21 -22.54
C LEU A 11 -28.65 -32.14 -23.65
N VAL A 12 -29.94 -32.43 -23.67
CA VAL A 12 -30.64 -33.29 -24.66
C VAL A 12 -32.13 -32.97 -24.66
N GLN A 13 -32.72 -32.96 -25.85
CA GLN A 13 -34.17 -32.77 -26.13
C GLN A 13 -35.00 -33.90 -25.52
N PRO A 14 -36.16 -33.58 -24.90
CA PRO A 14 -37.19 -34.58 -24.60
C PRO A 14 -37.50 -35.41 -25.85
N GLY A 15 -37.57 -36.74 -25.73
CA GLY A 15 -37.66 -37.70 -26.85
C GLY A 15 -36.28 -38.16 -27.32
N GLY A 16 -35.26 -37.30 -27.17
CA GLY A 16 -33.92 -37.47 -27.79
C GLY A 16 -33.12 -38.60 -27.17
N SER A 17 -31.92 -38.85 -27.73
CA SER A 17 -30.94 -39.91 -27.34
C SER A 17 -29.69 -39.31 -26.67
N LEU A 18 -28.99 -40.13 -25.88
CA LEU A 18 -27.65 -39.88 -25.29
C LEU A 18 -27.01 -41.21 -24.93
N ARG A 19 -25.69 -41.31 -25.01
CA ARG A 19 -24.98 -42.58 -24.71
C ARG A 19 -23.87 -42.33 -23.69
N LEU A 20 -24.16 -42.53 -22.39
CA LEU A 20 -23.15 -42.32 -21.32
C LEU A 20 -22.05 -43.36 -21.47
N SER A 21 -20.82 -42.96 -21.20
CA SER A 21 -19.56 -43.75 -21.30
C SER A 21 -19.02 -43.85 -19.88
N CYS A 22 -18.61 -45.02 -19.42
CA CYS A 22 -18.02 -45.23 -18.08
C CYS A 22 -16.63 -45.83 -18.34
N ALA A 23 -15.58 -45.03 -18.16
CA ALA A 23 -14.19 -45.45 -18.44
C ALA A 23 -13.54 -45.99 -17.17
N ALA A 24 -13.24 -47.28 -17.12
CA ALA A 24 -12.48 -47.91 -16.02
C ALA A 24 -10.99 -47.72 -16.25
N SER A 25 -10.20 -47.80 -15.17
CA SER A 25 -8.72 -48.03 -15.14
C SER A 25 -8.33 -48.67 -13.80
N GLY A 26 -7.24 -49.43 -13.77
CA GLY A 26 -6.67 -50.00 -12.52
C GLY A 26 -7.29 -51.32 -12.09
N PHE A 27 -8.14 -51.93 -12.93
CA PHE A 27 -8.84 -53.20 -12.64
C PHE A 27 -9.59 -53.60 -13.91
N ASN A 28 -9.77 -54.90 -14.17
CA ASN A 28 -10.50 -55.34 -15.38
C ASN A 28 -11.99 -55.45 -15.06
N ILE A 29 -12.82 -54.77 -15.86
CA ILE A 29 -14.30 -54.69 -15.72
C ILE A 29 -14.92 -56.06 -15.99
N LYS A 30 -14.12 -57.00 -16.48
CA LYS A 30 -14.54 -58.41 -16.66
C LYS A 30 -14.79 -59.01 -15.28
N ASP A 31 -14.00 -58.60 -14.29
CA ASP A 31 -13.90 -59.31 -13.00
C ASP A 31 -14.97 -58.81 -12.00
N THR A 32 -16.10 -58.26 -12.46
CA THR A 32 -17.06 -57.58 -11.56
C THR A 32 -18.33 -57.15 -12.27
N TYR A 33 -19.31 -56.71 -11.49
CA TYR A 33 -20.51 -55.99 -11.97
C TYR A 33 -20.24 -54.47 -11.97
N ILE A 34 -21.00 -53.77 -12.80
CA ILE A 34 -20.94 -52.31 -13.04
C ILE A 34 -22.37 -51.80 -12.93
N HIS A 35 -22.58 -50.66 -12.31
CA HIS A 35 -23.94 -50.13 -12.03
C HIS A 35 -24.00 -48.69 -12.53
N TRP A 36 -25.21 -48.24 -12.84
CA TRP A 36 -25.45 -46.81 -13.16
C TRP A 36 -26.54 -46.30 -12.22
N VAL A 37 -26.14 -45.55 -11.20
CA VAL A 37 -27.03 -44.97 -10.16
C VAL A 37 -27.21 -43.48 -10.41
N ARG A 38 -28.37 -42.92 -10.09
CA ARG A 38 -28.76 -41.61 -10.63
C ARG A 38 -29.35 -40.76 -9.50
N GLN A 39 -28.97 -39.48 -9.45
CA GLN A 39 -29.44 -38.53 -8.40
C GLN A 39 -30.13 -37.37 -9.11
N ALA A 40 -31.45 -37.35 -9.11
CA ALA A 40 -32.23 -36.18 -9.56
C ALA A 40 -31.96 -34.96 -8.66
N PRO A 41 -31.79 -33.73 -9.21
CA PRO A 41 -31.62 -32.52 -8.41
C PRO A 41 -32.40 -32.47 -7.08
N GLY A 42 -31.65 -32.45 -5.97
CA GLY A 42 -32.16 -32.35 -4.59
C GLY A 42 -32.76 -33.64 -4.05
N LYS A 43 -32.74 -34.72 -4.84
CA LYS A 43 -33.35 -36.03 -4.47
C LYS A 43 -32.24 -37.01 -4.12
N GLY A 44 -32.64 -38.23 -3.74
CA GLY A 44 -31.77 -39.35 -3.38
C GLY A 44 -31.38 -40.20 -4.57
N LEU A 45 -30.40 -41.07 -4.34
CA LEU A 45 -29.90 -42.13 -5.24
C LEU A 45 -31.02 -43.14 -5.56
N GLU A 46 -31.35 -43.23 -6.85
CA GLU A 46 -32.13 -44.29 -7.53
C GLU A 46 -31.18 -45.10 -8.39
N TRP A 47 -31.02 -46.39 -8.12
CA TRP A 47 -30.29 -47.38 -8.96
C TRP A 47 -31.03 -47.49 -10.27
N VAL A 48 -30.33 -47.63 -11.39
CA VAL A 48 -30.92 -47.64 -12.77
C VAL A 48 -30.53 -48.88 -13.58
N ALA A 49 -29.36 -49.49 -13.43
CA ALA A 49 -29.08 -50.67 -14.26
C ALA A 49 -27.74 -51.32 -13.92
N ARG A 50 -27.42 -52.49 -14.47
CA ARG A 50 -26.16 -53.20 -14.11
C ARG A 50 -25.91 -54.29 -15.13
N ILE A 51 -24.70 -54.85 -15.14
CA ILE A 51 -24.20 -55.73 -16.22
C ILE A 51 -22.97 -56.45 -15.70
N TYR A 52 -22.83 -57.74 -16.02
CA TYR A 52 -21.67 -58.59 -15.70
C TYR A 52 -20.91 -58.70 -17.00
N PRO A 53 -19.92 -57.80 -17.21
CA PRO A 53 -19.26 -57.65 -18.50
C PRO A 53 -18.78 -58.96 -19.15
N THR A 54 -18.44 -59.99 -18.37
CA THR A 54 -18.03 -61.29 -18.97
C THR A 54 -19.15 -61.78 -19.90
N ASN A 55 -20.35 -62.04 -19.37
CA ASN A 55 -21.48 -62.57 -20.19
C ASN A 55 -22.28 -61.40 -20.81
N GLY A 56 -22.51 -60.33 -20.06
CA GLY A 56 -23.34 -59.21 -20.52
C GLY A 56 -24.77 -59.35 -20.03
N TYR A 57 -24.98 -60.19 -19.00
CA TYR A 57 -26.28 -60.34 -18.31
C TYR A 57 -26.60 -59.03 -17.58
N THR A 58 -27.55 -58.25 -18.11
CA THR A 58 -27.96 -56.95 -17.52
C THR A 58 -29.19 -57.14 -16.63
N ARG A 59 -29.41 -56.19 -15.73
CA ARG A 59 -30.67 -55.93 -14.99
C ARG A 59 -30.96 -54.43 -15.03
N TYR A 60 -32.24 -54.03 -15.12
CA TYR A 60 -32.76 -52.64 -15.21
C TYR A 60 -33.97 -52.39 -14.32
N ALA A 61 -34.19 -51.13 -13.96
CA ALA A 61 -35.30 -50.62 -13.11
C ALA A 61 -36.54 -50.30 -13.97
N ASP A 62 -37.72 -50.65 -13.48
CA ASP A 62 -39.04 -50.39 -14.13
C ASP A 62 -39.04 -49.04 -14.86
N SER A 63 -38.73 -47.97 -14.14
CA SER A 63 -38.72 -46.59 -14.70
C SER A 63 -37.93 -46.54 -16.02
N VAL A 64 -36.94 -47.42 -16.22
CA VAL A 64 -35.98 -47.30 -17.36
C VAL A 64 -36.02 -48.53 -18.28
N LYS A 65 -36.87 -49.51 -17.98
CA LYS A 65 -36.84 -50.80 -18.72
C LYS A 65 -37.37 -50.56 -20.14
N GLY A 66 -36.70 -51.15 -21.14
CA GLY A 66 -37.05 -51.03 -22.57
C GLY A 66 -36.51 -49.76 -23.21
N ARG A 67 -36.43 -48.66 -22.43
CA ARG A 67 -36.04 -47.29 -22.86
C ARG A 67 -34.51 -47.17 -22.87
N PHE A 68 -33.85 -47.53 -21.76
CA PHE A 68 -32.37 -47.50 -21.63
C PHE A 68 -31.84 -48.94 -21.79
N THR A 69 -30.52 -49.06 -22.01
CA THR A 69 -29.76 -50.27 -22.45
C THR A 69 -28.29 -50.15 -22.02
N ILE A 70 -27.90 -50.86 -20.97
CA ILE A 70 -26.47 -50.92 -20.55
C ILE A 70 -25.73 -52.03 -21.32
N SER A 71 -24.47 -51.78 -21.64
CA SER A 71 -23.58 -52.68 -22.42
C SER A 71 -22.15 -52.47 -21.95
N ALA A 72 -21.20 -53.31 -22.38
CA ALA A 72 -19.80 -53.22 -21.94
C ALA A 72 -18.82 -53.70 -23.04
N ASP A 73 -17.86 -52.85 -23.38
CA ASP A 73 -16.72 -53.14 -24.28
C ASP A 73 -15.54 -53.56 -23.40
N THR A 74 -15.29 -54.86 -23.31
CA THR A 74 -14.22 -55.46 -22.47
C THR A 74 -12.86 -54.91 -22.87
N SER A 75 -12.68 -54.52 -24.14
CA SER A 75 -11.36 -54.13 -24.72
C SER A 75 -10.93 -52.76 -24.17
N LYS A 76 -11.81 -51.76 -24.32
CA LYS A 76 -11.58 -50.37 -23.82
C LYS A 76 -11.84 -50.30 -22.31
N ASN A 77 -12.25 -51.40 -21.67
CA ASN A 77 -12.56 -51.47 -20.21
C ASN A 77 -13.71 -50.52 -19.88
N THR A 78 -14.78 -50.51 -20.69
CA THR A 78 -15.81 -49.43 -20.67
C THR A 78 -17.23 -50.02 -20.63
N ALA A 79 -18.15 -49.27 -20.02
CA ALA A 79 -19.60 -49.58 -19.93
C ALA A 79 -20.38 -48.41 -20.52
N TYR A 80 -21.52 -48.69 -21.13
CA TYR A 80 -22.32 -47.66 -21.84
C TYR A 80 -23.74 -47.69 -21.31
N LEU A 81 -24.39 -46.56 -21.32
CA LEU A 81 -25.86 -46.47 -21.11
C LEU A 81 -26.45 -45.75 -22.31
N GLN A 82 -26.87 -46.50 -23.33
CA GLN A 82 -27.79 -45.97 -24.36
C GLN A 82 -29.07 -45.50 -23.67
N MET A 83 -29.39 -44.21 -23.73
CA MET A 83 -30.62 -43.63 -23.11
C MET A 83 -31.50 -43.02 -24.22
N ASN A 84 -32.77 -43.43 -24.27
CA ASN A 84 -33.75 -43.08 -25.33
C ASN A 84 -35.09 -42.67 -24.70
N SER A 85 -36.00 -42.11 -25.50
CA SER A 85 -37.35 -41.66 -25.05
C SER A 85 -37.23 -40.79 -23.80
N LEU A 86 -36.16 -39.99 -23.71
CA LEU A 86 -35.76 -39.23 -22.50
C LEU A 86 -36.85 -38.23 -22.15
N ARG A 87 -36.99 -37.88 -20.86
CA ARG A 87 -37.98 -36.89 -20.38
C ARG A 87 -37.46 -36.19 -19.12
N ALA A 88 -38.19 -35.16 -18.68
CA ALA A 88 -38.01 -34.42 -17.40
C ALA A 88 -37.75 -35.37 -16.23
N GLU A 89 -38.24 -36.61 -16.28
CA GLU A 89 -38.06 -37.61 -15.19
C GLU A 89 -36.58 -38.00 -15.07
N ASP A 90 -35.89 -38.16 -16.20
CA ASP A 90 -34.52 -38.76 -16.25
C ASP A 90 -33.45 -37.67 -16.24
N THR A 91 -33.82 -36.44 -15.87
CA THR A 91 -32.92 -35.29 -15.61
C THR A 91 -32.40 -35.43 -14.17
N ALA A 92 -31.12 -35.81 -14.03
CA ALA A 92 -30.44 -36.20 -12.78
C ALA A 92 -28.95 -36.29 -13.07
N VAL A 93 -28.14 -36.52 -12.03
CA VAL A 93 -26.71 -36.90 -12.21
C VAL A 93 -26.65 -38.42 -12.39
N TYR A 94 -25.64 -38.91 -13.12
CA TYR A 94 -25.55 -40.32 -13.58
C TYR A 94 -24.18 -40.88 -13.20
N TYR A 95 -24.11 -41.52 -12.04
CA TYR A 95 -22.89 -42.17 -11.51
C TYR A 95 -22.74 -43.56 -12.12
N CYS A 96 -21.53 -44.06 -12.17
CA CYS A 96 -21.23 -45.42 -12.64
C CYS A 96 -20.29 -46.03 -11.59
N SER A 97 -20.65 -47.18 -11.06
CA SER A 97 -20.01 -47.79 -9.87
C SER A 97 -19.75 -49.25 -10.19
N ARG A 98 -19.15 -49.96 -9.25
CA ARG A 98 -18.69 -51.34 -9.48
C ARG A 98 -18.90 -52.10 -8.17
N TRP A 99 -19.48 -53.32 -8.19
CA TRP A 99 -19.44 -54.25 -7.03
C TRP A 99 -18.01 -54.75 -6.82
N GLY A 100 -17.64 -54.99 -5.55
CA GLY A 100 -16.29 -55.37 -5.09
C GLY A 100 -15.74 -56.61 -5.79
N GLY A 101 -15.74 -57.75 -5.08
CA GLY A 101 -15.27 -59.03 -5.63
C GLY A 101 -16.42 -60.01 -5.76
N ASP A 102 -16.11 -61.31 -5.73
CA ASP A 102 -17.09 -62.43 -5.74
C ASP A 102 -17.37 -62.85 -4.28
N GLY A 103 -18.26 -62.13 -3.58
CA GLY A 103 -18.66 -62.41 -2.18
C GLY A 103 -18.59 -61.18 -1.26
N PHE A 104 -18.41 -59.98 -1.83
CA PHE A 104 -18.34 -58.67 -1.13
C PHE A 104 -19.02 -57.63 -2.04
N TYR A 105 -20.36 -57.62 -2.07
CA TYR A 105 -21.18 -57.01 -3.15
C TYR A 105 -21.62 -55.59 -2.77
N ALA A 106 -20.83 -54.86 -1.96
CA ALA A 106 -21.01 -53.40 -1.73
C ALA A 106 -20.44 -52.64 -2.94
N MET A 107 -20.79 -51.36 -3.09
CA MET A 107 -20.38 -50.50 -4.24
C MET A 107 -19.22 -49.58 -3.82
N ASP A 108 -17.98 -50.09 -3.85
CA ASP A 108 -16.82 -49.45 -3.17
C ASP A 108 -16.23 -48.27 -3.98
N TYR A 109 -16.55 -48.14 -5.26
CA TYR A 109 -15.92 -47.13 -6.14
C TYR A 109 -16.93 -46.63 -7.16
N TRP A 110 -16.92 -45.30 -7.38
CA TRP A 110 -17.89 -44.50 -8.16
C TRP A 110 -17.14 -43.51 -9.07
N GLY A 111 -17.75 -43.13 -10.19
CA GLY A 111 -17.31 -41.96 -10.95
C GLY A 111 -17.59 -40.69 -10.15
N GLN A 112 -17.32 -39.54 -10.75
CA GLN A 112 -17.62 -38.21 -10.13
C GLN A 112 -19.06 -37.83 -10.49
N GLY A 113 -19.61 -38.51 -11.51
CA GLY A 113 -20.99 -38.30 -12.01
C GLY A 113 -20.99 -37.31 -13.16
N THR A 114 -21.94 -37.49 -14.08
CA THR A 114 -22.26 -36.49 -15.15
C THR A 114 -23.73 -36.06 -15.08
N LEU A 115 -23.96 -34.75 -15.09
CA LEU A 115 -25.30 -34.12 -15.17
C LEU A 115 -25.81 -34.38 -16.56
N VAL A 116 -27.01 -34.95 -16.60
CA VAL A 116 -27.82 -35.05 -17.83
C VAL A 116 -29.00 -34.15 -17.56
N THR A 117 -29.14 -33.10 -18.39
CA THR A 117 -30.31 -32.19 -18.38
C THR A 117 -31.12 -32.51 -19.63
N VAL A 118 -32.44 -32.66 -19.48
CA VAL A 118 -33.36 -33.03 -20.58
C VAL A 118 -34.34 -31.88 -20.77
N SER A 119 -33.84 -30.83 -21.43
CA SER A 119 -34.56 -29.66 -21.99
C SER A 119 -34.38 -29.69 -23.52
N SER A 120 -35.10 -28.86 -24.27
CA SER A 120 -34.74 -28.54 -25.68
C SER A 120 -34.42 -27.03 -25.80
N ALA A 121 -34.42 -26.30 -24.68
CA ALA A 121 -33.77 -24.96 -24.56
C ALA A 121 -32.36 -25.08 -25.15
N SER A 122 -31.75 -23.98 -25.57
CA SER A 122 -30.41 -23.98 -26.19
C SER A 122 -29.36 -23.95 -25.07
N THR A 123 -28.16 -24.44 -25.33
CA THR A 123 -26.94 -24.10 -24.55
C THR A 123 -26.61 -22.61 -24.73
N LYS A 124 -26.04 -22.02 -23.69
CA LYS A 124 -25.75 -20.56 -23.57
C LYS A 124 -24.49 -20.47 -22.72
N GLY A 125 -23.63 -19.52 -23.02
CA GLY A 125 -22.29 -19.45 -22.43
C GLY A 125 -22.32 -18.35 -21.39
N PRO A 126 -21.65 -18.53 -20.25
CA PRO A 126 -21.74 -17.56 -19.16
C PRO A 126 -20.81 -16.41 -19.50
N SER A 127 -21.21 -15.16 -19.20
CA SER A 127 -20.30 -14.00 -19.02
C SER A 127 -19.66 -14.10 -17.63
N VAL A 128 -18.47 -13.53 -17.45
CA VAL A 128 -17.85 -13.43 -16.09
C VAL A 128 -17.63 -11.93 -15.79
N PHE A 129 -17.83 -11.52 -14.54
CA PHE A 129 -17.63 -10.11 -14.10
C PHE A 129 -16.97 -10.14 -12.74
N PRO A 130 -15.96 -9.29 -12.51
CA PRO A 130 -15.28 -9.28 -11.23
C PRO A 130 -16.25 -8.76 -10.15
N LEU A 131 -16.03 -9.20 -8.90
CA LEU A 131 -16.58 -8.63 -7.64
C LEU A 131 -15.36 -8.08 -6.88
N ALA A 132 -15.13 -6.77 -7.00
CA ALA A 132 -13.82 -6.13 -6.73
C ALA A 132 -13.74 -5.71 -5.26
N PRO A 133 -12.59 -5.94 -4.60
CA PRO A 133 -12.49 -5.68 -3.17
C PRO A 133 -12.81 -4.21 -2.86
N SER A 134 -13.44 -3.96 -1.71
CA SER A 134 -13.78 -2.60 -1.22
C SER A 134 -12.50 -1.79 -1.08
N SER A 135 -12.57 -0.54 -1.55
CA SER A 135 -11.62 0.56 -1.24
C SER A 135 -11.40 0.66 0.29
N LYS A 136 -12.49 0.65 1.07
CA LYS A 136 -12.48 0.93 2.55
C LYS A 136 -11.51 -0.03 3.25
N SER A 137 -11.55 -1.32 2.88
CA SER A 137 -10.61 -2.41 3.26
C SER A 137 -10.37 -2.46 4.78
N THR A 138 -11.43 -2.31 5.58
CA THR A 138 -11.37 -2.06 7.06
C THR A 138 -10.17 -1.13 7.32
N SER A 139 -9.02 -1.67 7.75
CA SER A 139 -7.70 -0.96 7.79
C SER A 139 -6.55 -1.90 7.38
N GLY A 140 -6.79 -3.22 7.39
CA GLY A 140 -5.77 -4.27 7.16
C GLY A 140 -6.19 -5.65 7.68
N GLY A 141 -7.50 -5.89 7.86
CA GLY A 141 -8.04 -7.15 8.42
C GLY A 141 -8.29 -8.19 7.36
N THR A 142 -9.57 -8.36 6.97
CA THR A 142 -10.00 -9.35 5.94
C THR A 142 -10.84 -8.64 4.87
N ALA A 143 -10.44 -8.79 3.61
CA ALA A 143 -11.21 -8.35 2.41
C ALA A 143 -11.88 -9.54 1.72
N ALA A 144 -12.95 -9.29 0.97
CA ALA A 144 -13.64 -10.21 0.05
C ALA A 144 -13.52 -9.72 -1.40
N LEU A 145 -13.66 -10.64 -2.33
CA LEU A 145 -13.57 -10.36 -3.78
C LEU A 145 -14.06 -11.62 -4.46
N GLY A 146 -14.49 -11.52 -5.69
CA GLY A 146 -15.03 -12.73 -6.35
C GLY A 146 -15.21 -12.52 -7.82
N CYS A 147 -15.75 -13.54 -8.47
CA CYS A 147 -16.29 -13.47 -9.85
CA CYS A 147 -16.30 -13.38 -9.83
C CYS A 147 -17.78 -13.78 -9.81
N LEU A 148 -18.60 -12.90 -10.35
CA LEU A 148 -19.97 -13.22 -10.78
C LEU A 148 -19.80 -13.96 -12.10
N VAL A 149 -20.60 -15.04 -12.28
CA VAL A 149 -20.77 -15.93 -13.47
C VAL A 149 -22.27 -15.99 -13.76
N LYS A 150 -22.70 -15.56 -14.95
CA LYS A 150 -24.08 -15.10 -15.18
C LYS A 150 -24.56 -15.45 -16.59
N ASP A 151 -25.78 -15.99 -16.68
CA ASP A 151 -26.57 -16.23 -17.91
C ASP A 151 -25.81 -17.31 -18.66
N TYR A 152 -25.87 -18.52 -18.10
CA TYR A 152 -25.47 -19.79 -18.74
C TYR A 152 -26.57 -20.84 -18.57
N PHE A 153 -26.60 -21.75 -19.54
CA PHE A 153 -27.45 -22.95 -19.53
C PHE A 153 -26.70 -24.03 -20.29
N PRO A 154 -26.76 -25.31 -19.87
CA PRO A 154 -27.26 -25.68 -18.53
C PRO A 154 -26.20 -25.59 -17.42
N GLU A 155 -26.48 -26.18 -16.24
CA GLU A 155 -25.42 -26.60 -15.27
C GLU A 155 -24.52 -27.60 -16.00
N PRO A 156 -23.26 -27.83 -15.55
CA PRO A 156 -22.67 -27.15 -14.38
C PRO A 156 -21.58 -26.11 -14.72
N VAL A 157 -21.08 -25.38 -13.71
CA VAL A 157 -19.94 -24.42 -13.87
C VAL A 157 -18.89 -24.78 -12.82
N THR A 158 -17.62 -24.81 -13.19
CA THR A 158 -16.53 -25.08 -12.22
C THR A 158 -15.60 -23.87 -12.15
N VAL A 159 -15.44 -23.32 -10.95
CA VAL A 159 -14.57 -22.15 -10.71
C VAL A 159 -13.43 -22.60 -9.82
N SER A 160 -12.24 -22.20 -10.19
CA SER A 160 -11.02 -22.36 -9.38
C SER A 160 -10.45 -20.95 -9.17
N TRP A 161 -9.29 -20.81 -8.51
CA TRP A 161 -8.74 -19.47 -8.16
C TRP A 161 -7.22 -19.51 -8.29
N ASN A 162 -6.63 -18.49 -8.92
CA ASN A 162 -5.17 -18.45 -9.13
C ASN A 162 -4.77 -19.84 -9.63
N SER A 163 -5.64 -20.49 -10.41
CA SER A 163 -5.43 -21.86 -10.93
C SER A 163 -4.98 -22.74 -9.78
N GLY A 164 -5.91 -23.14 -8.92
CA GLY A 164 -5.75 -24.23 -7.95
C GLY A 164 -4.94 -23.85 -6.74
N ALA A 165 -4.19 -22.73 -6.82
CA ALA A 165 -3.22 -22.22 -5.83
C ALA A 165 -3.92 -21.52 -4.64
N LEU A 166 -5.20 -21.20 -4.74
CA LEU A 166 -5.96 -20.49 -3.66
C LEU A 166 -7.31 -21.17 -3.43
N THR A 167 -7.44 -21.83 -2.27
CA THR A 167 -8.52 -22.79 -1.89
C THR A 167 -9.19 -22.36 -0.56
N SER A 168 -8.43 -21.82 0.40
CA SER A 168 -8.95 -21.44 1.74
C SER A 168 -9.72 -20.11 1.65
N GLY A 169 -10.94 -20.07 2.17
CA GLY A 169 -11.81 -18.88 2.09
C GLY A 169 -12.66 -18.85 0.83
N VAL A 170 -12.68 -19.91 0.02
CA VAL A 170 -13.35 -19.88 -1.31
C VAL A 170 -14.75 -20.41 -1.09
N HIS A 171 -15.76 -19.66 -1.53
CA HIS A 171 -17.20 -19.98 -1.42
C HIS A 171 -17.91 -19.83 -2.76
N THR A 172 -17.84 -20.89 -3.56
CA THR A 172 -18.55 -21.00 -4.85
C THR A 172 -20.01 -21.33 -4.57
N PHE A 173 -20.90 -20.32 -4.57
CA PHE A 173 -22.33 -20.48 -4.23
C PHE A 173 -22.97 -21.46 -5.18
N PRO A 174 -23.95 -22.27 -4.72
CA PRO A 174 -24.87 -22.98 -5.60
C PRO A 174 -25.59 -21.96 -6.50
N ALA A 175 -25.77 -22.31 -7.78
CA ALA A 175 -26.31 -21.42 -8.84
C ALA A 175 -27.80 -21.19 -8.58
N VAL A 176 -28.37 -20.08 -9.05
CA VAL A 176 -29.82 -19.74 -8.94
C VAL A 176 -30.35 -19.47 -10.34
N LEU A 177 -31.55 -19.98 -10.59
CA LEU A 177 -32.18 -19.96 -11.92
C LEU A 177 -33.02 -18.68 -12.07
N GLN A 178 -32.59 -17.80 -12.98
CA GLN A 178 -33.19 -16.46 -13.17
C GLN A 178 -34.44 -16.67 -14.00
N SER A 179 -35.47 -15.80 -13.86
CA SER A 179 -36.81 -16.04 -14.45
C SER A 179 -36.63 -16.24 -15.95
N SER A 180 -35.69 -15.51 -16.56
CA SER A 180 -35.20 -15.68 -17.96
C SER A 180 -35.03 -17.16 -18.35
N GLY A 181 -34.99 -18.09 -17.40
CA GLY A 181 -34.71 -19.50 -17.65
C GLY A 181 -33.21 -19.76 -17.70
N LEU A 182 -32.39 -18.76 -17.33
CA LEU A 182 -30.91 -18.87 -17.32
C LEU A 182 -30.34 -18.87 -15.90
N TYR A 183 -29.11 -19.39 -15.78
CA TYR A 183 -28.39 -19.62 -14.51
C TYR A 183 -27.38 -18.50 -14.26
N SER A 184 -27.02 -18.32 -13.00
CA SER A 184 -26.02 -17.36 -12.48
C SER A 184 -25.61 -17.79 -11.08
N LEU A 185 -24.31 -17.80 -10.81
CA LEU A 185 -23.80 -17.96 -9.44
C LEU A 185 -22.77 -16.89 -9.15
N SER A 186 -22.18 -16.98 -7.98
CA SER A 186 -20.89 -16.30 -7.77
C SER A 186 -19.95 -17.23 -7.03
N SER A 187 -18.70 -16.83 -6.97
CA SER A 187 -17.62 -17.44 -6.19
C SER A 187 -16.96 -16.23 -5.53
N VAL A 188 -16.65 -16.37 -4.25
CA VAL A 188 -16.00 -15.29 -3.49
C VAL A 188 -14.86 -15.93 -2.72
N VAL A 189 -13.77 -15.18 -2.54
CA VAL A 189 -12.70 -15.58 -1.59
C VAL A 189 -12.50 -14.38 -0.68
N THR A 190 -12.32 -14.60 0.64
CA THR A 190 -11.92 -13.60 1.66
C THR A 190 -10.41 -13.74 1.82
N VAL A 191 -9.70 -12.61 1.96
CA VAL A 191 -8.22 -12.59 2.01
C VAL A 191 -7.77 -11.38 2.81
N PRO A 192 -6.65 -11.53 3.54
CA PRO A 192 -5.98 -10.41 4.21
C PRO A 192 -6.02 -9.08 3.44
N SER A 193 -6.77 -8.06 3.90
CA SER A 193 -6.84 -6.76 3.20
C SER A 193 -5.43 -6.20 3.05
N SER A 194 -4.44 -6.78 3.76
CA SER A 194 -3.02 -6.35 3.72
C SER A 194 -2.36 -6.63 2.35
N SER A 195 -3.08 -7.11 1.32
CA SER A 195 -2.44 -7.80 0.16
C SER A 195 -3.18 -7.60 -1.18
N LEU A 196 -3.94 -6.51 -1.35
CA LEU A 196 -4.86 -6.35 -2.51
C LEU A 196 -4.08 -6.03 -3.81
N GLY A 197 -3.24 -5.00 -3.80
CA GLY A 197 -2.28 -4.74 -4.88
C GLY A 197 -1.30 -5.90 -5.05
N THR A 198 -0.34 -6.03 -4.12
CA THR A 198 0.77 -7.03 -4.16
C THR A 198 0.28 -8.25 -4.95
N GLN A 199 -0.42 -9.20 -4.28
CA GLN A 199 -0.90 -10.53 -4.81
C GLN A 199 -1.81 -10.34 -6.01
N THR A 200 -1.86 -11.32 -6.90
CA THR A 200 -2.84 -11.38 -8.00
C THR A 200 -3.87 -12.45 -7.66
N TYR A 201 -5.15 -12.12 -7.85
CA TYR A 201 -6.30 -13.04 -7.74
C TYR A 201 -7.00 -13.09 -9.09
N ILE A 202 -7.09 -14.30 -9.61
CA ILE A 202 -7.66 -14.62 -10.95
C ILE A 202 -8.60 -15.78 -10.71
N CYS A 203 -9.86 -15.65 -11.12
CA CYS A 203 -10.82 -16.79 -11.11
CA CYS A 203 -10.89 -16.74 -11.11
C CYS A 203 -10.84 -17.43 -12.49
N ASN A 204 -10.83 -18.76 -12.49
CA ASN A 204 -10.87 -19.63 -13.70
C ASN A 204 -12.28 -20.18 -13.85
N VAL A 205 -13.00 -19.78 -14.89
CA VAL A 205 -14.39 -20.27 -15.08
C VAL A 205 -14.42 -21.23 -16.26
N ASN A 206 -14.86 -22.47 -15.98
CA ASN A 206 -15.11 -23.55 -16.95
C ASN A 206 -16.61 -23.85 -17.00
N HIS A 207 -17.18 -23.79 -18.21
CA HIS A 207 -18.53 -24.27 -18.61
C HIS A 207 -18.32 -25.11 -19.87
N LYS A 208 -18.23 -26.43 -19.70
CA LYS A 208 -17.89 -27.36 -20.81
C LYS A 208 -19.02 -27.31 -21.84
N PRO A 209 -20.31 -27.47 -21.46
CA PRO A 209 -21.42 -27.20 -22.38
C PRO A 209 -21.22 -26.09 -23.43
N SER A 210 -20.49 -25.02 -23.14
CA SER A 210 -20.14 -23.99 -24.15
C SER A 210 -18.62 -23.86 -24.33
N ASN A 211 -17.85 -24.93 -24.05
CA ASN A 211 -16.38 -24.97 -24.21
C ASN A 211 -15.77 -23.60 -23.83
N THR A 212 -15.94 -23.18 -22.58
CA THR A 212 -15.65 -21.80 -22.14
C THR A 212 -14.54 -21.89 -21.11
N LYS A 213 -13.55 -21.04 -21.25
CA LYS A 213 -12.44 -20.95 -20.30
C LYS A 213 -12.18 -19.46 -20.16
N VAL A 214 -12.63 -18.89 -19.07
CA VAL A 214 -12.33 -17.48 -18.77
C VAL A 214 -11.41 -17.50 -17.55
N ASP A 215 -10.44 -16.59 -17.53
CA ASP A 215 -9.38 -16.49 -16.50
C ASP A 215 -9.33 -15.04 -16.03
N LYS A 216 -10.40 -14.58 -15.37
CA LYS A 216 -10.64 -13.15 -15.11
C LYS A 216 -9.78 -12.70 -13.93
N LYS A 217 -9.07 -11.59 -14.05
CA LYS A 217 -8.13 -11.07 -13.03
C LYS A 217 -8.85 -9.98 -12.26
N VAL A 218 -9.32 -10.32 -11.07
CA VAL A 218 -10.21 -9.46 -10.27
C VAL A 218 -9.32 -8.42 -9.61
N GLU A 219 -9.32 -7.19 -10.14
CA GLU A 219 -8.51 -6.04 -9.65
C GLU A 219 -9.33 -5.22 -8.68
N PRO A 220 -8.67 -4.60 -7.67
CA PRO A 220 -9.33 -3.64 -6.81
C PRO A 220 -9.86 -2.43 -7.58
N LYS A 221 -10.96 -1.87 -7.04
CA LYS A 221 -11.63 -0.61 -7.39
C LYS A 221 -12.82 -0.46 -6.43
N ASP B 1 -39.70 -55.76 -4.73
CA ASP B 1 -38.59 -54.76 -4.58
C ASP B 1 -38.52 -54.29 -3.13
N ILE B 2 -37.47 -54.67 -2.43
CA ILE B 2 -37.37 -54.40 -0.96
C ILE B 2 -37.31 -52.88 -0.76
N GLN B 3 -38.09 -52.37 0.19
CA GLN B 3 -38.08 -50.94 0.58
C GLN B 3 -37.10 -50.77 1.75
N MET B 4 -36.47 -49.59 1.83
CA MET B 4 -35.53 -49.24 2.92
C MET B 4 -35.96 -47.90 3.54
N THR B 5 -36.40 -47.98 4.80
CA THR B 5 -37.04 -46.87 5.54
C THR B 5 -36.02 -46.31 6.53
N GLN B 6 -35.70 -45.03 6.37
CA GLN B 6 -34.50 -44.40 6.96
C GLN B 6 -35.00 -43.45 8.05
N SER B 7 -34.31 -43.39 9.19
CA SER B 7 -34.62 -42.46 10.30
C SER B 7 -33.34 -41.83 10.83
N PRO B 8 -33.29 -40.52 11.16
CA PRO B 8 -34.28 -39.51 10.75
C PRO B 8 -34.03 -39.05 9.30
N SER B 9 -34.68 -37.99 8.83
CA SER B 9 -34.40 -37.41 7.48
C SER B 9 -33.42 -36.26 7.68
N SER B 10 -33.25 -35.89 8.94
CA SER B 10 -32.38 -34.77 9.34
C SER B 10 -32.12 -34.85 10.83
N LEU B 11 -31.03 -34.21 11.16
CA LEU B 11 -30.29 -34.42 12.41
C LEU B 11 -29.38 -33.23 12.48
N SER B 12 -29.39 -32.50 13.58
CA SER B 12 -28.25 -31.67 14.00
C SER B 12 -27.67 -32.29 15.27
N ALA B 13 -26.38 -32.58 15.27
CA ALA B 13 -25.62 -32.98 16.47
C ALA B 13 -24.38 -32.09 16.51
N SER B 14 -23.74 -32.03 17.68
CA SER B 14 -22.56 -31.19 18.02
C SER B 14 -21.30 -32.06 17.94
N VAL B 15 -20.12 -31.42 17.98
CA VAL B 15 -18.79 -32.09 17.88
C VAL B 15 -18.58 -32.87 19.18
N GLY B 16 -18.30 -34.17 19.07
CA GLY B 16 -18.03 -35.08 20.20
C GLY B 16 -19.30 -35.70 20.73
N ASP B 17 -20.39 -35.59 19.96
CA ASP B 17 -21.65 -36.36 20.14
C ASP B 17 -21.53 -37.70 19.41
N ARG B 18 -21.95 -38.77 20.09
CA ARG B 18 -22.48 -40.01 19.46
C ARG B 18 -23.78 -39.66 18.73
N VAL B 19 -23.84 -39.85 17.40
CA VAL B 19 -25.11 -39.82 16.63
C VAL B 19 -25.24 -41.18 15.97
N THR B 20 -26.48 -41.59 15.76
CA THR B 20 -26.89 -42.93 15.29
C THR B 20 -28.05 -42.74 14.33
N ILE B 21 -28.00 -43.44 13.21
CA ILE B 21 -29.00 -43.37 12.12
C ILE B 21 -29.47 -44.79 11.89
N THR B 22 -30.78 -44.98 11.81
CA THR B 22 -31.39 -46.33 11.68
C THR B 22 -31.94 -46.53 10.27
N CYS B 23 -31.85 -47.76 9.77
CA CYS B 23 -32.49 -48.19 8.51
C CYS B 23 -33.22 -49.53 8.69
N ARG B 24 -34.50 -49.52 8.34
CA ARG B 24 -35.46 -50.64 8.47
C ARG B 24 -35.78 -51.16 7.06
N ALA B 25 -35.38 -52.39 6.74
CA ALA B 25 -35.79 -53.13 5.52
C ALA B 25 -37.20 -53.71 5.71
N SER B 26 -38.04 -53.63 4.67
CA SER B 26 -39.40 -54.24 4.58
C SER B 26 -39.30 -55.75 4.84
N GLN B 27 -38.72 -56.49 3.89
CA GLN B 27 -38.52 -57.96 3.93
C GLN B 27 -37.13 -58.23 4.55
N ASP B 28 -36.77 -59.47 4.81
CA ASP B 28 -35.47 -59.80 5.45
C ASP B 28 -34.36 -59.58 4.40
N VAL B 29 -33.14 -59.22 4.84
CA VAL B 29 -31.97 -58.91 3.96
C VAL B 29 -30.66 -59.39 4.57
N ASN B 30 -30.68 -60.35 5.50
CA ASN B 30 -29.43 -60.95 6.04
C ASN B 30 -28.51 -59.82 6.51
N THR B 31 -27.24 -59.85 6.10
CA THR B 31 -26.18 -58.87 6.42
C THR B 31 -25.98 -57.96 5.21
N ALA B 32 -26.87 -58.07 4.20
CA ALA B 32 -26.69 -57.56 2.81
C ALA B 32 -26.88 -56.04 2.74
N VAL B 33 -26.21 -55.28 3.60
CA VAL B 33 -26.44 -53.80 3.71
C VAL B 33 -25.10 -53.07 3.79
N ALA B 34 -25.01 -51.94 3.05
CA ALA B 34 -23.87 -51.01 2.95
C ALA B 34 -24.37 -49.60 3.32
N TRP B 35 -23.47 -48.81 3.94
CA TRP B 35 -23.66 -47.41 4.40
C TRP B 35 -22.69 -46.45 3.68
N TYR B 36 -23.23 -45.52 2.91
CA TYR B 36 -22.44 -44.57 2.09
C TYR B 36 -22.74 -43.16 2.54
N GLN B 37 -21.69 -42.34 2.60
CA GLN B 37 -21.67 -40.88 2.87
C GLN B 37 -21.47 -40.16 1.55
N GLN B 38 -22.34 -39.19 1.23
CA GLN B 38 -22.17 -38.32 0.03
C GLN B 38 -22.02 -36.87 0.48
N LYS B 39 -20.93 -36.20 0.10
CA LYS B 39 -20.71 -34.76 0.46
C LYS B 39 -21.27 -33.89 -0.68
N PRO B 40 -21.48 -32.56 -0.49
CA PRO B 40 -22.04 -31.67 -1.52
C PRO B 40 -21.31 -31.81 -2.87
N GLY B 41 -22.07 -31.92 -3.94
CA GLY B 41 -21.50 -32.13 -5.28
C GLY B 41 -20.76 -33.45 -5.43
N LYS B 42 -20.04 -33.93 -4.40
CA LYS B 42 -19.15 -35.14 -4.52
C LYS B 42 -20.03 -36.40 -4.62
N ALA B 43 -19.48 -37.53 -5.10
CA ALA B 43 -20.16 -38.85 -5.21
C ALA B 43 -20.07 -39.60 -3.89
N PRO B 44 -21.00 -40.56 -3.65
CA PRO B 44 -20.99 -41.34 -2.41
C PRO B 44 -19.71 -42.14 -2.20
N LYS B 45 -19.28 -42.23 -0.96
CA LYS B 45 -18.15 -43.08 -0.53
C LYS B 45 -18.74 -44.21 0.33
N LEU B 46 -18.33 -45.46 0.09
CA LEU B 46 -18.56 -46.59 1.02
C LEU B 46 -18.01 -46.24 2.40
N LEU B 47 -18.80 -46.46 3.45
CA LEU B 47 -18.39 -46.37 4.89
C LEU B 47 -18.41 -47.75 5.52
N ILE B 48 -19.49 -48.49 5.33
CA ILE B 48 -19.71 -49.82 5.98
C ILE B 48 -20.18 -50.80 4.90
N TYR B 49 -19.76 -52.07 4.95
CA TYR B 49 -20.19 -53.13 4.01
C TYR B 49 -20.51 -54.38 4.81
N SER B 50 -21.59 -55.07 4.46
CA SER B 50 -22.13 -56.25 5.19
C SER B 50 -22.54 -55.85 6.61
N ALA B 51 -23.07 -54.63 6.79
CA ALA B 51 -23.77 -54.13 8.00
C ALA B 51 -22.83 -53.79 9.16
N SER B 52 -21.68 -54.43 9.31
CA SER B 52 -20.86 -54.27 10.54
C SER B 52 -19.38 -54.05 10.24
N PHE B 53 -18.97 -54.05 8.97
CA PHE B 53 -17.54 -54.05 8.59
C PHE B 53 -17.21 -52.66 8.09
N LEU B 54 -16.00 -52.18 8.42
CA LEU B 54 -15.57 -50.78 8.29
C LEU B 54 -14.61 -50.66 7.12
N TYR B 55 -15.12 -50.27 5.94
CA TYR B 55 -14.32 -50.22 4.69
C TYR B 55 -12.90 -49.71 5.00
N SER B 56 -11.93 -49.97 4.12
CA SER B 56 -10.53 -49.50 4.30
C SER B 56 -10.49 -47.99 4.06
N GLY B 57 -9.90 -47.24 5.00
CA GLY B 57 -9.74 -45.77 4.86
C GLY B 57 -10.92 -45.04 5.47
N VAL B 58 -11.78 -45.76 6.20
CA VAL B 58 -12.91 -45.13 6.92
C VAL B 58 -12.50 -45.02 8.39
N PRO B 59 -12.51 -43.79 8.96
CA PRO B 59 -11.93 -43.57 10.28
C PRO B 59 -12.72 -44.39 11.30
N SER B 60 -12.02 -44.93 12.31
CA SER B 60 -12.58 -45.88 13.32
C SER B 60 -13.92 -45.36 13.92
N ARG B 61 -14.12 -44.06 14.05
CA ARG B 61 -15.29 -43.46 14.75
C ARG B 61 -16.61 -43.90 14.08
N PHE B 62 -16.56 -44.42 12.86
CA PHE B 62 -17.75 -44.98 12.17
C PHE B 62 -17.91 -46.43 12.62
N SER B 63 -19.15 -46.91 12.66
CA SER B 63 -19.48 -48.30 13.02
C SER B 63 -20.91 -48.61 12.61
N GLY B 64 -21.21 -49.89 12.35
CA GLY B 64 -22.53 -50.35 11.86
C GLY B 64 -23.03 -51.56 12.63
N SER B 65 -24.34 -51.83 12.59
CA SER B 65 -24.99 -52.85 13.45
C SER B 65 -26.30 -53.34 12.84
N ARG B 66 -26.61 -54.61 13.09
CA ARG B 66 -27.81 -55.31 12.59
C ARG B 66 -28.50 -55.95 13.80
N SER B 67 -29.74 -55.53 14.07
CA SER B 67 -30.68 -56.22 15.00
C SER B 67 -31.94 -56.60 14.22
N GLY B 68 -32.00 -57.86 13.77
CA GLY B 68 -33.07 -58.31 12.85
C GLY B 68 -33.00 -57.58 11.52
N THR B 69 -34.11 -56.95 11.10
CA THR B 69 -34.25 -56.15 9.85
C THR B 69 -33.84 -54.69 10.11
N ASP B 70 -33.37 -54.33 11.31
CA ASP B 70 -33.05 -52.92 11.70
C ASP B 70 -31.52 -52.75 11.72
N PHE B 71 -31.06 -51.71 11.03
CA PHE B 71 -29.63 -51.44 10.70
C PHE B 71 -29.27 -50.04 11.18
N THR B 72 -28.13 -49.92 11.85
CA THR B 72 -27.73 -48.74 12.66
C THR B 72 -26.26 -48.37 12.33
N LEU B 73 -26.07 -47.22 11.70
CA LEU B 73 -24.77 -46.55 11.50
C LEU B 73 -24.58 -45.58 12.64
N THR B 74 -23.38 -45.56 13.23
CA THR B 74 -23.08 -44.80 14.46
C THR B 74 -21.79 -44.00 14.31
N ILE B 75 -21.85 -42.70 14.64
CA ILE B 75 -20.65 -41.83 14.66
C ILE B 75 -20.35 -41.55 16.12
N SER B 76 -19.35 -42.24 16.67
CA SER B 76 -19.07 -42.27 18.12
C SER B 76 -18.74 -40.86 18.60
N SER B 77 -18.03 -40.05 17.78
CA SER B 77 -17.59 -38.67 18.13
C SER B 77 -17.71 -37.75 16.90
N LEU B 78 -18.81 -36.99 16.76
CA LEU B 78 -19.12 -36.33 15.45
C LEU B 78 -18.07 -35.22 15.17
N GLN B 79 -17.52 -35.21 13.95
CA GLN B 79 -16.46 -34.26 13.54
C GLN B 79 -16.99 -33.38 12.40
N PRO B 80 -16.47 -32.14 12.24
CA PRO B 80 -17.08 -31.18 11.32
C PRO B 80 -17.15 -31.76 9.92
N GLU B 81 -16.08 -32.50 9.55
CA GLU B 81 -15.87 -33.20 8.26
C GLU B 81 -16.92 -34.29 8.04
N ASP B 82 -17.78 -34.54 9.03
CA ASP B 82 -18.83 -35.58 8.98
C ASP B 82 -20.07 -35.02 8.29
N PHE B 83 -20.11 -33.70 8.05
CA PHE B 83 -21.27 -33.08 7.39
C PHE B 83 -21.46 -33.83 6.08
N ALA B 84 -22.66 -34.27 5.81
CA ALA B 84 -22.97 -35.12 4.64
C ALA B 84 -24.38 -35.62 4.79
N THR B 85 -24.91 -36.12 3.70
CA THR B 85 -26.04 -37.05 3.70
C THR B 85 -25.41 -38.45 3.67
N TYR B 86 -26.02 -39.34 4.41
CA TYR B 86 -25.63 -40.75 4.56
C TYR B 86 -26.86 -41.55 4.12
N TYR B 87 -26.63 -42.56 3.28
CA TYR B 87 -27.67 -43.45 2.71
C TYR B 87 -27.36 -44.92 3.05
N CYS B 88 -28.41 -45.62 3.48
CA CYS B 88 -28.46 -47.10 3.66
C CYS B 88 -28.94 -47.75 2.36
N GLN B 89 -28.19 -48.75 1.88
CA GLN B 89 -28.68 -49.60 0.79
C GLN B 89 -28.60 -51.08 1.16
N GLN B 90 -29.63 -51.83 0.77
CA GLN B 90 -29.70 -53.32 0.72
C GLN B 90 -29.41 -53.79 -0.70
N HIS B 91 -28.68 -54.90 -0.82
CA HIS B 91 -28.30 -55.52 -2.11
C HIS B 91 -28.63 -57.02 -2.11
N TYR B 92 -29.59 -57.46 -1.30
CA TYR B 92 -29.94 -58.89 -1.14
C TYR B 92 -30.62 -59.35 -2.42
N THR B 93 -31.61 -58.57 -2.85
CA THR B 93 -32.35 -58.72 -4.13
C THR B 93 -31.91 -57.59 -5.07
N THR B 94 -32.05 -57.80 -6.37
CA THR B 94 -32.22 -56.72 -7.37
C THR B 94 -33.64 -56.18 -7.22
N PRO B 95 -33.98 -54.92 -7.58
CA PRO B 95 -33.04 -53.80 -7.60
C PRO B 95 -32.48 -53.54 -6.21
N PRO B 96 -31.18 -53.23 -6.13
CA PRO B 96 -30.61 -52.77 -4.87
C PRO B 96 -31.25 -51.39 -4.70
N THR B 97 -31.75 -51.07 -3.52
CA THR B 97 -32.55 -49.85 -3.21
C THR B 97 -31.87 -49.08 -2.09
N PHE B 98 -32.26 -47.81 -1.89
CA PHE B 98 -31.64 -46.85 -0.93
C PHE B 98 -32.73 -46.25 -0.03
N GLY B 99 -32.39 -45.94 1.22
CA GLY B 99 -33.13 -44.96 2.03
C GLY B 99 -33.16 -43.60 1.33
N GLN B 100 -34.19 -42.80 1.55
CA GLN B 100 -34.25 -41.35 1.18
C GLN B 100 -33.03 -40.59 1.72
N GLY B 101 -32.32 -41.11 2.74
CA GLY B 101 -31.03 -40.57 3.22
C GLY B 101 -31.16 -39.54 4.32
N THR B 102 -30.10 -39.33 5.09
CA THR B 102 -30.15 -38.60 6.37
C THR B 102 -29.17 -37.43 6.36
N LYS B 103 -29.68 -36.20 6.51
CA LYS B 103 -28.85 -34.96 6.41
C LYS B 103 -28.32 -34.62 7.82
N VAL B 104 -27.01 -34.80 8.03
CA VAL B 104 -26.29 -34.53 9.31
C VAL B 104 -25.68 -33.11 9.26
N GLU B 105 -26.34 -32.12 9.88
CA GLU B 105 -25.83 -30.74 10.07
C GLU B 105 -25.09 -30.65 11.42
N ILE B 106 -23.85 -30.16 11.42
CA ILE B 106 -23.01 -30.01 12.65
C ILE B 106 -23.59 -28.80 13.37
N LYS B 107 -23.50 -28.78 14.70
CA LYS B 107 -24.13 -27.71 15.49
C LYS B 107 -23.06 -27.14 16.39
N ARG B 108 -22.75 -25.87 16.15
CA ARG B 108 -21.61 -25.15 16.73
C ARG B 108 -22.18 -23.88 17.39
N THR B 109 -21.29 -23.03 17.90
CA THR B 109 -21.62 -21.76 18.60
C THR B 109 -22.17 -20.73 17.59
N VAL B 110 -23.19 -19.98 18.00
CA VAL B 110 -23.79 -18.89 17.18
C VAL B 110 -22.64 -18.01 16.66
N ALA B 111 -22.57 -17.77 15.33
CA ALA B 111 -21.53 -16.95 14.63
C ALA B 111 -22.19 -15.84 13.81
N ALA B 112 -21.60 -14.65 13.87
CA ALA B 112 -22.09 -13.43 13.23
C ALA B 112 -21.61 -13.40 11.79
N PRO B 113 -22.47 -13.05 10.82
CA PRO B 113 -22.02 -12.92 9.46
C PRO B 113 -21.10 -11.69 9.41
N SER B 114 -20.07 -11.79 8.57
CA SER B 114 -19.37 -10.66 7.91
C SER B 114 -20.14 -10.36 6.61
N VAL B 115 -20.40 -9.09 6.38
CA VAL B 115 -21.22 -8.59 5.23
C VAL B 115 -20.28 -7.78 4.35
N PHE B 116 -20.44 -7.90 3.05
CA PHE B 116 -19.68 -7.11 2.05
C PHE B 116 -20.64 -6.79 0.94
N ILE B 117 -20.55 -5.61 0.36
CA ILE B 117 -21.46 -5.31 -0.78
C ILE B 117 -20.57 -4.88 -1.93
N PHE B 118 -20.90 -5.38 -3.13
CA PHE B 118 -20.14 -5.24 -4.37
C PHE B 118 -20.97 -4.55 -5.42
N PRO B 119 -20.65 -3.28 -5.78
CA PRO B 119 -21.27 -2.61 -6.92
C PRO B 119 -21.11 -3.43 -8.18
N PRO B 120 -22.04 -3.28 -9.15
CA PRO B 120 -21.83 -3.80 -10.50
C PRO B 120 -20.45 -3.40 -11.05
N SER B 121 -19.90 -4.21 -11.96
CA SER B 121 -18.64 -3.95 -12.71
C SER B 121 -18.85 -2.80 -13.71
N ASP B 122 -17.80 -2.14 -14.15
CA ASP B 122 -17.92 -1.25 -15.34
C ASP B 122 -18.47 -2.08 -16.52
N GLU B 123 -17.96 -3.29 -16.71
CA GLU B 123 -18.12 -4.00 -18.01
C GLU B 123 -19.53 -4.58 -18.15
N GLN B 124 -20.22 -4.87 -17.03
CA GLN B 124 -21.63 -5.31 -17.10
C GLN B 124 -22.52 -4.12 -17.42
N LEU B 125 -22.14 -2.98 -16.83
CA LEU B 125 -22.91 -1.72 -16.91
C LEU B 125 -22.97 -1.33 -18.37
N LYS B 126 -21.91 -1.62 -19.13
CA LYS B 126 -21.87 -1.37 -20.59
C LYS B 126 -22.84 -2.30 -21.34
N SER B 127 -23.32 -3.39 -20.73
CA SER B 127 -24.33 -4.33 -21.31
C SER B 127 -25.74 -4.09 -20.73
N GLY B 128 -26.07 -2.91 -20.20
CA GLY B 128 -27.46 -2.52 -19.89
C GLY B 128 -28.17 -3.45 -18.93
N THR B 129 -27.45 -3.97 -17.92
CA THR B 129 -28.00 -4.70 -16.74
C THR B 129 -27.04 -4.52 -15.57
N ALA B 130 -27.57 -4.31 -14.36
CA ALA B 130 -26.79 -3.99 -13.14
C ALA B 130 -27.07 -5.04 -12.05
N SER B 131 -26.01 -5.75 -11.65
CA SER B 131 -25.94 -6.81 -10.64
C SER B 131 -25.32 -6.28 -9.34
N VAL B 132 -26.13 -6.02 -8.32
CA VAL B 132 -25.61 -5.67 -6.97
C VAL B 132 -25.68 -6.89 -6.06
N VAL B 133 -24.52 -7.30 -5.53
CA VAL B 133 -24.26 -8.52 -4.74
C VAL B 133 -23.90 -8.14 -3.31
N CYS B 134 -24.77 -8.51 -2.37
CA CYS B 134 -24.57 -8.56 -0.86
C CYS B 134 -23.99 -9.95 -0.47
N LEU B 135 -22.81 -10.06 0.17
CA LEU B 135 -22.28 -11.37 0.67
C LEU B 135 -22.34 -11.47 2.21
N LEU B 136 -22.81 -12.59 2.75
CA LEU B 136 -22.78 -12.90 4.22
C LEU B 136 -21.79 -14.04 4.45
N ASN B 137 -20.74 -13.83 5.24
CA ASN B 137 -19.67 -14.82 5.36
C ASN B 137 -19.61 -15.43 6.77
N ASN B 138 -19.81 -16.75 6.86
CA ASN B 138 -19.33 -17.68 7.92
C ASN B 138 -20.12 -17.38 9.18
N PHE B 139 -21.41 -17.68 9.09
CA PHE B 139 -22.38 -17.45 10.19
C PHE B 139 -23.00 -18.80 10.57
N TYR B 140 -23.66 -18.82 11.73
CA TYR B 140 -24.41 -19.98 12.27
C TYR B 140 -25.49 -19.46 13.21
N PRO B 141 -26.79 -19.84 13.06
CA PRO B 141 -27.26 -20.86 12.13
C PRO B 141 -27.48 -20.40 10.69
N ARG B 142 -27.78 -21.40 9.84
CA ARG B 142 -28.13 -21.24 8.41
C ARG B 142 -29.31 -20.26 8.19
N GLU B 143 -29.96 -19.70 9.22
CA GLU B 143 -31.23 -18.93 9.06
C GLU B 143 -30.97 -17.42 9.17
N ALA B 144 -31.26 -16.68 8.10
CA ALA B 144 -30.95 -15.23 8.00
C ALA B 144 -32.05 -14.48 7.23
N LYS B 145 -31.88 -13.16 7.16
CA LYS B 145 -32.75 -12.31 6.34
C LYS B 145 -31.87 -11.17 5.80
N VAL B 146 -31.96 -10.97 4.50
CA VAL B 146 -31.33 -9.84 3.78
C VAL B 146 -32.44 -9.05 3.11
N GLN B 147 -32.53 -7.76 3.39
CA GLN B 147 -33.41 -6.83 2.65
C GLN B 147 -32.55 -5.85 1.86
N TRP B 148 -33.09 -5.36 0.74
CA TRP B 148 -32.40 -4.41 -0.17
C TRP B 148 -33.11 -3.04 -0.09
N LYS B 149 -32.33 -1.97 0.13
CA LYS B 149 -32.85 -0.59 0.25
C LYS B 149 -32.16 0.30 -0.80
N VAL B 150 -32.91 0.71 -1.81
CA VAL B 150 -32.46 1.70 -2.84
C VAL B 150 -32.98 3.09 -2.49
N ASP B 151 -32.10 4.04 -2.26
CA ASP B 151 -32.48 5.38 -1.75
C ASP B 151 -33.51 5.15 -0.63
N ASN B 152 -33.11 4.32 0.34
CA ASN B 152 -33.87 3.96 1.57
C ASN B 152 -35.23 3.35 1.22
N ALA B 153 -35.59 3.22 -0.06
CA ALA B 153 -36.83 2.54 -0.51
C ALA B 153 -36.60 1.02 -0.62
N LEU B 154 -37.28 0.23 0.21
CA LEU B 154 -37.21 -1.26 0.24
C LEU B 154 -37.65 -1.83 -1.11
N GLN B 155 -37.08 -2.97 -1.46
CA GLN B 155 -37.23 -3.60 -2.79
C GLN B 155 -37.93 -4.94 -2.56
N SER B 156 -38.34 -5.60 -3.64
CA SER B 156 -39.00 -6.93 -3.63
CA SER B 156 -39.03 -6.91 -3.63
C SER B 156 -39.17 -7.44 -5.07
N GLY B 157 -39.14 -8.76 -5.24
CA GLY B 157 -39.25 -9.41 -6.56
C GLY B 157 -38.05 -9.20 -7.46
N ASN B 158 -36.97 -8.56 -7.00
CA ASN B 158 -35.82 -8.18 -7.88
C ASN B 158 -34.50 -8.54 -7.20
N SER B 159 -34.49 -9.63 -6.42
CA SER B 159 -33.29 -10.15 -5.74
C SER B 159 -33.43 -11.66 -5.57
N GLN B 160 -32.31 -12.37 -5.47
CA GLN B 160 -32.24 -13.85 -5.48
C GLN B 160 -31.14 -14.32 -4.54
N GLU B 161 -31.47 -15.21 -3.62
CA GLU B 161 -30.56 -15.70 -2.57
C GLU B 161 -29.90 -17.01 -3.00
N SER B 162 -28.76 -17.36 -2.46
CA SER B 162 -28.19 -18.72 -2.53
C SER B 162 -27.25 -18.96 -1.35
N VAL B 163 -27.36 -20.11 -0.69
CA VAL B 163 -26.63 -20.40 0.58
C VAL B 163 -25.71 -21.59 0.34
N THR B 164 -24.48 -21.54 0.84
CA THR B 164 -23.51 -22.66 0.74
C THR B 164 -24.00 -23.79 1.64
N GLU B 165 -23.79 -25.04 1.28
CA GLU B 165 -23.96 -26.11 2.28
C GLU B 165 -22.91 -25.77 3.32
N GLN B 166 -23.08 -26.29 4.53
CA GLN B 166 -22.34 -25.94 5.75
C GLN B 166 -20.86 -26.27 5.54
N ASP B 167 -19.94 -25.33 5.81
CA ASP B 167 -18.48 -25.56 5.61
C ASP B 167 -18.11 -26.76 6.46
N SER B 168 -17.12 -27.52 5.98
CA SER B 168 -16.57 -28.78 6.56
C SER B 168 -15.61 -28.53 7.72
N LYS B 169 -15.02 -27.35 7.83
CA LYS B 169 -13.96 -27.12 8.82
C LYS B 169 -14.57 -26.42 10.04
N ASP B 170 -15.33 -25.38 9.78
CA ASP B 170 -15.85 -24.51 10.84
C ASP B 170 -17.35 -24.64 10.91
N SER B 171 -18.01 -25.53 10.16
CA SER B 171 -19.45 -25.80 10.36
C SER B 171 -20.32 -24.56 10.12
N THR B 172 -19.75 -23.51 9.55
CA THR B 172 -20.45 -22.26 9.25
C THR B 172 -21.03 -22.38 7.84
N TYR B 173 -21.93 -21.44 7.54
CA TYR B 173 -22.55 -21.18 6.22
C TYR B 173 -22.12 -19.81 5.71
N SER B 174 -22.47 -19.51 4.45
CA SER B 174 -22.32 -18.15 3.84
C SER B 174 -23.52 -17.89 2.90
N LEU B 175 -23.88 -16.65 2.63
CA LEU B 175 -25.07 -16.45 1.74
C LEU B 175 -24.71 -15.37 0.73
N SER B 176 -25.15 -15.57 -0.53
CA SER B 176 -25.19 -14.54 -1.60
C SER B 176 -26.61 -14.05 -1.85
N SER B 177 -26.85 -12.76 -1.82
CA SER B 177 -28.14 -12.14 -2.25
C SER B 177 -27.83 -11.14 -3.37
N THR B 178 -28.58 -11.20 -4.47
CA THR B 178 -28.26 -10.53 -5.76
C THR B 178 -29.43 -9.68 -6.23
N LEU B 179 -29.28 -8.36 -6.14
CA LEU B 179 -30.24 -7.41 -6.74
C LEU B 179 -29.81 -7.11 -8.18
N THR B 180 -30.73 -7.26 -9.12
CA THR B 180 -30.54 -6.98 -10.55
C THR B 180 -31.46 -5.86 -11.00
N LEU B 181 -30.96 -5.04 -11.92
CA LEU B 181 -31.61 -3.79 -12.32
C LEU B 181 -31.04 -3.41 -13.67
N SER B 182 -31.91 -2.97 -14.58
CA SER B 182 -31.51 -2.43 -15.89
C SER B 182 -30.61 -1.22 -15.60
N LYS B 183 -29.47 -1.13 -16.27
CA LYS B 183 -28.57 0.04 -16.15
C LYS B 183 -29.46 1.28 -16.06
N ALA B 184 -30.46 1.38 -16.94
CA ALA B 184 -31.45 2.48 -16.95
C ALA B 184 -31.95 2.70 -15.52
N ASP B 185 -32.59 1.67 -14.94
CA ASP B 185 -33.16 1.69 -13.55
C ASP B 185 -32.08 2.02 -12.51
N TYR B 186 -30.88 1.43 -12.59
CA TYR B 186 -29.78 1.58 -11.59
C TYR B 186 -29.33 3.04 -11.52
N GLU B 187 -29.22 3.68 -12.67
CA GLU B 187 -28.66 5.06 -12.76
C GLU B 187 -29.63 6.10 -12.17
N LYS B 188 -30.90 5.76 -11.92
CA LYS B 188 -31.92 6.66 -11.30
C LYS B 188 -31.78 6.72 -9.76
N HIS B 189 -30.75 6.10 -9.16
CA HIS B 189 -30.54 6.07 -7.69
C HIS B 189 -29.03 6.09 -7.38
N LYS B 190 -28.70 6.37 -6.13
CA LYS B 190 -27.30 6.60 -5.66
C LYS B 190 -27.01 5.73 -4.45
N VAL B 191 -27.93 5.61 -3.49
CA VAL B 191 -27.65 4.92 -2.21
C VAL B 191 -28.16 3.49 -2.31
N TYR B 192 -27.21 2.58 -2.42
CA TYR B 192 -27.44 1.12 -2.41
C TYR B 192 -26.97 0.65 -1.05
N ALA B 193 -27.90 0.05 -0.33
CA ALA B 193 -27.68 -0.69 0.93
C ALA B 193 -28.42 -2.01 0.86
N CYS B 194 -27.94 -2.95 1.67
CA CYS B 194 -28.62 -4.24 1.99
CA CYS B 194 -28.53 -4.26 1.98
C CYS B 194 -28.61 -4.42 3.51
N GLU B 195 -29.81 -4.57 4.09
CA GLU B 195 -29.99 -4.82 5.56
C GLU B 195 -29.84 -6.33 5.75
N VAL B 196 -29.20 -6.74 6.84
CA VAL B 196 -28.92 -8.16 7.17
C VAL B 196 -29.35 -8.41 8.62
N THR B 197 -30.16 -9.43 8.89
CA THR B 197 -30.62 -9.78 10.24
C THR B 197 -30.26 -11.25 10.51
N HIS B 198 -29.65 -11.50 11.68
CA HIS B 198 -29.10 -12.80 12.13
C HIS B 198 -28.90 -12.82 13.66
N GLN B 199 -29.11 -14.00 14.23
CA GLN B 199 -28.98 -14.34 15.68
C GLN B 199 -27.72 -13.68 16.28
N GLY B 200 -26.54 -13.93 15.70
CA GLY B 200 -25.24 -13.37 16.10
C GLY B 200 -25.19 -11.84 16.05
N LEU B 201 -26.26 -11.17 15.60
CA LEU B 201 -26.32 -9.68 15.60
C LEU B 201 -27.40 -9.20 16.55
N CYS B 202 -27.02 -8.42 17.57
CA CYS B 202 -27.96 -7.80 18.54
C CYS B 202 -28.50 -6.51 17.91
N SER B 203 -28.21 -6.31 16.61
CA SER B 203 -28.86 -5.27 15.78
C SER B 203 -28.61 -5.57 14.31
N PRO B 204 -29.55 -5.23 13.40
CA PRO B 204 -29.34 -5.43 11.96
C PRO B 204 -28.12 -4.67 11.43
N VAL B 205 -27.23 -5.29 10.65
CA VAL B 205 -26.09 -4.61 9.95
C VAL B 205 -26.48 -4.31 8.50
N THR B 206 -26.14 -3.12 8.01
CA THR B 206 -26.42 -2.63 6.64
C THR B 206 -25.06 -2.30 6.04
N LYS B 207 -24.67 -2.91 4.90
CA LYS B 207 -23.52 -2.41 4.12
C LYS B 207 -24.09 -1.62 2.96
N CYS B 208 -23.41 -0.56 2.55
CA CYS B 208 -23.90 0.33 1.48
C CYS B 208 -22.74 0.94 0.70
N PHE B 209 -23.12 1.51 -0.45
CA PHE B 209 -22.26 2.37 -1.29
C PHE B 209 -23.18 3.38 -1.99
N ASN B 210 -22.60 4.51 -2.38
CA ASN B 210 -23.24 5.45 -3.33
C ASN B 210 -22.70 5.15 -4.73
N ARG B 211 -23.56 5.15 -5.73
CA ARG B 211 -23.16 5.02 -7.15
C ARG B 211 -22.23 6.22 -7.47
N GLY B 212 -20.93 5.96 -7.60
CA GLY B 212 -19.87 6.96 -7.91
C GLY B 212 -18.52 6.52 -7.36
N VAL C 2 45.14 38.34 8.94
CA VAL C 2 44.13 39.19 9.64
C VAL C 2 42.90 38.31 9.94
N GLN C 3 42.22 38.56 11.05
CA GLN C 3 41.03 37.78 11.46
C GLN C 3 40.29 38.52 12.57
N LEU C 4 38.98 38.69 12.38
CA LEU C 4 38.00 39.10 13.41
C LEU C 4 37.23 37.85 13.83
N VAL C 5 37.05 37.66 15.14
CA VAL C 5 36.35 36.51 15.80
C VAL C 5 35.29 37.06 16.76
N GLU C 6 34.01 37.11 16.36
CA GLU C 6 32.88 37.57 17.23
C GLU C 6 32.62 36.52 18.31
N SER C 7 32.07 36.94 19.46
CA SER C 7 31.58 36.07 20.55
C SER C 7 30.38 36.76 21.20
N GLY C 8 29.78 36.12 22.22
CA GLY C 8 28.78 36.71 23.11
C GLY C 8 27.35 36.64 22.57
N GLY C 9 27.15 35.94 21.44
CA GLY C 9 25.87 35.89 20.70
C GLY C 9 25.16 34.56 20.94
N GLY C 10 23.84 34.56 20.84
CA GLY C 10 22.97 33.41 21.21
C GLY C 10 21.50 33.80 21.34
N LEU C 11 20.80 33.12 22.24
CA LEU C 11 19.40 33.42 22.66
C LEU C 11 19.43 34.53 23.72
N VAL C 12 18.45 35.44 23.69
CA VAL C 12 18.21 36.52 24.70
C VAL C 12 16.71 36.82 24.78
N GLN C 13 16.21 37.11 25.99
CA GLN C 13 14.79 37.51 26.23
C GLN C 13 14.54 38.88 25.63
N PRO C 14 13.34 39.11 25.00
CA PRO C 14 12.90 40.47 24.63
C PRO C 14 13.15 41.50 25.74
N GLY C 15 13.14 42.80 25.40
CA GLY C 15 13.66 43.89 26.26
C GLY C 15 15.06 43.59 26.79
N GLY C 16 15.62 42.42 26.44
CA GLY C 16 16.83 41.86 27.09
C GLY C 16 18.07 42.56 26.60
N SER C 17 19.24 42.11 27.10
CA SER C 17 20.63 42.65 26.88
C SER C 17 21.63 41.53 26.56
N LEU C 18 22.53 41.76 25.58
CA LEU C 18 23.66 40.86 25.21
C LEU C 18 24.89 41.67 24.77
N ARG C 19 26.08 41.31 25.28
CA ARG C 19 27.38 41.95 24.89
C ARG C 19 28.17 41.07 23.91
N LEU C 20 28.06 41.39 22.61
CA LEU C 20 28.91 40.83 21.52
C LEU C 20 30.31 41.41 21.67
N SER C 21 31.35 40.65 21.30
CA SER C 21 32.79 41.06 21.30
C SER C 21 33.42 40.70 19.94
N CYS C 22 34.21 41.60 19.35
CA CYS C 22 34.85 41.41 18.02
C CYS C 22 36.37 41.29 18.19
N ALA C 23 36.84 40.20 18.79
CA ALA C 23 38.27 40.00 19.07
C ALA C 23 39.00 39.91 17.73
N ALA C 24 39.85 40.89 17.46
CA ALA C 24 40.74 40.95 16.28
C ALA C 24 42.12 40.37 16.62
N SER C 25 42.79 39.82 15.60
CA SER C 25 44.19 39.30 15.63
C SER C 25 44.87 39.65 14.30
N GLY C 26 46.19 39.87 14.34
CA GLY C 26 47.03 40.25 13.17
C GLY C 26 47.34 41.73 13.11
N PHE C 27 46.33 42.58 13.31
CA PHE C 27 46.40 44.04 13.06
C PHE C 27 45.91 44.77 14.31
N ASN C 28 46.64 45.80 14.75
CA ASN C 28 46.28 46.62 15.93
C ASN C 28 45.04 47.46 15.59
N ILE C 29 44.00 47.37 16.41
CA ILE C 29 42.67 47.97 16.12
C ILE C 29 42.75 49.50 16.24
N LYS C 30 43.80 50.00 16.89
CA LYS C 30 44.06 51.44 17.10
C LYS C 30 44.16 52.16 15.74
N ASP C 31 44.65 51.48 14.70
CA ASP C 31 45.05 52.12 13.41
C ASP C 31 43.81 52.45 12.57
N THR C 32 42.79 51.57 12.57
CA THR C 32 41.63 51.58 11.65
C THR C 32 40.29 51.68 12.38
N TYR C 33 39.22 51.93 11.62
CA TYR C 33 37.81 51.93 12.07
C TYR C 33 37.27 50.51 12.09
N ILE C 34 36.55 50.13 13.16
CA ILE C 34 35.79 48.86 13.31
C ILE C 34 34.30 49.20 13.23
N HIS C 35 33.51 48.35 12.56
CA HIS C 35 32.06 48.53 12.33
C HIS C 35 31.29 47.28 12.74
N TRP C 36 29.98 47.46 12.97
CA TRP C 36 29.00 46.35 13.11
C TRP C 36 28.00 46.47 11.97
N VAL C 37 27.49 45.31 11.56
CA VAL C 37 26.68 45.09 10.32
C VAL C 37 25.91 43.79 10.56
N ARG C 38 24.58 43.88 10.50
CA ARG C 38 23.70 42.77 10.94
C ARG C 38 22.98 42.23 9.72
N GLN C 39 22.56 40.98 9.78
CA GLN C 39 21.77 40.35 8.70
C GLN C 39 20.65 39.57 9.35
N ALA C 40 19.45 40.13 9.29
CA ALA C 40 18.16 39.42 9.41
C ALA C 40 18.10 38.30 8.38
N PRO C 41 17.59 37.10 8.77
CA PRO C 41 17.44 35.98 7.85
C PRO C 41 16.62 36.32 6.60
N GLY C 42 17.08 35.83 5.44
CA GLY C 42 16.52 36.16 4.11
C GLY C 42 16.35 37.65 3.93
N LYS C 43 17.28 38.43 4.51
CA LYS C 43 17.29 39.91 4.45
C LYS C 43 18.71 40.40 4.10
N GLY C 44 18.85 41.70 3.85
CA GLY C 44 20.08 42.30 3.30
C GLY C 44 21.12 42.47 4.38
N LEU C 45 21.83 43.61 4.33
CA LEU C 45 22.94 44.02 5.23
C LEU C 45 22.66 45.44 5.74
N GLU C 46 22.65 45.60 7.06
CA GLU C 46 22.45 46.90 7.71
C GLU C 46 23.67 47.20 8.56
N TRP C 47 24.33 48.32 8.23
CA TRP C 47 25.34 48.96 9.09
C TRP C 47 24.67 49.36 10.41
N VAL C 48 25.24 48.90 11.53
CA VAL C 48 24.77 49.10 12.94
C VAL C 48 25.53 50.25 13.64
N ALA C 49 26.87 50.20 13.74
CA ALA C 49 27.68 51.19 14.50
C ALA C 49 29.16 51.11 14.08
N ARG C 50 29.96 52.15 14.39
CA ARG C 50 31.44 52.17 14.18
C ARG C 50 32.12 52.92 15.32
N ILE C 51 33.41 52.64 15.56
CA ILE C 51 34.26 53.31 16.59
C ILE C 51 35.70 53.44 16.04
N TYR C 52 36.31 54.63 16.18
CA TYR C 52 37.74 54.91 15.87
C TYR C 52 38.53 54.82 17.16
N PRO C 53 39.00 53.61 17.52
CA PRO C 53 39.30 53.30 18.92
C PRO C 53 40.20 54.35 19.60
N THR C 54 41.33 54.69 19.02
CA THR C 54 42.33 55.62 19.64
C THR C 54 41.61 56.76 20.37
N ASN C 55 40.78 57.56 19.69
CA ASN C 55 40.08 58.73 20.31
C ASN C 55 38.72 58.32 20.91
N GLY C 56 38.26 57.09 20.69
CA GLY C 56 37.02 56.58 21.30
C GLY C 56 35.78 56.97 20.50
N TYR C 57 35.92 57.86 19.52
CA TYR C 57 34.79 58.43 18.73
C TYR C 57 33.99 57.28 18.10
N THR C 58 32.67 57.45 18.00
CA THR C 58 31.75 56.45 17.40
C THR C 58 30.70 57.14 16.53
N ARG C 59 29.88 56.32 15.86
CA ARG C 59 28.70 56.75 15.06
C ARG C 59 27.75 55.55 14.99
N TYR C 60 26.44 55.82 14.99
CA TYR C 60 25.36 54.80 15.14
C TYR C 60 24.27 55.06 14.12
N ALA C 61 23.56 53.99 13.73
CA ALA C 61 22.40 54.02 12.84
C ALA C 61 21.14 54.26 13.68
N ASP C 62 20.24 55.13 13.21
CA ASP C 62 18.93 55.42 13.84
C ASP C 62 18.50 54.24 14.70
N SER C 63 18.07 53.16 14.03
CA SER C 63 17.27 52.04 14.60
C SER C 63 17.88 51.50 15.90
N VAL C 64 19.17 51.71 16.17
CA VAL C 64 19.86 51.13 17.36
C VAL C 64 20.28 52.22 18.36
N LYS C 65 20.15 53.51 18.04
CA LYS C 65 20.65 54.61 18.91
C LYS C 65 19.75 54.72 20.15
N GLY C 66 20.36 54.77 21.33
CA GLY C 66 19.70 54.56 22.64
C GLY C 66 19.87 53.14 23.13
N ARG C 67 19.60 52.15 22.27
CA ARG C 67 19.47 50.72 22.62
C ARG C 67 20.83 49.99 22.52
N PHE C 68 21.65 50.26 21.48
CA PHE C 68 22.97 49.60 21.29
C PHE C 68 24.10 50.60 21.55
N THR C 69 25.19 50.16 22.21
CA THR C 69 26.45 50.95 22.38
C THR C 69 27.63 50.08 21.94
N ILE C 70 28.44 50.65 21.03
CA ILE C 70 29.79 50.13 20.64
C ILE C 70 30.83 50.84 21.49
N SER C 71 31.92 50.14 21.74
CA SER C 71 33.02 50.55 22.62
C SER C 71 34.13 49.54 22.37
N ALA C 72 35.39 49.90 22.63
CA ALA C 72 36.54 49.03 22.34
C ALA C 72 37.51 48.96 23.53
N ASP C 73 38.57 48.15 23.38
CA ASP C 73 39.64 47.92 24.38
C ASP C 73 40.96 47.65 23.64
N THR C 74 41.80 48.68 23.52
CA THR C 74 43.10 48.66 22.80
C THR C 74 44.08 47.71 23.48
N SER C 75 43.93 47.49 24.79
CA SER C 75 44.86 46.68 25.62
C SER C 75 44.75 45.19 25.23
N LYS C 76 43.55 44.72 24.83
CA LYS C 76 43.30 43.31 24.44
C LYS C 76 43.05 43.20 22.92
N ASN C 77 43.01 44.33 22.20
CA ASN C 77 42.72 44.41 20.74
C ASN C 77 41.31 43.88 20.47
N THR C 78 40.32 44.31 21.24
CA THR C 78 38.92 43.80 21.13
C THR C 78 37.94 44.96 21.18
N ALA C 79 36.73 44.73 20.65
CA ALA C 79 35.64 45.72 20.59
C ALA C 79 34.35 44.96 20.90
N TYR C 80 33.28 45.66 21.25
CA TYR C 80 32.02 45.06 21.77
C TYR C 80 30.85 45.88 21.25
N LEU C 81 29.75 45.22 20.95
CA LEU C 81 28.46 45.94 20.81
C LEU C 81 27.54 45.51 21.96
N GLN C 82 27.39 46.36 22.98
CA GLN C 82 26.45 46.16 24.12
C GLN C 82 25.04 46.53 23.62
N MET C 83 24.05 45.64 23.82
CA MET C 83 22.75 45.71 23.10
C MET C 83 21.61 45.54 24.09
N ASN C 84 20.80 46.60 24.26
CA ASN C 84 19.67 46.66 25.22
C ASN C 84 18.35 46.75 24.44
N SER C 85 17.20 46.71 25.14
CA SER C 85 15.81 46.78 24.61
C SER C 85 15.69 45.91 23.35
N LEU C 86 16.18 44.67 23.39
CA LEU C 86 16.23 43.80 22.19
C LEU C 86 14.79 43.50 21.73
N ARG C 87 14.54 43.52 20.42
CA ARG C 87 13.19 43.37 19.79
C ARG C 87 13.25 42.25 18.75
N ALA C 88 12.11 41.93 18.14
CA ALA C 88 11.95 40.90 17.08
C ALA C 88 12.88 41.20 15.89
N GLU C 89 13.09 42.48 15.59
CA GLU C 89 13.74 42.95 14.33
C GLU C 89 15.26 43.06 14.54
N ASP C 90 15.78 42.69 15.72
CA ASP C 90 17.22 42.61 16.02
C ASP C 90 17.73 41.18 15.84
N THR C 91 16.83 40.23 15.55
CA THR C 91 17.20 38.80 15.27
C THR C 91 18.00 38.79 13.96
N ALA C 92 19.32 38.63 14.06
CA ALA C 92 20.23 38.78 12.91
C ALA C 92 21.64 38.32 13.25
N VAL C 93 22.44 38.23 12.20
CA VAL C 93 23.84 37.76 12.25
C VAL C 93 24.69 39.02 12.28
N TYR C 94 25.27 39.30 13.43
CA TYR C 94 26.22 40.41 13.62
C TYR C 94 27.56 39.91 13.10
N TYR C 95 28.04 40.54 12.02
CA TYR C 95 29.46 40.53 11.57
C TYR C 95 30.09 41.85 12.04
N CYS C 96 31.29 41.86 12.62
CA CYS C 96 32.17 43.07 12.65
C CYS C 96 33.03 43.09 11.39
N SER C 97 33.63 44.24 11.10
CA SER C 97 34.49 44.49 9.91
C SER C 97 35.56 45.50 10.30
N ARG C 98 36.45 45.85 9.35
CA ARG C 98 37.36 47.02 9.49
C ARG C 98 37.39 47.82 8.18
N TRP C 99 37.91 49.06 8.20
CA TRP C 99 38.42 49.81 7.02
C TRP C 99 39.89 49.45 6.75
N GLY C 100 40.36 49.59 5.51
CA GLY C 100 41.68 49.07 5.05
C GLY C 100 42.85 49.88 5.60
N GLY C 101 42.92 51.16 5.26
CA GLY C 101 43.99 52.08 5.68
C GLY C 101 43.46 53.49 5.84
N ASP C 102 44.22 54.39 6.48
CA ASP C 102 43.94 55.85 6.47
C ASP C 102 44.07 56.31 5.01
N GLY C 103 42.97 56.80 4.42
CA GLY C 103 42.84 57.06 2.96
C GLY C 103 42.01 56.00 2.24
N PHE C 104 41.75 54.84 2.88
CA PHE C 104 41.20 53.59 2.29
C PHE C 104 40.04 53.07 3.16
N TYR C 105 38.80 53.51 2.86
CA TYR C 105 37.60 53.39 3.75
C TYR C 105 36.65 52.27 3.27
N ALA C 106 37.18 51.28 2.52
CA ALA C 106 36.49 50.01 2.18
C ALA C 106 36.62 49.05 3.36
N MET C 107 35.74 48.03 3.43
CA MET C 107 35.73 46.94 4.46
C MET C 107 36.36 45.66 3.90
N ASP C 108 37.67 45.53 4.09
CA ASP C 108 38.53 44.47 3.49
C ASP C 108 38.31 43.13 4.21
N TYR C 109 38.05 43.13 5.53
CA TYR C 109 37.82 41.89 6.31
C TYR C 109 36.49 41.91 7.05
N TRP C 110 35.93 40.71 7.24
CA TRP C 110 34.66 40.45 7.99
C TRP C 110 34.87 39.33 9.00
N GLY C 111 34.11 39.34 10.10
CA GLY C 111 33.96 38.18 11.00
C GLY C 111 33.07 37.10 10.39
N GLN C 112 33.00 35.90 10.98
CA GLN C 112 32.19 34.79 10.44
C GLN C 112 30.70 35.14 10.61
N GLY C 113 30.39 35.99 11.60
CA GLY C 113 29.03 36.31 12.06
C GLY C 113 28.80 35.79 13.47
N THR C 114 27.74 36.26 14.14
CA THR C 114 27.23 35.65 15.40
C THR C 114 25.69 35.80 15.41
N LEU C 115 24.98 34.68 15.39
CA LEU C 115 23.50 34.65 15.24
C LEU C 115 22.90 35.04 16.59
N VAL C 116 22.19 36.17 16.61
CA VAL C 116 21.55 36.71 17.84
C VAL C 116 20.04 36.52 17.66
N THR C 117 19.50 35.57 18.43
CA THR C 117 18.08 35.13 18.31
C THR C 117 17.37 35.65 19.55
N VAL C 118 16.54 36.68 19.37
CA VAL C 118 15.79 37.30 20.49
C VAL C 118 14.42 36.64 20.52
N SER C 119 14.20 35.95 21.64
CA SER C 119 13.18 34.90 21.86
C SER C 119 13.38 34.47 23.31
N SER C 120 12.38 34.66 24.16
CA SER C 120 12.34 34.07 25.51
C SER C 120 12.45 32.55 25.35
N ALA C 121 11.81 31.98 24.32
CA ALA C 121 11.75 30.54 23.99
C ALA C 121 13.05 29.85 24.42
N SER C 122 12.98 28.61 24.90
CA SER C 122 14.09 27.93 25.62
C SER C 122 14.99 27.16 24.64
N THR C 123 16.30 27.18 24.87
CA THR C 123 17.29 26.30 24.23
C THR C 123 16.86 24.82 24.34
N LYS C 124 17.25 24.00 23.36
CA LYS C 124 16.93 22.55 23.26
C LYS C 124 18.06 21.87 22.49
N GLY C 125 18.88 21.07 23.17
CA GLY C 125 19.84 20.14 22.56
C GLY C 125 19.13 19.14 21.63
N PRO C 126 19.51 19.13 20.34
CA PRO C 126 18.83 18.31 19.35
C PRO C 126 18.85 16.81 19.63
N SER C 127 18.03 16.04 18.89
CA SER C 127 18.14 14.55 18.74
C SER C 127 18.73 14.25 17.35
N VAL C 128 19.67 13.30 17.28
CA VAL C 128 20.37 12.90 16.02
C VAL C 128 20.15 11.40 15.78
N PHE C 129 19.50 11.09 14.65
CA PHE C 129 19.03 9.75 14.25
C PHE C 129 19.73 9.35 12.95
N PRO C 130 20.11 8.07 12.72
CA PRO C 130 20.73 7.65 11.47
C PRO C 130 19.67 7.56 10.36
N LEU C 131 19.89 8.22 9.21
CA LEU C 131 19.28 7.91 7.89
C LEU C 131 20.19 6.91 7.15
N ALA C 132 19.85 5.63 7.16
CA ALA C 132 20.75 4.52 6.81
C ALA C 132 20.58 4.12 5.35
N PRO C 133 21.63 3.61 4.68
CA PRO C 133 21.57 3.31 3.25
C PRO C 133 20.67 2.11 2.94
N SER C 134 19.98 2.16 1.80
CA SER C 134 19.07 1.09 1.32
C SER C 134 19.89 -0.18 1.08
N SER C 135 19.60 -1.24 1.86
CA SER C 135 20.03 -2.64 1.62
C SER C 135 19.83 -3.04 0.14
N LYS C 136 18.82 -2.48 -0.55
CA LYS C 136 18.56 -2.66 -2.00
C LYS C 136 19.79 -2.23 -2.82
N SER C 137 20.52 -1.21 -2.34
CA SER C 137 21.93 -0.89 -2.64
C SER C 137 22.29 -1.19 -4.11
N THR C 138 21.56 -0.60 -5.07
CA THR C 138 21.66 -0.82 -6.54
C THR C 138 22.38 -2.15 -6.84
N SER C 139 23.62 -2.14 -7.36
CA SER C 139 24.48 -3.33 -7.63
C SER C 139 25.97 -2.99 -7.47
N GLY C 140 26.41 -1.93 -8.16
CA GLY C 140 27.63 -1.17 -7.86
C GLY C 140 27.45 0.34 -8.05
N GLY C 141 26.24 0.89 -7.78
CA GLY C 141 25.85 2.26 -8.17
C GLY C 141 26.39 3.34 -7.23
N THR C 142 25.55 4.34 -6.91
CA THR C 142 25.79 5.34 -5.84
C THR C 142 24.63 5.19 -4.85
N ALA C 143 24.90 4.93 -3.55
CA ALA C 143 23.90 4.98 -2.44
C ALA C 143 24.03 6.26 -1.59
N ALA C 144 22.89 6.69 -1.05
CA ALA C 144 22.66 7.85 -0.17
C ALA C 144 22.51 7.38 1.28
N LEU C 145 23.21 8.05 2.19
CA LEU C 145 23.09 7.86 3.66
C LEU C 145 23.28 9.25 4.27
N GLY C 146 23.03 9.40 5.56
CA GLY C 146 22.84 10.73 6.16
C GLY C 146 22.54 10.63 7.64
N CYS C 147 22.21 11.78 8.23
CA CYS C 147 21.82 11.97 9.66
CA CYS C 147 21.69 11.84 9.62
C CYS C 147 20.64 12.95 9.72
N LEU C 148 19.80 12.84 10.72
CA LEU C 148 18.64 13.73 10.94
C LEU C 148 18.84 14.35 12.32
N VAL C 149 18.79 15.68 12.36
CA VAL C 149 19.04 16.50 13.57
C VAL C 149 17.72 17.20 13.88
N LYS C 150 17.10 16.79 14.99
CA LYS C 150 15.66 17.07 15.25
C LYS C 150 15.45 17.73 16.64
N ASP C 151 14.45 18.62 16.69
CA ASP C 151 13.79 19.10 17.94
C ASP C 151 14.79 19.98 18.72
N TYR C 152 15.50 20.87 18.03
CA TYR C 152 16.48 21.79 18.66
C TYR C 152 16.08 23.24 18.47
N PHE C 153 16.70 24.11 19.24
CA PHE C 153 16.47 25.56 19.21
C PHE C 153 17.57 26.19 20.06
N PRO C 154 18.08 27.40 19.71
CA PRO C 154 17.80 28.05 18.42
C PRO C 154 18.74 27.50 17.34
N GLU C 155 18.64 28.09 16.14
CA GLU C 155 19.72 28.01 15.13
C GLU C 155 20.98 28.54 15.82
N PRO C 156 22.19 28.09 15.40
CA PRO C 156 22.35 27.08 14.37
C PRO C 156 22.95 25.82 14.98
N VAL C 157 22.87 24.71 14.22
CA VAL C 157 23.67 23.47 14.38
C VAL C 157 24.78 23.49 13.33
N THR C 158 25.86 22.74 13.51
CA THR C 158 26.90 22.54 12.49
C THR C 158 27.16 21.05 12.35
N VAL C 159 27.08 20.53 11.11
CA VAL C 159 27.21 19.07 10.87
C VAL C 159 28.43 18.85 10.00
N SER C 160 29.29 17.92 10.41
CA SER C 160 30.57 17.51 9.77
C SER C 160 30.57 15.98 9.60
N TRP C 161 31.18 15.45 8.55
CA TRP C 161 31.16 14.00 8.23
C TRP C 161 32.58 13.43 8.30
N ASN C 162 32.75 12.31 9.03
CA ASN C 162 34.06 11.69 9.35
C ASN C 162 35.03 12.80 9.79
N SER C 163 34.60 13.64 10.74
CA SER C 163 35.40 14.73 11.38
C SER C 163 36.04 15.62 10.34
N GLY C 164 35.36 15.89 9.21
CA GLY C 164 35.86 16.78 8.13
C GLY C 164 36.57 16.03 7.00
N ALA C 165 36.90 14.74 7.18
CA ALA C 165 37.60 13.90 6.18
C ALA C 165 36.70 13.62 4.97
N LEU C 166 35.38 13.79 5.11
CA LEU C 166 34.40 13.61 4.00
C LEU C 166 33.57 14.89 3.90
N THR C 167 33.57 15.45 2.69
CA THR C 167 33.11 16.81 2.34
C THR C 167 32.41 16.72 0.97
N SER C 168 33.00 16.01 0.02
CA SER C 168 32.43 15.94 -1.35
C SER C 168 31.11 15.14 -1.29
N GLY C 169 30.09 15.57 -2.04
CA GLY C 169 28.84 14.81 -2.15
C GLY C 169 27.90 15.06 -0.98
N VAL C 170 28.42 15.58 0.15
CA VAL C 170 27.65 15.91 1.37
C VAL C 170 26.59 16.91 0.94
N HIS C 171 25.45 16.95 1.60
CA HIS C 171 24.44 18.03 1.49
C HIS C 171 23.78 18.17 2.84
N THR C 172 24.05 19.26 3.55
CA THR C 172 23.31 19.69 4.76
C THR C 172 22.28 20.77 4.40
N PHE C 173 21.02 20.52 4.72
CA PHE C 173 19.83 21.32 4.31
C PHE C 173 19.62 22.48 5.26
N PRO C 174 19.06 23.61 4.77
CA PRO C 174 18.57 24.69 5.62
C PRO C 174 17.62 24.06 6.64
N ALA C 175 17.69 24.49 7.90
CA ALA C 175 16.81 23.96 8.97
C ALA C 175 15.37 24.31 8.60
N VAL C 176 14.36 23.54 9.04
CA VAL C 176 12.93 23.95 8.88
C VAL C 176 12.28 24.07 10.26
N LEU C 177 11.48 25.12 10.44
CA LEU C 177 10.76 25.44 11.69
C LEU C 177 9.50 24.58 11.78
N GLN C 178 9.32 23.92 12.92
CA GLN C 178 8.24 22.94 13.08
C GLN C 178 7.02 23.67 13.64
N SER C 179 5.86 22.99 13.59
CA SER C 179 4.63 23.47 14.24
C SER C 179 4.85 23.33 15.74
N SER C 180 5.94 22.64 16.12
CA SER C 180 6.37 22.44 17.54
C SER C 180 7.29 23.59 17.97
N GLY C 181 7.72 24.45 17.04
CA GLY C 181 8.57 25.63 17.33
C GLY C 181 10.06 25.32 17.41
N LEU C 182 10.48 24.06 17.28
CA LEU C 182 11.92 23.63 17.31
C LEU C 182 12.34 23.32 15.87
N TYR C 183 13.63 23.30 15.58
CA TYR C 183 14.18 23.25 14.20
C TYR C 183 14.53 21.81 13.84
N SER C 184 14.29 21.43 12.60
CA SER C 184 14.73 20.12 12.04
C SER C 184 15.73 20.36 10.91
N LEU C 185 16.75 19.54 10.80
CA LEU C 185 17.56 19.53 9.56
C LEU C 185 18.03 18.11 9.27
N SER C 186 18.24 17.84 7.99
CA SER C 186 18.87 16.57 7.53
C SER C 186 20.23 16.92 6.93
N SER C 187 21.21 16.06 7.13
CA SER C 187 22.50 16.04 6.41
C SER C 187 22.64 14.68 5.75
N VAL C 188 22.83 14.65 4.43
CA VAL C 188 22.96 13.41 3.62
C VAL C 188 24.28 13.45 2.86
N VAL C 189 24.80 12.32 2.43
CA VAL C 189 26.03 12.28 1.59
C VAL C 189 25.91 11.01 0.75
N THR C 190 25.74 11.18 -0.55
CA THR C 190 25.77 10.11 -1.58
C THR C 190 27.20 9.59 -1.70
N VAL C 191 27.41 8.28 -1.47
CA VAL C 191 28.75 7.62 -1.42
C VAL C 191 28.74 6.34 -2.24
N PRO C 192 29.90 5.77 -2.62
CA PRO C 192 29.92 4.65 -3.56
C PRO C 192 29.43 3.39 -2.84
N SER C 193 28.44 2.69 -3.42
CA SER C 193 27.74 1.54 -2.81
C SER C 193 28.73 0.43 -2.41
N SER C 194 29.81 0.20 -3.17
CA SER C 194 30.89 -0.76 -2.80
C SER C 194 31.44 -0.49 -1.38
N SER C 195 31.37 0.75 -0.90
CA SER C 195 32.02 1.23 0.36
C SER C 195 31.11 0.99 1.58
N LEU C 196 29.80 0.80 1.37
CA LEU C 196 28.78 0.75 2.45
C LEU C 196 29.19 -0.25 3.53
N GLY C 197 29.78 -1.38 3.12
CA GLY C 197 30.24 -2.45 4.02
C GLY C 197 31.50 -2.07 4.78
N THR C 198 32.52 -1.60 4.07
CA THR C 198 33.93 -1.44 4.55
C THR C 198 34.08 -0.13 5.34
N GLN C 199 33.93 1.02 4.68
CA GLN C 199 34.18 2.38 5.22
C GLN C 199 33.18 2.69 6.35
N THR C 200 33.52 3.59 7.27
CA THR C 200 32.67 4.04 8.41
C THR C 200 32.24 5.50 8.25
N TYR C 201 31.00 5.81 8.60
CA TYR C 201 30.32 7.12 8.37
C TYR C 201 29.75 7.65 9.69
N ILE C 202 30.34 8.72 10.24
CA ILE C 202 30.00 9.37 11.55
C ILE C 202 29.64 10.84 11.28
N CYS C 203 28.72 11.46 12.04
CA CYS C 203 28.21 12.76 11.53
CA CYS C 203 27.99 12.70 11.65
C CYS C 203 28.37 13.90 12.52
N ASN C 204 29.28 13.76 13.50
CA ASN C 204 29.86 14.93 14.22
C ASN C 204 28.92 16.14 14.24
N VAL C 205 27.90 16.14 15.12
CA VAL C 205 26.88 17.23 15.18
C VAL C 205 27.18 18.14 16.36
N ASN C 206 27.15 19.46 16.13
CA ASN C 206 27.50 20.53 17.08
C ASN C 206 26.37 21.56 17.13
N HIS C 207 25.79 21.78 18.32
CA HIS C 207 24.86 22.89 18.73
C HIS C 207 25.47 23.42 20.02
N LYS C 208 26.23 24.52 19.91
CA LYS C 208 27.02 25.19 20.99
C LYS C 208 26.07 25.84 22.00
N PRO C 209 24.93 26.44 21.58
CA PRO C 209 23.98 26.98 22.54
C PRO C 209 23.71 26.00 23.68
N SER C 210 23.36 24.75 23.33
CA SER C 210 23.03 23.65 24.27
C SER C 210 24.27 22.80 24.58
N ASN C 211 25.47 23.26 24.20
CA ASN C 211 26.76 22.56 24.41
C ASN C 211 26.58 21.07 24.13
N THR C 212 25.95 20.73 22.99
CA THR C 212 25.76 19.35 22.49
C THR C 212 26.80 19.03 21.40
N LYS C 213 27.46 17.89 21.53
CA LYS C 213 28.52 17.46 20.58
C LYS C 213 28.40 15.95 20.38
N VAL C 214 27.66 15.51 19.36
CA VAL C 214 27.33 14.08 19.06
C VAL C 214 28.08 13.61 17.80
N ASP C 215 28.98 12.63 17.95
CA ASP C 215 29.56 11.80 16.87
C ASP C 215 28.69 10.54 16.75
N LYS C 216 27.84 10.47 15.73
CA LYS C 216 26.84 9.39 15.55
C LYS C 216 27.17 8.57 14.32
N LYS C 217 27.39 7.27 14.49
CA LYS C 217 27.71 6.29 13.41
C LYS C 217 26.41 5.94 12.65
N VAL C 218 26.52 5.93 11.32
CA VAL C 218 25.47 5.50 10.35
C VAL C 218 25.98 4.18 9.81
N GLU C 219 25.07 3.21 9.73
CA GLU C 219 25.32 1.75 9.57
C GLU C 219 24.29 1.18 8.60
N PRO C 220 24.68 0.23 7.71
CA PRO C 220 23.75 -0.32 6.72
C PRO C 220 22.78 -1.32 7.36
N LYS C 221 21.51 -1.29 6.92
CA LYS C 221 20.39 -2.12 7.45
C LYS C 221 19.10 -1.71 6.73
N ASP D 1 22.34 60.89 4.55
CA ASP D 1 21.89 59.48 4.39
C ASP D 1 21.67 59.23 2.89
N ILE D 2 22.55 58.46 2.24
CA ILE D 2 22.48 58.15 0.79
C ILE D 2 21.89 56.75 0.59
N GLN D 3 20.81 56.64 -0.20
CA GLN D 3 20.17 55.36 -0.61
C GLN D 3 20.92 54.79 -1.84
N MET D 4 21.14 53.47 -1.87
CA MET D 4 21.73 52.74 -3.02
C MET D 4 20.64 51.84 -3.63
N THR D 5 20.47 51.93 -4.96
CA THR D 5 19.39 51.27 -5.72
C THR D 5 20.02 50.31 -6.74
N GLN D 6 19.86 49.02 -6.47
CA GLN D 6 20.53 47.92 -7.19
C GLN D 6 19.50 47.20 -8.07
N SER D 7 19.82 46.98 -9.34
CA SER D 7 19.03 46.15 -10.28
C SER D 7 19.97 45.17 -10.98
N PRO D 8 19.54 43.92 -11.22
CA PRO D 8 18.22 43.43 -10.82
C PRO D 8 18.31 42.76 -9.43
N SER D 9 17.19 42.30 -8.89
CA SER D 9 17.18 41.60 -7.58
C SER D 9 17.83 40.23 -7.75
N SER D 10 17.81 39.69 -8.96
CA SER D 10 18.19 38.28 -9.23
C SER D 10 18.45 38.09 -10.71
N LEU D 11 19.36 37.16 -11.03
CA LEU D 11 19.79 36.96 -12.44
C LEU D 11 20.17 35.50 -12.69
N SER D 12 19.70 34.95 -13.80
CA SER D 12 20.13 33.61 -14.28
C SER D 12 20.98 33.84 -15.52
N ALA D 13 22.04 33.06 -15.71
CA ALA D 13 22.89 33.12 -16.91
C ALA D 13 23.84 31.93 -16.88
N SER D 14 24.38 31.57 -18.05
CA SER D 14 25.11 30.31 -18.33
C SER D 14 26.62 30.48 -18.15
N VAL D 15 27.31 29.35 -17.99
CA VAL D 15 28.76 29.36 -17.65
C VAL D 15 29.52 29.95 -18.82
N GLY D 16 30.22 31.07 -18.61
CA GLY D 16 31.03 31.78 -19.63
C GLY D 16 30.30 32.99 -20.18
N ASP D 17 29.05 33.21 -19.75
CA ASP D 17 28.24 34.40 -20.11
C ASP D 17 28.70 35.61 -19.27
N ARG D 18 28.30 36.81 -19.70
CA ARG D 18 28.78 38.14 -19.24
C ARG D 18 27.64 38.84 -18.49
N VAL D 19 27.76 38.94 -17.16
CA VAL D 19 26.66 39.44 -16.28
C VAL D 19 27.09 40.79 -15.74
N THR D 20 26.17 41.74 -15.77
CA THR D 20 26.36 43.10 -15.25
C THR D 20 25.30 43.40 -14.19
N ILE D 21 25.73 43.95 -13.06
CA ILE D 21 24.84 44.42 -11.95
C ILE D 21 25.05 45.92 -11.83
N THR D 22 23.96 46.67 -11.70
CA THR D 22 24.07 48.14 -11.62
C THR D 22 23.54 48.60 -10.27
N CYS D 23 24.22 49.60 -9.72
CA CYS D 23 23.92 50.27 -8.45
C CYS D 23 23.93 51.78 -8.71
N ARG D 24 22.84 52.43 -8.33
CA ARG D 24 22.56 53.88 -8.50
C ARG D 24 22.40 54.51 -7.12
N ALA D 25 23.27 55.48 -6.84
CA ALA D 25 23.34 56.30 -5.60
C ALA D 25 22.35 57.44 -5.71
N SER D 26 21.72 57.81 -4.59
CA SER D 26 20.64 58.83 -4.51
C SER D 26 21.23 60.22 -4.74
N GLN D 27 22.43 60.48 -4.21
CA GLN D 27 23.18 61.76 -4.35
C GLN D 27 24.46 61.42 -5.11
N ASP D 28 25.53 62.21 -4.96
CA ASP D 28 26.89 61.91 -5.48
C ASP D 28 27.64 61.18 -4.36
N VAL D 29 28.77 60.56 -4.72
CA VAL D 29 29.60 59.66 -3.85
C VAL D 29 30.99 59.51 -4.47
N ASN D 30 31.24 60.15 -5.60
CA ASN D 30 32.52 60.06 -6.32
C ASN D 30 32.81 58.57 -6.52
N THR D 31 33.94 58.09 -6.02
CA THR D 31 34.53 56.76 -6.36
C THR D 31 34.29 55.82 -5.17
N ALA D 32 33.70 56.34 -4.07
CA ALA D 32 33.46 55.66 -2.76
C ALA D 32 32.35 54.58 -2.84
N VAL D 33 32.56 53.55 -3.64
CA VAL D 33 31.57 52.45 -3.84
C VAL D 33 32.36 51.14 -3.92
N ALA D 34 32.10 50.24 -2.96
CA ALA D 34 32.64 48.87 -2.93
C ALA D 34 31.51 47.88 -3.25
N TRP D 35 31.95 46.71 -3.72
CA TRP D 35 31.22 45.57 -4.30
C TRP D 35 31.60 44.34 -3.49
N TYR D 36 30.63 43.53 -3.11
CA TYR D 36 30.80 42.35 -2.21
C TYR D 36 30.18 41.12 -2.86
N GLN D 37 30.49 39.97 -2.29
CA GLN D 37 30.04 38.63 -2.71
C GLN D 37 29.68 37.90 -1.41
N GLN D 38 28.38 37.60 -1.20
CA GLN D 38 27.95 36.73 -0.07
C GLN D 38 27.47 35.39 -0.63
N LYS D 39 28.32 34.38 -0.57
CA LYS D 39 27.84 32.95 -0.64
C LYS D 39 26.92 32.72 0.57
N PRO D 40 25.82 31.94 0.45
CA PRO D 40 24.96 31.64 1.59
C PRO D 40 25.75 30.97 2.73
N GLY D 41 25.52 31.43 3.96
CA GLY D 41 26.18 30.89 5.16
C GLY D 41 27.60 31.38 5.31
N LYS D 42 27.93 32.54 4.73
CA LYS D 42 29.30 33.11 4.81
C LYS D 42 29.22 34.64 4.89
N ALA D 43 30.33 35.27 5.33
CA ALA D 43 30.54 36.73 5.46
C ALA D 43 30.83 37.30 4.07
N PRO D 44 30.38 38.54 3.81
CA PRO D 44 30.61 39.15 2.50
C PRO D 44 32.13 39.17 2.26
N LYS D 45 32.55 39.17 1.00
CA LYS D 45 33.97 39.35 0.66
C LYS D 45 34.04 40.53 -0.31
N LEU D 46 35.00 41.44 -0.09
CA LEU D 46 35.29 42.63 -0.95
C LEU D 46 35.75 42.22 -2.35
N LEU D 47 35.10 42.78 -3.37
CA LEU D 47 35.42 42.47 -4.78
C LEU D 47 36.17 43.66 -5.34
N ILE D 48 35.47 44.78 -5.37
CA ILE D 48 35.88 46.02 -6.06
C ILE D 48 35.82 47.09 -4.99
N TYR D 49 36.90 47.83 -4.77
CA TYR D 49 36.94 49.06 -3.94
C TYR D 49 37.18 50.22 -4.89
N SER D 50 36.95 51.41 -4.33
CA SER D 50 37.07 52.72 -4.99
C SER D 50 36.45 52.61 -6.39
N ALA D 51 35.29 51.96 -6.45
CA ALA D 51 34.37 51.91 -7.62
C ALA D 51 34.95 51.05 -8.74
N SER D 52 36.26 50.92 -8.91
CA SER D 52 36.81 50.24 -10.13
C SER D 52 38.09 49.48 -9.82
N PHE D 53 38.50 49.38 -8.56
CA PHE D 53 39.81 48.84 -8.17
C PHE D 53 39.63 47.44 -7.58
N LEU D 54 40.20 46.42 -8.23
CA LEU D 54 40.13 44.99 -7.87
C LEU D 54 40.94 44.75 -6.60
N TYR D 55 40.39 43.97 -5.66
CA TYR D 55 41.00 43.70 -4.34
C TYR D 55 41.95 42.50 -4.49
N SER D 56 43.01 42.48 -3.68
CA SER D 56 44.07 41.44 -3.72
C SER D 56 43.44 40.08 -3.44
N GLY D 57 43.44 39.20 -4.45
CA GLY D 57 43.04 37.79 -4.34
C GLY D 57 41.85 37.49 -5.22
N VAL D 58 41.11 38.51 -5.60
CA VAL D 58 39.86 38.33 -6.38
C VAL D 58 40.23 38.07 -7.83
N PRO D 59 39.60 37.10 -8.52
CA PRO D 59 39.92 36.88 -9.93
C PRO D 59 39.62 38.07 -10.85
N SER D 60 40.19 38.02 -12.05
CA SER D 60 40.21 39.08 -13.09
C SER D 60 38.90 39.14 -13.88
N ARG D 61 37.96 38.22 -13.67
CA ARG D 61 36.67 38.23 -14.40
C ARG D 61 35.76 39.28 -13.75
N PHE D 62 36.12 39.76 -12.55
CA PHE D 62 35.40 40.83 -11.81
C PHE D 62 36.03 42.19 -12.16
N SER D 63 35.18 43.18 -12.46
CA SER D 63 35.53 44.53 -12.92
C SER D 63 34.44 45.52 -12.49
N GLY D 64 34.84 46.74 -12.13
CA GLY D 64 33.95 47.82 -11.68
C GLY D 64 33.99 48.98 -12.65
N SER D 65 32.96 49.81 -12.66
CA SER D 65 32.99 51.09 -13.42
C SER D 65 32.04 52.10 -12.80
N ARG D 66 32.22 53.36 -13.17
CA ARG D 66 31.34 54.49 -12.76
C ARG D 66 31.03 55.32 -14.00
N SER D 67 29.81 55.86 -14.06
CA SER D 67 29.36 56.95 -14.94
C SER D 67 28.34 57.78 -14.17
N GLY D 68 28.73 58.96 -13.65
CA GLY D 68 27.87 59.78 -12.77
C GLY D 68 27.46 59.01 -11.53
N THR D 69 26.15 58.95 -11.24
CA THR D 69 25.57 58.22 -10.08
C THR D 69 25.16 56.81 -10.52
N ASP D 70 25.95 56.16 -11.37
CA ASP D 70 25.68 54.83 -11.96
C ASP D 70 26.95 53.97 -11.85
N PHE D 71 26.88 52.89 -11.06
CA PHE D 71 27.98 51.93 -10.73
C PHE D 71 27.65 50.56 -11.33
N THR D 72 28.60 49.62 -11.41
CA THR D 72 28.51 48.54 -12.43
C THR D 72 29.48 47.40 -12.13
N LEU D 73 28.98 46.22 -11.78
CA LEU D 73 29.86 45.06 -11.50
C LEU D 73 29.82 44.10 -12.69
N THR D 74 30.95 43.55 -13.10
CA THR D 74 30.93 42.76 -14.35
C THR D 74 31.64 41.45 -14.06
N ILE D 75 31.04 40.36 -14.55
CA ILE D 75 31.69 39.02 -14.58
C ILE D 75 31.80 38.66 -16.06
N SER D 76 33.02 38.79 -16.58
CA SER D 76 33.37 38.65 -18.02
C SER D 76 33.01 37.26 -18.51
N SER D 77 33.21 36.26 -17.65
CA SER D 77 33.01 34.82 -17.97
C SER D 77 32.55 34.13 -16.69
N LEU D 78 31.23 33.95 -16.55
CA LEU D 78 30.59 33.50 -15.29
C LEU D 78 30.99 32.07 -14.99
N GLN D 79 31.10 31.73 -13.71
CA GLN D 79 31.53 30.39 -13.27
C GLN D 79 30.63 29.84 -12.16
N PRO D 80 30.60 28.50 -11.98
CA PRO D 80 29.77 27.87 -10.94
C PRO D 80 29.89 28.61 -9.61
N GLU D 81 31.12 28.77 -9.11
CA GLU D 81 31.45 29.47 -7.82
C GLU D 81 30.92 30.90 -7.77
N ASP D 82 30.70 31.53 -8.90
CA ASP D 82 30.12 32.89 -8.99
C ASP D 82 28.69 32.93 -8.44
N PHE D 83 28.08 31.80 -8.08
CA PHE D 83 26.77 31.80 -7.36
C PHE D 83 26.95 32.42 -5.95
N ALA D 84 26.18 33.50 -5.66
CA ALA D 84 26.25 34.37 -4.46
C ALA D 84 25.28 35.55 -4.63
N THR D 85 25.00 36.23 -3.51
CA THR D 85 24.33 37.53 -3.46
C THR D 85 25.46 38.58 -3.41
N TYR D 86 25.47 39.41 -4.45
CA TYR D 86 26.39 40.54 -4.62
C TYR D 86 25.69 41.81 -4.10
N TYR D 87 26.48 42.69 -3.48
CA TYR D 87 26.04 43.95 -2.81
C TYR D 87 27.05 45.07 -3.12
N CYS D 88 26.48 46.19 -3.57
CA CYS D 88 27.17 47.49 -3.65
C CYS D 88 26.94 48.15 -2.30
N GLN D 89 27.85 49.06 -1.95
CA GLN D 89 27.85 49.87 -0.71
C GLN D 89 28.58 51.16 -1.00
N GLN D 90 27.91 52.29 -0.82
CA GLN D 90 28.59 53.61 -0.70
C GLN D 90 29.09 53.75 0.72
N HIS D 91 30.05 54.65 0.92
CA HIS D 91 30.57 55.07 2.24
C HIS D 91 31.08 56.53 2.19
N TYR D 92 30.57 57.35 1.27
CA TYR D 92 30.94 58.79 1.14
C TYR D 92 30.61 59.51 2.44
N THR D 93 29.38 59.25 2.91
CA THR D 93 28.76 59.80 4.15
C THR D 93 28.81 58.77 5.30
N THR D 94 28.22 59.13 6.43
CA THR D 94 27.86 58.21 7.54
C THR D 94 26.39 58.44 7.89
N PRO D 95 25.52 57.42 7.80
CA PRO D 95 25.95 56.02 7.78
C PRO D 95 26.22 55.45 6.39
N PRO D 96 27.26 54.61 6.20
CA PRO D 96 27.35 53.74 5.02
C PRO D 96 26.03 52.99 4.74
N THR D 97 25.77 52.66 3.46
CA THR D 97 24.54 51.98 3.02
C THR D 97 24.84 51.03 1.86
N PHE D 98 23.89 50.15 1.60
CA PHE D 98 24.00 48.97 0.72
C PHE D 98 22.75 48.93 -0.16
N GLY D 99 22.73 48.05 -1.15
CA GLY D 99 21.57 47.80 -2.02
C GLY D 99 20.72 46.64 -1.55
N GLN D 100 19.64 46.35 -2.28
CA GLN D 100 18.69 45.24 -2.04
C GLN D 100 19.42 43.89 -2.12
N GLY D 101 20.47 43.83 -2.93
CA GLY D 101 21.25 42.60 -3.20
C GLY D 101 20.97 42.08 -4.61
N THR D 102 21.73 41.10 -5.10
CA THR D 102 21.46 40.48 -6.42
C THR D 102 21.90 39.04 -6.37
N LYS D 103 20.91 38.15 -6.34
CA LYS D 103 21.21 36.71 -6.28
C LYS D 103 21.59 36.38 -7.72
N VAL D 104 22.72 35.69 -7.83
CA VAL D 104 23.21 35.11 -9.09
C VAL D 104 23.13 33.57 -9.02
N GLU D 105 22.22 32.99 -9.80
CA GLU D 105 22.17 31.53 -10.04
C GLU D 105 22.68 31.27 -11.47
N ILE D 106 23.15 30.05 -11.69
CA ILE D 106 23.84 29.54 -12.90
C ILE D 106 22.86 28.70 -13.74
N LYS D 107 22.90 28.84 -15.06
CA LYS D 107 21.93 28.25 -16.00
C LYS D 107 22.64 27.09 -16.69
N ARG D 108 22.31 25.86 -16.25
CA ARG D 108 22.99 24.60 -16.69
C ARG D 108 21.95 23.73 -17.40
N THR D 109 22.42 22.60 -17.97
CA THR D 109 21.59 21.59 -18.68
C THR D 109 20.63 20.98 -17.66
N VAL D 110 19.45 20.59 -18.15
CA VAL D 110 18.40 19.93 -17.32
C VAL D 110 19.04 18.69 -16.65
N ALA D 111 18.97 18.55 -15.32
CA ALA D 111 19.38 17.33 -14.58
C ALA D 111 18.18 16.75 -13.82
N ALA D 112 18.10 15.44 -13.78
CA ALA D 112 17.02 14.68 -13.14
C ALA D 112 17.43 14.26 -11.74
N PRO D 113 16.57 14.44 -10.73
CA PRO D 113 16.93 13.98 -9.40
C PRO D 113 17.30 12.49 -9.35
N SER D 114 18.19 12.18 -8.42
CA SER D 114 18.33 10.82 -7.88
C SER D 114 17.46 10.76 -6.64
N VAL D 115 16.50 9.86 -6.64
CA VAL D 115 15.60 9.76 -5.46
C VAL D 115 16.04 8.60 -4.59
N PHE D 116 16.09 8.85 -3.29
CA PHE D 116 16.27 7.84 -2.22
C PHE D 116 15.25 8.11 -1.13
N ILE D 117 14.68 7.03 -0.57
CA ILE D 117 13.75 7.10 0.59
C ILE D 117 14.37 6.34 1.74
N PHE D 118 14.46 6.95 2.92
CA PHE D 118 14.88 6.27 4.17
C PHE D 118 13.67 6.14 5.08
N PRO D 119 13.49 4.96 5.71
CA PRO D 119 12.47 4.76 6.76
C PRO D 119 12.95 5.31 8.09
N PRO D 120 12.07 5.49 9.09
CA PRO D 120 12.49 5.92 10.42
C PRO D 120 13.49 4.97 11.09
N SER D 121 14.36 5.50 11.95
CA SER D 121 15.40 4.80 12.75
C SER D 121 14.76 3.95 13.86
N ASP D 122 15.33 2.82 14.21
CA ASP D 122 14.78 2.02 15.35
C ASP D 122 14.75 2.95 16.60
N GLU D 123 15.68 3.91 16.72
CA GLU D 123 15.82 4.78 17.93
C GLU D 123 14.75 5.85 18.01
N GLN D 124 14.36 6.45 16.89
CA GLN D 124 13.36 7.56 16.88
C GLN D 124 12.00 6.95 17.17
N LEU D 125 11.77 5.76 16.61
CA LEU D 125 10.53 4.99 16.77
C LEU D 125 10.35 4.78 18.27
N LYS D 126 11.36 4.21 18.93
CA LYS D 126 11.37 3.94 20.40
C LYS D 126 11.04 5.20 21.23
N SER D 127 10.90 6.38 20.62
CA SER D 127 10.56 7.64 21.31
C SER D 127 9.13 8.09 20.98
N GLY D 128 8.48 7.53 19.94
CA GLY D 128 7.07 7.78 19.62
C GLY D 128 6.88 8.47 18.28
N THR D 129 7.98 8.99 17.72
CA THR D 129 7.98 9.80 16.48
C THR D 129 8.38 8.87 15.34
N ALA D 130 7.86 9.14 14.14
CA ALA D 130 8.27 8.52 12.87
C ALA D 130 8.48 9.61 11.82
N SER D 131 9.73 9.72 11.32
CA SER D 131 10.20 10.69 10.30
C SER D 131 10.71 9.96 9.05
N VAL D 132 9.94 9.98 7.97
CA VAL D 132 10.33 9.37 6.67
C VAL D 132 10.83 10.46 5.73
N VAL D 133 12.08 10.35 5.25
CA VAL D 133 12.71 11.29 4.28
C VAL D 133 12.73 10.67 2.89
N CYS D 134 12.25 11.42 1.89
CA CYS D 134 12.52 11.31 0.41
C CYS D 134 13.68 12.28 0.08
N LEU D 135 14.75 11.82 -0.62
CA LEU D 135 15.94 12.64 -1.02
C LEU D 135 16.06 12.74 -2.55
N LEU D 136 15.88 13.96 -3.09
CA LEU D 136 16.15 14.35 -4.50
C LEU D 136 17.57 14.91 -4.57
N ASN D 137 18.54 14.14 -5.07
CA ASN D 137 19.95 14.58 -5.18
C ASN D 137 20.18 15.22 -6.55
N ASN D 138 20.86 16.38 -6.55
CA ASN D 138 21.54 17.07 -7.67
C ASN D 138 20.58 17.19 -8.87
N PHE D 139 19.62 18.11 -8.83
CA PHE D 139 18.73 18.32 -10.00
C PHE D 139 18.83 19.76 -10.47
N TYR D 140 18.37 19.98 -11.71
CA TYR D 140 18.18 21.32 -12.31
C TYR D 140 17.05 21.26 -13.33
N PRO D 141 16.06 22.19 -13.34
CA PRO D 141 16.00 23.35 -12.47
C PRO D 141 15.54 23.04 -11.05
N ARG D 142 15.28 24.11 -10.29
CA ARG D 142 14.87 24.14 -8.87
C ARG D 142 13.46 23.56 -8.69
N GLU D 143 12.57 23.73 -9.68
CA GLU D 143 11.12 23.43 -9.51
C GLU D 143 10.90 21.92 -9.49
N ALA D 144 10.80 21.37 -8.29
CA ALA D 144 10.50 19.94 -8.05
C ALA D 144 9.21 19.83 -7.24
N LYS D 145 8.36 18.88 -7.61
CA LYS D 145 7.12 18.48 -6.88
C LYS D 145 7.34 17.10 -6.24
N VAL D 146 7.25 17.00 -4.92
CA VAL D 146 7.42 15.71 -4.20
C VAL D 146 6.15 15.42 -3.40
N GLN D 147 5.63 14.20 -3.55
CA GLN D 147 4.33 13.74 -2.98
C GLN D 147 4.52 12.50 -2.08
N TRP D 148 3.62 12.33 -1.12
CA TRP D 148 3.68 11.25 -0.10
C TRP D 148 2.47 10.33 -0.25
N LYS D 149 2.72 9.03 -0.35
CA LYS D 149 1.68 7.98 -0.56
C LYS D 149 1.83 6.91 0.53
N VAL D 150 0.71 6.46 1.08
CA VAL D 150 0.62 5.39 2.13
C VAL D 150 -0.49 4.41 1.75
N ASP D 151 -0.19 3.11 1.70
CA ASP D 151 -1.08 2.11 1.06
C ASP D 151 -1.89 2.82 -0.03
N ASN D 152 -1.19 3.54 -0.91
CA ASN D 152 -1.72 4.21 -2.13
C ASN D 152 -2.59 5.41 -1.75
N ALA D 153 -2.44 5.98 -0.54
CA ALA D 153 -3.14 7.22 -0.10
C ALA D 153 -2.21 8.44 -0.13
N LEU D 154 -2.44 9.35 -1.07
CA LEU D 154 -1.89 10.74 -1.05
C LEU D 154 -2.18 11.36 0.32
N GLN D 155 -1.29 12.25 0.81
CA GLN D 155 -1.31 12.82 2.19
C GLN D 155 -1.38 14.34 2.11
N SER D 156 -1.44 15.04 3.25
CA SER D 156 -1.27 16.52 3.30
CA SER D 156 -1.33 16.52 3.30
C SER D 156 -1.00 17.00 4.72
N GLY D 157 -0.19 18.05 4.85
CA GLY D 157 0.06 18.76 6.13
C GLY D 157 1.03 18.04 7.05
N ASN D 158 1.59 16.90 6.61
CA ASN D 158 2.43 16.00 7.45
C ASN D 158 3.79 15.83 6.76
N SER D 159 4.13 16.73 5.84
CA SER D 159 5.50 16.84 5.26
C SER D 159 5.85 18.32 5.09
N GLN D 160 7.14 18.60 5.29
CA GLN D 160 7.87 19.86 4.97
C GLN D 160 9.08 19.50 4.09
N GLU D 161 9.29 20.25 3.01
CA GLU D 161 10.47 20.20 2.11
C GLU D 161 11.47 21.29 2.52
N SER D 162 12.78 21.00 2.36
CA SER D 162 13.92 21.98 2.35
C SER D 162 14.78 21.80 1.09
N VAL D 163 15.17 22.91 0.42
CA VAL D 163 16.07 22.91 -0.77
C VAL D 163 17.42 23.36 -0.29
N THR D 164 18.53 22.92 -0.91
CA THR D 164 19.85 23.54 -0.67
C THR D 164 19.99 24.77 -1.53
N GLU D 165 21.09 25.49 -1.38
CA GLU D 165 21.45 26.56 -2.35
C GLU D 165 22.36 25.91 -3.39
N GLN D 166 22.37 26.52 -4.59
CA GLN D 166 22.88 25.91 -5.83
C GLN D 166 24.24 25.36 -5.49
N ASP D 167 24.63 24.19 -6.04
CA ASP D 167 25.97 23.59 -5.83
C ASP D 167 26.97 24.62 -6.31
N SER D 168 28.16 24.66 -5.71
CA SER D 168 29.25 25.56 -6.16
C SER D 168 29.98 25.01 -7.41
N LYS D 169 29.92 23.71 -7.65
CA LYS D 169 30.67 23.05 -8.76
C LYS D 169 29.70 22.59 -9.85
N ASP D 170 28.57 21.99 -9.45
CA ASP D 170 27.59 21.32 -10.36
C ASP D 170 26.49 22.27 -10.79
N SER D 171 26.28 23.36 -10.08
CA SER D 171 25.13 24.27 -10.28
C SER D 171 23.83 23.48 -10.13
N THR D 172 23.86 22.45 -9.27
CA THR D 172 22.72 21.54 -8.99
C THR D 172 22.12 21.84 -7.60
N TYR D 173 20.86 21.46 -7.42
CA TYR D 173 20.10 21.59 -6.16
C TYR D 173 19.99 20.22 -5.49
N SER D 174 19.39 20.20 -4.32
CA SER D 174 19.08 18.96 -3.58
C SER D 174 17.97 19.25 -2.55
N LEU D 175 16.81 18.59 -2.63
CA LEU D 175 15.59 18.92 -1.83
C LEU D 175 15.14 17.75 -0.94
N SER D 176 15.16 17.89 0.40
CA SER D 176 14.58 16.89 1.33
C SER D 176 13.12 17.25 1.69
N SER D 177 12.21 16.27 1.51
CA SER D 177 10.81 16.22 2.02
C SER D 177 10.79 15.26 3.22
N THR D 178 9.94 15.50 4.22
CA THR D 178 10.02 14.84 5.55
C THR D 178 8.66 14.79 6.23
N LEU D 179 8.11 13.58 6.21
CA LEU D 179 6.75 13.16 6.67
C LEU D 179 6.77 12.91 8.18
N THR D 180 5.83 13.50 8.91
CA THR D 180 5.77 13.40 10.39
C THR D 180 4.52 12.61 10.80
N LEU D 181 4.70 11.68 11.72
CA LEU D 181 3.70 10.66 12.02
C LEU D 181 4.06 10.09 13.39
N SER D 182 3.08 9.51 14.06
CA SER D 182 3.27 8.90 15.39
C SER D 182 3.75 7.47 15.18
N LYS D 183 4.65 6.99 16.03
CA LYS D 183 4.89 5.54 16.10
C LYS D 183 3.53 4.86 15.90
N ALA D 184 2.50 5.39 16.59
CA ALA D 184 1.09 4.94 16.55
C ALA D 184 0.56 4.95 15.12
N ASP D 185 0.48 6.14 14.48
CA ASP D 185 -0.10 6.30 13.11
C ASP D 185 0.78 5.55 12.11
N TYR D 186 2.11 5.51 12.32
CA TYR D 186 3.09 4.89 11.38
C TYR D 186 2.82 3.38 11.35
N GLU D 187 2.59 2.78 12.52
CA GLU D 187 2.49 1.30 12.60
C GLU D 187 1.14 0.81 12.06
N LYS D 188 0.23 1.71 11.69
CA LYS D 188 -1.10 1.38 11.12
C LYS D 188 -0.96 0.92 9.66
N HIS D 189 -0.05 1.53 8.87
CA HIS D 189 0.11 1.33 7.40
C HIS D 189 1.42 0.62 7.06
N LYS D 190 1.58 0.21 5.80
CA LYS D 190 2.69 -0.68 5.37
C LYS D 190 3.55 -0.06 4.25
N VAL D 191 2.91 0.41 3.16
CA VAL D 191 3.63 0.81 1.91
C VAL D 191 3.74 2.33 1.90
N TYR D 192 4.93 2.80 2.26
CA TYR D 192 5.36 4.21 2.25
C TYR D 192 6.17 4.43 0.97
N ALA D 193 5.68 5.38 0.19
CA ALA D 193 6.09 5.66 -1.19
C ALA D 193 6.07 7.16 -1.42
N CYS D 194 7.17 7.76 -1.88
CA CYS D 194 7.22 9.22 -2.23
CA CYS D 194 7.28 9.20 -2.22
C CYS D 194 7.33 9.40 -3.74
N GLU D 195 6.47 10.25 -4.29
CA GLU D 195 6.32 10.41 -5.76
C GLU D 195 6.86 11.78 -6.17
N VAL D 196 7.90 11.75 -6.98
CA VAL D 196 8.64 12.93 -7.49
C VAL D 196 8.13 13.27 -8.89
N THR D 197 8.27 14.52 -9.29
CA THR D 197 7.91 15.05 -10.64
C THR D 197 8.88 16.19 -10.95
N HIS D 198 9.59 16.09 -12.08
CA HIS D 198 10.60 17.07 -12.52
C HIS D 198 10.68 17.10 -14.05
N GLN D 199 11.26 18.19 -14.61
CA GLN D 199 11.55 18.37 -16.07
C GLN D 199 12.52 17.27 -16.57
N GLY D 200 13.31 16.67 -15.66
CA GLY D 200 14.38 15.72 -16.00
C GLY D 200 13.81 14.34 -16.20
N LEU D 201 12.51 14.21 -15.94
CA LEU D 201 11.79 12.90 -15.87
C LEU D 201 10.69 12.90 -16.92
N CYS D 202 10.88 12.03 -17.92
CA CYS D 202 9.87 11.69 -18.94
C CYS D 202 8.67 11.07 -18.22
N SER D 203 8.79 10.73 -16.93
CA SER D 203 7.63 10.21 -16.15
C SER D 203 7.86 10.38 -14.65
N PRO D 204 6.79 10.69 -13.87
CA PRO D 204 6.84 10.55 -12.41
C PRO D 204 7.75 9.38 -12.03
N VAL D 205 8.50 9.49 -10.93
CA VAL D 205 9.37 8.40 -10.41
C VAL D 205 9.03 8.28 -8.93
N THR D 206 9.17 7.08 -8.37
CA THR D 206 8.64 6.71 -7.04
C THR D 206 9.68 5.85 -6.34
N LYS D 207 9.93 6.11 -5.05
CA LYS D 207 10.72 5.20 -4.19
C LYS D 207 9.84 4.88 -2.98
N CYS D 208 9.74 3.60 -2.70
CA CYS D 208 8.79 3.06 -1.70
C CYS D 208 9.49 1.99 -0.85
N PHE D 209 8.78 1.54 0.16
CA PHE D 209 9.23 0.43 1.04
C PHE D 209 8.01 -0.09 1.79
N ASN D 210 8.19 -1.25 2.38
CA ASN D 210 7.23 -1.80 3.37
C ASN D 210 7.86 -1.64 4.74
N ARG D 211 7.07 -1.11 5.64
CA ARG D 211 7.32 -1.18 7.11
C ARG D 211 7.62 -2.65 7.43
N GLY D 212 8.90 -2.99 7.61
CA GLY D 212 9.37 -4.35 7.99
C GLY D 212 10.58 -4.83 7.17
N VAL E 2 26.49 -41.44 -30.21
CA VAL E 2 25.08 -41.72 -30.71
C VAL E 2 24.37 -40.41 -31.11
N GLN E 3 24.00 -40.27 -32.37
CA GLN E 3 23.23 -39.10 -32.87
C GLN E 3 22.13 -39.57 -33.82
N LEU E 4 21.13 -38.72 -33.99
CA LEU E 4 19.89 -38.99 -34.74
C LEU E 4 19.44 -37.65 -35.33
N VAL E 5 19.71 -37.43 -36.60
CA VAL E 5 19.57 -36.09 -37.23
C VAL E 5 18.44 -36.15 -38.24
N GLU E 6 17.26 -35.75 -37.80
CA GLU E 6 16.12 -35.45 -38.69
C GLU E 6 16.59 -34.44 -39.73
N SER E 7 15.92 -34.38 -40.87
CA SER E 7 15.95 -33.29 -41.88
C SER E 7 14.74 -33.48 -42.80
N GLY E 8 14.52 -32.52 -43.68
CA GLY E 8 13.55 -32.63 -44.78
C GLY E 8 12.26 -31.90 -44.47
N GLY E 9 12.09 -31.31 -43.28
CA GLY E 9 10.85 -30.65 -42.84
C GLY E 9 10.84 -29.16 -43.17
N GLY E 10 9.70 -28.48 -42.98
CA GLY E 10 9.49 -27.07 -43.40
C GLY E 10 8.05 -26.82 -43.78
N LEU E 11 7.78 -25.86 -44.68
CA LEU E 11 6.39 -25.54 -45.10
C LEU E 11 5.90 -26.67 -46.01
N VAL E 12 4.58 -26.82 -46.19
CA VAL E 12 4.02 -27.71 -47.26
C VAL E 12 2.52 -27.48 -47.36
N GLN E 13 1.99 -27.50 -48.58
CA GLN E 13 0.55 -27.24 -48.89
C GLN E 13 -0.30 -28.37 -48.31
N PRO E 14 -1.53 -28.11 -47.82
CA PRO E 14 -2.50 -29.16 -47.57
C PRO E 14 -2.71 -29.98 -48.84
N GLY E 15 -2.78 -31.31 -48.68
CA GLY E 15 -2.80 -32.30 -49.79
C GLY E 15 -1.38 -32.68 -50.23
N GLY E 16 -0.39 -31.81 -49.97
CA GLY E 16 0.99 -31.90 -50.48
C GLY E 16 1.70 -33.11 -49.92
N SER E 17 3.04 -33.15 -49.94
CA SER E 17 3.82 -34.33 -49.49
C SER E 17 5.22 -33.94 -49.05
N LEU E 18 5.78 -34.65 -48.06
CA LEU E 18 7.17 -34.45 -47.57
C LEU E 18 7.83 -35.80 -47.33
N ARG E 19 9.15 -35.81 -47.31
CA ARG E 19 9.97 -36.97 -46.97
C ARG E 19 10.94 -36.52 -45.89
N LEU E 20 10.63 -36.75 -44.62
CA LEU E 20 11.62 -36.44 -43.57
C LEU E 20 12.68 -37.54 -43.58
N SER E 21 13.91 -37.21 -43.19
CA SER E 21 15.06 -38.16 -43.14
C SER E 21 15.54 -38.20 -41.69
N CYS E 22 16.27 -39.22 -41.28
CA CYS E 22 16.71 -39.36 -39.87
C CYS E 22 18.00 -40.18 -39.86
N ALA E 23 19.14 -39.49 -39.93
CA ALA E 23 20.47 -40.10 -40.15
C ALA E 23 21.05 -40.50 -38.81
N ALA E 24 21.39 -41.77 -38.66
CA ALA E 24 22.03 -42.33 -37.46
C ALA E 24 23.54 -42.04 -37.48
N SER E 25 24.10 -41.69 -36.30
CA SER E 25 25.56 -41.47 -36.06
C SER E 25 25.95 -42.08 -34.70
N GLY E 26 26.73 -43.16 -34.71
CA GLY E 26 27.28 -43.80 -33.49
C GLY E 26 26.64 -45.14 -33.19
N PHE E 27 25.90 -45.72 -34.14
CA PHE E 27 25.17 -47.02 -33.98
C PHE E 27 24.54 -47.42 -35.32
N ASN E 28 24.06 -48.66 -35.39
CA ASN E 28 23.60 -49.28 -36.66
C ASN E 28 22.08 -49.49 -36.57
N ILE E 29 21.32 -48.80 -37.43
CA ILE E 29 19.84 -48.80 -37.38
C ILE E 29 19.32 -50.22 -37.60
N LYS E 30 20.15 -51.14 -38.09
CA LYS E 30 19.71 -52.53 -38.41
C LYS E 30 19.52 -53.29 -37.10
N ASP E 31 20.22 -52.89 -36.04
CA ASP E 31 20.27 -53.61 -34.73
C ASP E 31 19.14 -53.12 -33.80
N THR E 32 18.25 -52.21 -34.24
CA THR E 32 17.17 -51.64 -33.37
C THR E 32 15.90 -51.32 -34.18
N TYR E 33 14.78 -51.05 -33.48
CA TYR E 33 13.58 -50.37 -34.02
C TYR E 33 13.82 -48.86 -34.08
N ILE E 34 13.16 -48.18 -35.00
CA ILE E 34 13.27 -46.71 -35.19
C ILE E 34 11.87 -46.12 -35.15
N HIS E 35 11.64 -45.09 -34.34
CA HIS E 35 10.31 -44.45 -34.13
C HIS E 35 10.28 -43.03 -34.69
N TRP E 36 9.11 -42.62 -35.16
CA TRP E 36 8.77 -41.22 -35.48
C TRP E 36 7.63 -40.81 -34.55
N VAL E 37 7.93 -39.82 -33.70
CA VAL E 37 6.98 -39.26 -32.70
C VAL E 37 6.86 -37.77 -32.99
N ARG E 38 5.63 -37.34 -33.28
CA ARG E 38 5.25 -35.91 -33.47
C ARG E 38 4.79 -35.28 -32.15
N GLN E 39 5.04 -33.98 -31.99
CA GLN E 39 4.49 -33.12 -30.92
C GLN E 39 3.91 -31.86 -31.54
N ALA E 40 2.58 -31.76 -31.54
CA ALA E 40 1.84 -30.58 -32.06
C ALA E 40 2.15 -29.35 -31.17
N PRO E 41 2.24 -28.10 -31.67
CA PRO E 41 2.70 -27.01 -30.82
C PRO E 41 1.84 -26.90 -29.55
N GLY E 42 2.52 -26.80 -28.40
CA GLY E 42 1.87 -26.63 -27.09
C GLY E 42 1.31 -27.93 -26.56
N LYS E 43 0.84 -28.83 -27.45
CA LYS E 43 0.25 -30.18 -27.17
C LYS E 43 1.36 -31.19 -26.83
N GLY E 44 0.99 -32.43 -26.56
CA GLY E 44 1.91 -33.49 -26.08
C GLY E 44 2.48 -34.37 -27.17
N LEU E 45 2.86 -35.60 -26.82
CA LEU E 45 3.64 -36.51 -27.71
C LEU E 45 2.69 -37.55 -28.28
N GLU E 46 2.66 -37.69 -29.60
CA GLU E 46 1.87 -38.71 -30.33
C GLU E 46 2.83 -39.55 -31.16
N TRP E 47 2.91 -40.84 -30.86
CA TRP E 47 3.67 -41.83 -31.65
C TRP E 47 2.99 -42.03 -33.01
N VAL E 48 3.74 -41.87 -34.11
CA VAL E 48 3.32 -41.95 -35.54
C VAL E 48 3.71 -43.28 -36.18
N ALA E 49 4.87 -43.87 -35.87
CA ALA E 49 5.30 -45.06 -36.62
C ALA E 49 6.63 -45.61 -36.13
N ARG E 50 6.96 -46.81 -36.59
CA ARG E 50 8.21 -47.51 -36.24
C ARG E 50 8.48 -48.52 -37.32
N ILE E 51 9.74 -48.98 -37.44
CA ILE E 51 10.23 -49.96 -38.45
C ILE E 51 11.39 -50.76 -37.87
N TYR E 52 11.36 -52.08 -38.05
CA TYR E 52 12.52 -52.96 -37.82
C TYR E 52 13.26 -53.00 -39.14
N PRO E 53 14.37 -52.22 -39.27
CA PRO E 53 15.07 -52.08 -40.54
C PRO E 53 15.67 -53.34 -41.17
N THR E 54 15.87 -54.44 -40.43
CA THR E 54 16.27 -55.72 -41.08
C THR E 54 15.14 -56.16 -42.02
N ASN E 55 14.05 -56.69 -41.46
CA ASN E 55 12.92 -57.29 -42.23
C ASN E 55 11.98 -56.20 -42.75
N GLY E 56 12.34 -54.91 -42.57
CA GLY E 56 11.55 -53.77 -43.06
C GLY E 56 10.14 -53.80 -42.51
N TYR E 57 9.93 -54.46 -41.34
CA TYR E 57 8.61 -54.58 -40.67
C TYR E 57 8.31 -53.28 -39.92
N THR E 58 7.14 -52.72 -40.20
CA THR E 58 6.67 -51.37 -39.84
C THR E 58 5.35 -51.48 -39.10
N ARG E 59 5.10 -50.62 -38.12
CA ARG E 59 3.77 -50.40 -37.48
C ARG E 59 3.48 -48.89 -37.48
N TYR E 60 2.23 -48.50 -37.77
CA TYR E 60 1.74 -47.10 -37.82
C TYR E 60 0.57 -46.88 -36.86
N ALA E 61 0.37 -45.62 -36.49
CA ALA E 61 -0.82 -45.10 -35.79
C ALA E 61 -1.97 -44.98 -36.79
N ASP E 62 -3.21 -45.07 -36.30
CA ASP E 62 -4.45 -45.03 -37.14
C ASP E 62 -4.52 -43.71 -37.90
N SER E 63 -4.28 -42.57 -37.24
CA SER E 63 -4.48 -41.23 -37.84
C SER E 63 -3.57 -41.04 -39.07
N VAL E 64 -2.56 -41.89 -39.25
CA VAL E 64 -1.51 -41.73 -40.29
C VAL E 64 -1.47 -42.91 -41.27
N LYS E 65 -2.22 -43.99 -41.05
CA LYS E 65 -2.26 -45.13 -42.03
C LYS E 65 -3.08 -44.71 -43.25
N GLY E 66 -2.62 -45.18 -44.43
CA GLY E 66 -3.21 -44.91 -45.76
C GLY E 66 -2.44 -43.83 -46.48
N ARG E 67 -1.79 -42.95 -45.70
CA ARG E 67 -1.18 -41.68 -46.14
C ARG E 67 0.33 -41.70 -45.91
N PHE E 68 0.77 -42.10 -44.70
CA PHE E 68 2.18 -41.98 -44.22
C PHE E 68 2.88 -43.32 -44.38
N THR E 69 4.09 -43.36 -44.93
CA THR E 69 4.89 -44.58 -45.14
C THR E 69 6.29 -44.39 -44.55
N ILE E 70 6.73 -45.31 -43.69
CA ILE E 70 8.06 -45.29 -43.02
C ILE E 70 8.97 -46.37 -43.63
N SER E 71 10.17 -45.94 -44.02
CA SER E 71 11.15 -46.77 -44.75
C SER E 71 12.48 -46.70 -44.02
N ALA E 72 13.48 -47.46 -44.50
CA ALA E 72 14.86 -47.44 -43.99
C ALA E 72 15.85 -47.89 -45.06
N ASP E 73 16.96 -47.15 -45.23
CA ASP E 73 18.12 -47.52 -46.09
C ASP E 73 19.22 -47.99 -45.13
N THR E 74 19.47 -49.29 -45.06
CA THR E 74 20.57 -49.89 -44.26
C THR E 74 21.92 -49.50 -44.88
N SER E 75 21.88 -48.88 -46.07
CA SER E 75 23.05 -48.39 -46.84
C SER E 75 23.62 -47.12 -46.21
N LYS E 76 22.76 -46.10 -46.06
CA LYS E 76 23.07 -44.76 -45.49
C LYS E 76 22.80 -44.73 -43.98
N ASN E 77 22.33 -45.82 -43.37
CA ASN E 77 22.08 -45.84 -41.92
C ASN E 77 20.99 -44.80 -41.65
N THR E 78 19.90 -44.87 -42.42
CA THR E 78 18.92 -43.77 -42.58
C THR E 78 17.51 -44.33 -42.72
N ALA E 79 16.58 -43.75 -41.94
CA ALA E 79 15.13 -44.00 -41.94
C ALA E 79 14.41 -42.76 -42.46
N TYR E 80 13.35 -42.97 -43.21
CA TYR E 80 12.57 -41.92 -43.92
C TYR E 80 11.11 -42.06 -43.52
N LEU E 81 10.49 -40.94 -43.13
CA LEU E 81 9.02 -40.84 -43.07
C LEU E 81 8.59 -40.07 -44.32
N GLN E 82 8.21 -40.80 -45.35
CA GLN E 82 7.49 -40.24 -46.52
C GLN E 82 6.07 -39.92 -46.04
N MET E 83 5.71 -38.65 -46.03
CA MET E 83 4.39 -38.16 -45.60
C MET E 83 3.65 -37.64 -46.81
N ASN E 84 2.65 -38.37 -47.31
CA ASN E 84 1.76 -37.96 -48.41
C ASN E 84 0.36 -37.60 -47.88
N SER E 85 -0.41 -36.85 -48.68
CA SER E 85 -1.84 -36.51 -48.42
C SER E 85 -1.94 -35.76 -47.08
N LEU E 86 -1.22 -34.63 -46.93
CA LEU E 86 -1.06 -33.92 -45.63
C LEU E 86 -2.28 -33.04 -45.40
N ARG E 87 -2.47 -32.67 -44.13
CA ARG E 87 -3.65 -31.98 -43.54
C ARG E 87 -3.14 -31.30 -42.27
N ALA E 88 -3.67 -30.13 -41.92
CA ALA E 88 -3.14 -29.27 -40.83
C ALA E 88 -3.16 -30.01 -39.48
N GLU E 89 -3.94 -31.08 -39.33
CA GLU E 89 -3.88 -31.96 -38.12
C GLU E 89 -2.48 -32.57 -37.97
N ASP E 90 -1.64 -32.51 -39.01
CA ASP E 90 -0.27 -33.10 -39.01
C ASP E 90 0.78 -32.02 -38.79
N THR E 91 0.40 -30.78 -38.49
CA THR E 91 1.37 -29.66 -38.27
C THR E 91 1.99 -29.82 -36.89
N ALA E 92 3.31 -30.10 -36.84
CA ALA E 92 3.98 -30.44 -35.56
C ALA E 92 5.47 -30.61 -35.75
N VAL E 93 6.15 -30.57 -34.61
CA VAL E 93 7.58 -30.96 -34.51
C VAL E 93 7.60 -32.49 -34.52
N TYR E 94 8.23 -33.08 -35.55
CA TYR E 94 8.47 -34.54 -35.72
C TYR E 94 9.83 -34.88 -35.12
N TYR E 95 9.86 -35.78 -34.14
CA TYR E 95 11.09 -36.34 -33.57
C TYR E 95 11.27 -37.74 -34.17
N CYS E 96 12.50 -38.18 -34.35
CA CYS E 96 12.76 -39.61 -34.64
C CYS E 96 13.53 -40.16 -33.45
N SER E 97 13.18 -41.38 -33.04
CA SER E 97 13.78 -42.07 -31.88
C SER E 97 14.08 -43.53 -32.24
N ARG E 98 14.62 -44.27 -31.27
CA ARG E 98 15.08 -45.67 -31.41
C ARG E 98 14.92 -46.39 -30.06
N TRP E 99 14.40 -47.61 -30.07
CA TRP E 99 14.43 -48.53 -28.90
C TRP E 99 15.87 -49.00 -28.69
N GLY E 100 16.35 -48.95 -27.43
CA GLY E 100 17.76 -49.15 -27.04
C GLY E 100 18.37 -50.42 -27.62
N GLY E 101 18.43 -51.48 -26.80
CA GLY E 101 18.99 -52.80 -27.15
C GLY E 101 17.89 -53.86 -27.21
N ASP E 102 18.24 -55.11 -26.88
CA ASP E 102 17.33 -56.29 -26.90
C ASP E 102 16.82 -56.54 -25.48
N GLY E 103 15.49 -56.56 -25.29
CA GLY E 103 14.82 -56.56 -23.97
C GLY E 103 14.91 -55.21 -23.29
N PHE E 104 14.96 -54.13 -24.09
CA PHE E 104 15.09 -52.71 -23.68
C PHE E 104 14.28 -51.88 -24.68
N TYR E 105 13.02 -51.58 -24.33
CA TYR E 105 11.98 -51.01 -25.23
C TYR E 105 11.70 -49.54 -24.84
N ALA E 106 12.47 -48.98 -23.91
CA ALA E 106 12.52 -47.53 -23.65
C ALA E 106 13.18 -46.83 -24.85
N MET E 107 12.75 -45.61 -25.17
CA MET E 107 13.32 -44.78 -26.24
C MET E 107 14.42 -43.90 -25.63
N ASP E 108 15.70 -44.34 -25.71
CA ASP E 108 16.85 -43.75 -24.96
C ASP E 108 17.43 -42.57 -25.75
N TYR E 109 17.42 -42.62 -27.08
CA TYR E 109 17.89 -41.49 -27.91
C TYR E 109 16.79 -40.98 -28.84
N TRP E 110 16.61 -39.65 -28.78
CA TRP E 110 15.77 -38.86 -29.72
C TRP E 110 16.64 -37.78 -30.34
N GLY E 111 16.42 -37.53 -31.64
CA GLY E 111 16.96 -36.36 -32.35
C GLY E 111 16.38 -35.06 -31.82
N GLN E 112 16.67 -33.93 -32.48
CA GLN E 112 16.20 -32.57 -32.10
C GLN E 112 14.83 -32.36 -32.79
N GLY E 113 14.52 -33.22 -33.76
CA GLY E 113 13.26 -33.12 -34.49
C GLY E 113 13.30 -31.99 -35.50
N THR E 114 12.15 -31.71 -36.09
CA THR E 114 12.00 -30.77 -37.23
C THR E 114 10.52 -30.38 -37.32
N LEU E 115 10.28 -29.10 -37.53
CA LEU E 115 8.91 -28.55 -37.63
C LEU E 115 8.38 -28.91 -39.01
N VAL E 116 7.08 -29.17 -39.10
CA VAL E 116 6.35 -29.33 -40.38
C VAL E 116 5.08 -28.49 -40.23
N THR E 117 5.02 -27.36 -40.95
CA THR E 117 3.85 -26.47 -41.01
C THR E 117 3.08 -26.84 -42.27
N VAL E 118 1.95 -27.54 -42.13
CA VAL E 118 0.98 -27.79 -43.23
C VAL E 118 0.13 -26.52 -43.36
N SER E 119 0.64 -25.55 -44.13
CA SER E 119 -0.03 -24.28 -44.46
C SER E 119 0.10 -24.02 -45.96
N SER E 120 -0.76 -23.17 -46.52
CA SER E 120 -0.83 -22.81 -47.96
C SER E 120 -0.51 -21.32 -48.14
N ALA E 121 -0.22 -20.62 -47.05
CA ALA E 121 0.32 -19.24 -47.06
C ALA E 121 1.63 -19.29 -47.83
N SER E 122 2.16 -18.14 -48.25
CA SER E 122 3.54 -18.07 -48.78
C SER E 122 4.45 -18.06 -47.56
N THR E 123 5.61 -18.70 -47.66
CA THR E 123 6.80 -18.36 -46.85
C THR E 123 7.01 -16.83 -46.93
N LYS E 124 7.57 -16.26 -45.88
CA LYS E 124 8.04 -14.86 -45.85
C LYS E 124 9.23 -14.80 -44.89
N GLY E 125 10.16 -13.90 -45.15
CA GLY E 125 11.42 -13.80 -44.41
C GLY E 125 11.44 -12.53 -43.58
N PRO E 126 12.11 -12.58 -42.39
CA PRO E 126 12.12 -11.49 -41.41
C PRO E 126 13.11 -10.37 -41.75
N SER E 127 12.75 -9.13 -41.42
CA SER E 127 13.69 -8.02 -41.22
C SER E 127 14.32 -8.19 -39.85
N VAL E 128 15.48 -7.57 -39.63
CA VAL E 128 16.18 -7.49 -38.31
C VAL E 128 16.58 -6.02 -38.10
N PHE E 129 16.44 -5.60 -36.87
CA PHE E 129 16.41 -4.20 -36.39
C PHE E 129 17.00 -4.29 -35.00
N PRO E 130 17.91 -3.37 -34.63
CA PRO E 130 18.57 -3.42 -33.33
C PRO E 130 17.68 -2.72 -32.31
N LEU E 131 17.90 -3.08 -31.05
CA LEU E 131 17.32 -2.46 -29.84
C LEU E 131 18.47 -1.74 -29.13
N ALA E 132 18.71 -0.49 -29.54
CA ALA E 132 19.92 0.26 -29.13
C ALA E 132 19.91 0.43 -27.61
N PRO E 133 21.05 0.15 -26.94
CA PRO E 133 21.18 0.34 -25.49
C PRO E 133 20.88 1.76 -25.01
N SER E 134 20.29 1.90 -23.81
CA SER E 134 20.00 3.22 -23.18
C SER E 134 21.28 4.04 -23.04
N SER E 135 21.19 5.31 -23.44
CA SER E 135 22.13 6.39 -23.10
C SER E 135 22.30 6.44 -21.58
N LYS E 136 21.21 6.64 -20.83
CA LYS E 136 21.22 6.81 -19.35
C LYS E 136 22.19 5.78 -18.74
N SER E 137 22.02 4.51 -19.13
CA SER E 137 22.94 3.37 -18.83
C SER E 137 23.28 3.32 -17.34
N THR E 138 22.28 3.57 -16.47
CA THR E 138 22.41 3.71 -14.99
C THR E 138 23.58 4.69 -14.70
N SER E 139 24.62 4.25 -13.99
CA SER E 139 25.88 5.02 -13.76
C SER E 139 27.08 4.06 -13.58
N GLY E 140 27.05 2.90 -14.25
CA GLY E 140 28.05 1.82 -14.09
C GLY E 140 27.45 0.62 -13.38
N GLY E 141 26.50 -0.04 -14.04
CA GLY E 141 25.71 -1.17 -13.47
C GLY E 141 25.36 -2.14 -14.57
N THR E 142 24.07 -2.30 -14.87
CA THR E 142 23.58 -3.15 -15.99
C THR E 142 22.71 -2.32 -16.95
N ALA E 143 22.92 -2.50 -18.27
CA ALA E 143 21.97 -2.09 -19.33
C ALA E 143 21.66 -3.31 -20.22
N ALA E 144 20.63 -3.21 -21.07
CA ALA E 144 20.29 -4.26 -22.06
C ALA E 144 20.46 -3.75 -23.49
N LEU E 145 20.22 -4.62 -24.45
CA LEU E 145 20.31 -4.36 -25.91
C LEU E 145 19.86 -5.63 -26.60
N GLY E 146 19.51 -5.54 -27.88
CA GLY E 146 18.84 -6.70 -28.50
C GLY E 146 18.68 -6.53 -29.98
N CYS E 147 18.24 -7.60 -30.65
CA CYS E 147 17.76 -7.59 -32.04
CA CYS E 147 17.72 -7.51 -32.02
C CYS E 147 16.28 -7.98 -32.04
N LEU E 148 15.44 -7.17 -32.68
CA LEU E 148 14.05 -7.49 -33.01
C LEU E 148 14.12 -8.31 -34.29
N VAL E 149 13.27 -9.33 -34.40
CA VAL E 149 13.15 -10.17 -35.63
C VAL E 149 11.67 -10.17 -36.02
N LYS E 150 11.32 -9.44 -37.07
CA LYS E 150 9.92 -9.09 -37.38
C LYS E 150 9.49 -9.67 -38.74
N ASP E 151 8.29 -10.24 -38.78
CA ASP E 151 7.50 -10.45 -40.01
C ASP E 151 8.18 -11.52 -40.82
N TYR E 152 8.10 -12.76 -40.35
CA TYR E 152 8.56 -13.99 -41.04
C TYR E 152 7.47 -15.05 -40.93
N PHE E 153 7.48 -15.97 -41.89
CA PHE E 153 6.58 -17.15 -41.90
C PHE E 153 7.31 -18.28 -42.60
N PRO E 154 7.14 -19.53 -42.14
CA PRO E 154 6.56 -19.81 -40.83
C PRO E 154 7.74 -19.90 -39.88
N GLU E 155 7.49 -20.44 -38.69
CA GLU E 155 8.51 -20.73 -37.66
C GLU E 155 9.50 -21.73 -38.24
N PRO E 156 10.69 -21.91 -37.63
CA PRO E 156 11.14 -21.14 -36.48
C PRO E 156 12.22 -20.14 -36.89
N VAL E 157 12.64 -19.31 -35.94
CA VAL E 157 13.89 -18.50 -36.00
C VAL E 157 14.89 -19.11 -35.00
N THR E 158 16.19 -18.97 -35.25
CA THR E 158 17.29 -19.37 -34.33
C THR E 158 18.29 -18.24 -34.22
N VAL E 159 18.53 -17.76 -33.01
CA VAL E 159 19.44 -16.62 -32.74
C VAL E 159 20.57 -17.12 -31.86
N SER E 160 21.82 -16.83 -32.23
CA SER E 160 23.01 -16.82 -31.33
C SER E 160 23.51 -15.38 -31.26
N TRP E 161 24.60 -15.07 -30.56
CA TRP E 161 25.09 -13.68 -30.30
C TRP E 161 26.62 -13.69 -30.32
N ASN E 162 27.28 -12.86 -31.14
CA ASN E 162 28.75 -12.90 -31.28
C ASN E 162 29.12 -14.36 -31.58
N SER E 163 28.26 -15.02 -32.35
CA SER E 163 28.33 -16.42 -32.83
C SER E 163 28.68 -17.41 -31.72
N GLY E 164 28.16 -17.22 -30.50
CA GLY E 164 28.29 -18.17 -29.38
C GLY E 164 29.05 -17.56 -28.21
N ALA E 165 29.70 -16.42 -28.45
CA ALA E 165 30.55 -15.69 -27.47
C ALA E 165 29.70 -14.92 -26.44
N LEU E 166 28.38 -15.10 -26.44
CA LEU E 166 27.51 -14.43 -25.43
C LEU E 166 26.23 -15.23 -25.26
N THR E 167 26.20 -16.05 -24.20
CA THR E 167 25.09 -16.94 -23.78
C THR E 167 24.45 -16.36 -22.52
N SER E 168 25.26 -16.00 -21.52
CA SER E 168 24.78 -15.60 -20.17
C SER E 168 23.92 -14.35 -20.36
N GLY E 169 22.67 -14.40 -19.90
CA GLY E 169 21.76 -13.24 -19.88
C GLY E 169 21.06 -13.04 -21.21
N VAL E 170 21.03 -14.09 -22.03
CA VAL E 170 20.35 -14.10 -23.36
C VAL E 170 18.91 -14.56 -23.12
N HIS E 171 17.94 -13.78 -23.59
CA HIS E 171 16.48 -14.08 -23.47
C HIS E 171 15.84 -13.98 -24.85
N THR E 172 15.63 -15.12 -25.50
CA THR E 172 15.05 -15.22 -26.85
C THR E 172 13.59 -15.61 -26.66
N PHE E 173 12.72 -14.63 -26.81
CA PHE E 173 11.28 -14.68 -26.44
C PHE E 173 10.58 -15.68 -27.35
N PRO E 174 9.57 -16.42 -26.85
CA PRO E 174 8.57 -17.04 -27.73
C PRO E 174 7.98 -16.04 -28.73
N ALA E 175 8.01 -16.40 -30.01
CA ALA E 175 7.53 -15.52 -31.10
C ALA E 175 6.00 -15.39 -31.00
N VAL E 176 5.42 -14.25 -31.36
CA VAL E 176 3.96 -13.96 -31.32
C VAL E 176 3.45 -13.87 -32.74
N LEU E 177 2.16 -14.10 -32.95
CA LEU E 177 1.53 -14.13 -34.29
C LEU E 177 0.71 -12.86 -34.49
N GLN E 178 1.18 -12.01 -35.40
CA GLN E 178 0.57 -10.70 -35.71
C GLN E 178 -0.76 -10.94 -36.46
N SER E 179 -1.62 -9.95 -36.58
CA SER E 179 -2.89 -10.13 -37.34
C SER E 179 -2.58 -10.06 -38.84
N SER E 180 -1.32 -9.82 -39.22
CA SER E 180 -0.82 -10.01 -40.60
C SER E 180 -0.76 -11.52 -40.94
N GLY E 181 -0.48 -12.38 -39.95
CA GLY E 181 -0.24 -13.82 -40.17
C GLY E 181 1.24 -14.12 -40.14
N LEU E 182 2.03 -13.10 -39.79
CA LEU E 182 3.51 -13.13 -39.75
C LEU E 182 3.91 -13.12 -38.29
N TYR E 183 5.02 -13.79 -37.99
CA TYR E 183 5.59 -13.85 -36.63
C TYR E 183 6.61 -12.73 -36.54
N SER E 184 6.86 -12.34 -35.32
CA SER E 184 7.93 -11.45 -34.86
C SER E 184 8.25 -11.92 -33.45
N LEU E 185 9.51 -11.85 -33.05
CA LEU E 185 9.94 -12.08 -31.66
C LEU E 185 10.99 -11.04 -31.32
N SER E 186 11.58 -11.14 -30.15
CA SER E 186 12.78 -10.35 -29.83
C SER E 186 13.78 -11.25 -29.13
N SER E 187 15.04 -10.82 -29.11
CA SER E 187 16.16 -11.47 -28.41
C SER E 187 16.95 -10.35 -27.76
N VAL E 188 17.07 -10.36 -26.44
CA VAL E 188 17.80 -9.33 -25.65
C VAL E 188 18.84 -10.05 -24.81
N VAL E 189 19.93 -9.34 -24.49
CA VAL E 189 21.01 -9.79 -23.57
C VAL E 189 21.31 -8.57 -22.74
N THR E 190 21.57 -8.75 -21.43
CA THR E 190 21.88 -7.70 -20.41
C THR E 190 23.38 -7.74 -20.12
N VAL E 191 23.98 -6.57 -19.85
CA VAL E 191 25.47 -6.43 -19.90
C VAL E 191 25.91 -5.23 -19.08
N PRO E 192 27.08 -5.33 -18.42
CA PRO E 192 27.52 -4.33 -17.46
C PRO E 192 27.67 -3.00 -18.20
N SER E 193 26.70 -2.10 -18.02
CA SER E 193 26.64 -0.77 -18.67
C SER E 193 28.05 -0.21 -18.90
N SER E 194 29.05 -0.64 -18.14
CA SER E 194 30.46 -0.18 -18.30
C SER E 194 30.89 -0.39 -19.76
N SER E 195 30.67 -1.60 -20.29
CA SER E 195 31.16 -2.09 -21.62
C SER E 195 30.15 -1.77 -22.74
N LEU E 196 30.11 -0.50 -23.17
CA LEU E 196 29.17 -0.03 -24.23
C LEU E 196 29.97 0.27 -25.50
N GLY E 197 30.95 1.18 -25.41
CA GLY E 197 31.92 1.45 -26.49
C GLY E 197 32.92 0.30 -26.63
N THR E 198 33.45 -0.17 -25.50
CA THR E 198 34.63 -1.06 -25.38
C THR E 198 34.37 -2.46 -25.98
N GLN E 199 33.11 -2.88 -26.19
CA GLN E 199 32.82 -4.27 -26.61
C GLN E 199 31.86 -4.27 -27.82
N THR E 200 31.53 -5.44 -28.37
CA THR E 200 30.89 -5.62 -29.70
C THR E 200 29.77 -6.67 -29.61
N TYR E 201 28.54 -6.30 -29.93
CA TYR E 201 27.39 -7.22 -29.81
C TYR E 201 26.71 -7.35 -31.16
N ILE E 202 26.84 -8.53 -31.72
CA ILE E 202 26.29 -8.91 -33.06
C ILE E 202 25.26 -9.99 -32.76
N CYS E 203 24.19 -10.10 -33.54
CA CYS E 203 23.22 -11.22 -33.39
CA CYS E 203 23.26 -11.26 -33.37
C CYS E 203 23.14 -12.02 -34.70
N ASN E 204 23.01 -13.34 -34.57
CA ASN E 204 22.98 -14.30 -35.70
C ASN E 204 21.53 -14.77 -35.86
N VAL E 205 20.76 -14.05 -36.68
CA VAL E 205 19.35 -14.40 -36.96
C VAL E 205 19.34 -15.35 -38.15
N ASN E 206 18.66 -16.50 -38.01
CA ASN E 206 18.71 -17.60 -39.01
C ASN E 206 17.31 -18.17 -39.22
N HIS E 207 16.74 -17.93 -40.41
CA HIS E 207 15.44 -18.45 -40.89
C HIS E 207 15.67 -19.19 -42.19
N LYS E 208 15.66 -20.52 -42.14
CA LYS E 208 16.06 -21.41 -43.25
C LYS E 208 14.95 -21.48 -44.28
N PRO E 209 13.64 -21.59 -43.90
CA PRO E 209 12.56 -21.60 -44.89
C PRO E 209 12.50 -20.41 -45.88
N SER E 210 13.32 -19.38 -45.62
CA SER E 210 13.56 -18.21 -46.51
C SER E 210 15.05 -18.11 -46.92
N ASN E 211 15.91 -19.01 -46.41
CA ASN E 211 17.41 -19.05 -46.52
C ASN E 211 17.99 -17.67 -46.18
N THR E 212 17.37 -17.00 -45.22
CA THR E 212 17.91 -15.80 -44.54
C THR E 212 18.99 -16.21 -43.55
N LYS E 213 20.16 -15.59 -43.69
CA LYS E 213 21.20 -15.48 -42.64
C LYS E 213 21.54 -14.00 -42.50
N VAL E 214 21.24 -13.40 -41.33
CA VAL E 214 21.60 -11.99 -40.96
C VAL E 214 22.49 -12.02 -39.71
N ASP E 215 23.41 -11.05 -39.59
CA ASP E 215 24.46 -10.98 -38.53
C ASP E 215 24.61 -9.52 -38.08
N LYS E 216 23.54 -8.89 -37.61
CA LYS E 216 23.45 -7.43 -37.28
C LYS E 216 24.16 -7.11 -35.97
N LYS E 217 24.77 -5.91 -35.90
CA LYS E 217 25.65 -5.37 -34.82
C LYS E 217 24.97 -4.20 -34.10
N VAL E 218 24.67 -4.35 -32.81
CA VAL E 218 23.76 -3.42 -32.08
C VAL E 218 24.62 -2.34 -31.44
N GLU E 219 24.30 -1.07 -31.72
CA GLU E 219 25.19 0.12 -31.62
C GLU E 219 24.63 1.15 -30.64
N PRO E 220 25.34 1.49 -29.55
CA PRO E 220 24.80 2.43 -28.55
C PRO E 220 24.37 3.78 -29.14
N LYS E 221 23.27 4.32 -28.61
CA LYS E 221 22.77 5.66 -28.98
C LYS E 221 21.84 6.14 -27.84
N ASP F 1 -6.86 -48.99 -27.21
CA ASP F 1 -5.41 -48.77 -26.92
C ASP F 1 -5.26 -48.44 -25.44
N ILE F 2 -4.03 -48.49 -24.93
CA ILE F 2 -3.78 -48.27 -23.47
C ILE F 2 -3.74 -46.76 -23.22
N GLN F 3 -4.84 -46.19 -22.75
CA GLN F 3 -4.95 -44.78 -22.30
C GLN F 3 -4.05 -44.59 -21.07
N MET F 4 -3.40 -43.43 -20.92
CA MET F 4 -2.42 -43.16 -19.83
C MET F 4 -2.76 -41.82 -19.18
N THR F 5 -2.91 -41.84 -17.84
CA THR F 5 -3.57 -40.81 -17.02
C THR F 5 -2.57 -40.31 -15.99
N GLN F 6 -1.93 -39.20 -16.31
CA GLN F 6 -0.85 -38.58 -15.51
C GLN F 6 -1.52 -37.64 -14.52
N SER F 7 -0.91 -37.41 -13.36
CA SER F 7 -1.33 -36.42 -12.32
C SER F 7 -0.10 -35.92 -11.59
N PRO F 8 -0.01 -34.60 -11.27
CA PRO F 8 -1.01 -33.61 -11.67
C PRO F 8 -0.64 -32.75 -12.90
N SER F 9 -1.59 -32.56 -13.83
CA SER F 9 -1.46 -31.67 -15.02
C SER F 9 -0.35 -30.62 -14.83
N SER F 10 -0.55 -29.63 -13.95
CA SER F 10 0.42 -28.58 -13.60
C SER F 10 1.04 -28.91 -12.24
N LEU F 11 2.08 -28.18 -11.87
CA LEU F 11 2.75 -28.31 -10.55
C LEU F 11 3.64 -27.08 -10.33
N SER F 12 3.82 -26.72 -9.06
CA SER F 12 4.90 -25.84 -8.58
C SER F 12 5.37 -26.31 -7.20
N ALA F 13 6.66 -26.57 -7.04
CA ALA F 13 7.30 -26.95 -5.76
C ALA F 13 8.59 -26.15 -5.58
N SER F 14 9.03 -25.90 -4.35
CA SER F 14 10.31 -25.20 -3.96
C SER F 14 11.52 -26.16 -4.09
N VAL F 15 12.75 -25.61 -4.01
CA VAL F 15 14.04 -26.35 -4.22
C VAL F 15 14.41 -27.08 -2.93
N GLY F 16 14.83 -28.35 -3.06
CA GLY F 16 15.01 -29.26 -1.91
C GLY F 16 13.73 -30.03 -1.59
N ASP F 17 12.62 -29.76 -2.30
CA ASP F 17 11.34 -30.51 -2.10
C ASP F 17 11.48 -31.90 -2.72
N ARG F 18 10.66 -32.81 -2.19
CA ARG F 18 10.24 -34.09 -2.80
C ARG F 18 8.90 -33.87 -3.50
N VAL F 19 8.87 -34.01 -4.82
CA VAL F 19 7.61 -33.99 -5.64
C VAL F 19 7.49 -35.36 -6.30
N THR F 20 6.26 -35.76 -6.65
CA THR F 20 5.87 -37.13 -7.07
C THR F 20 4.79 -37.07 -8.14
N ILE F 21 5.09 -37.48 -9.35
CA ILE F 21 4.08 -37.45 -10.44
C ILE F 21 3.61 -38.88 -10.64
N THR F 22 2.30 -39.12 -10.72
CA THR F 22 1.79 -40.51 -10.82
C THR F 22 1.20 -40.69 -12.23
N CYS F 23 1.22 -41.92 -12.74
CA CYS F 23 0.66 -42.28 -14.07
C CYS F 23 -0.17 -43.56 -13.92
N ARG F 24 -1.41 -43.56 -14.42
CA ARG F 24 -2.33 -44.72 -14.35
C ARG F 24 -2.60 -45.25 -15.76
N ALA F 25 -2.65 -46.57 -15.92
CA ALA F 25 -2.89 -47.28 -17.20
C ALA F 25 -4.36 -47.71 -17.30
N SER F 26 -4.92 -47.76 -18.53
CA SER F 26 -6.33 -48.15 -18.84
C SER F 26 -6.44 -49.67 -18.97
N GLN F 27 -5.30 -50.37 -19.03
CA GLN F 27 -5.18 -51.84 -18.87
C GLN F 27 -3.97 -52.06 -17.97
N ASP F 28 -3.59 -53.31 -17.71
CA ASP F 28 -2.32 -53.63 -17.01
C ASP F 28 -1.21 -53.54 -18.05
N VAL F 29 -0.02 -53.11 -17.63
CA VAL F 29 1.14 -52.78 -18.52
C VAL F 29 2.44 -53.39 -17.95
N ASN F 30 2.41 -54.02 -16.78
CA ASN F 30 3.55 -54.70 -16.14
C ASN F 30 4.61 -53.69 -15.67
N THR F 31 5.83 -53.74 -16.18
CA THR F 31 6.93 -52.82 -15.82
C THR F 31 7.32 -52.01 -17.06
N ALA F 32 6.34 -51.77 -17.93
CA ALA F 32 6.52 -51.36 -19.35
C ALA F 32 6.47 -49.84 -19.51
N VAL F 33 6.95 -49.12 -18.50
CA VAL F 33 6.74 -47.65 -18.36
C VAL F 33 8.11 -46.97 -18.28
N ALA F 34 8.35 -46.00 -19.16
CA ALA F 34 9.51 -45.07 -19.11
C ALA F 34 9.05 -43.64 -18.77
N TRP F 35 9.99 -42.91 -18.14
CA TRP F 35 9.85 -41.48 -17.79
C TRP F 35 10.84 -40.62 -18.57
N TYR F 36 10.31 -39.59 -19.22
CA TYR F 36 11.06 -38.57 -19.99
C TYR F 36 10.81 -37.17 -19.43
N GLN F 37 11.82 -36.31 -19.54
CA GLN F 37 11.75 -34.86 -19.26
C GLN F 37 12.08 -34.12 -20.57
N GLN F 38 11.23 -33.12 -20.87
CA GLN F 38 11.43 -32.20 -22.01
C GLN F 38 11.65 -30.76 -21.52
N LYS F 39 12.71 -30.12 -21.97
CA LYS F 39 13.06 -28.71 -21.65
C LYS F 39 12.82 -27.82 -22.89
N PRO F 40 12.36 -26.55 -22.75
CA PRO F 40 11.94 -25.72 -23.89
C PRO F 40 12.66 -25.95 -25.23
N GLY F 41 11.90 -26.18 -26.30
CA GLY F 41 12.43 -26.43 -27.66
C GLY F 41 13.23 -27.72 -27.79
N LYS F 42 13.75 -28.25 -26.66
CA LYS F 42 14.62 -29.45 -26.60
C LYS F 42 13.73 -30.69 -26.73
N ALA F 43 14.35 -31.87 -26.93
CA ALA F 43 13.70 -33.17 -27.14
C ALA F 43 13.46 -33.84 -25.80
N PRO F 44 12.67 -34.94 -25.77
CA PRO F 44 12.58 -35.76 -24.56
C PRO F 44 13.91 -36.50 -24.34
N LYS F 45 14.43 -36.34 -23.11
CA LYS F 45 15.52 -37.12 -22.50
C LYS F 45 14.90 -38.20 -21.63
N LEU F 46 15.47 -39.41 -21.65
CA LEU F 46 14.99 -40.57 -20.87
C LEU F 46 15.69 -40.53 -19.51
N LEU F 47 14.93 -40.66 -18.42
CA LEU F 47 15.44 -40.56 -17.04
C LEU F 47 15.27 -41.89 -16.33
N ILE F 48 14.10 -42.50 -16.51
CA ILE F 48 13.71 -43.81 -15.93
C ILE F 48 13.31 -44.71 -17.10
N TYR F 49 13.82 -45.94 -17.13
CA TYR F 49 13.33 -47.03 -18.03
C TYR F 49 12.89 -48.19 -17.15
N SER F 50 11.83 -48.91 -17.56
CA SER F 50 11.23 -50.04 -16.82
C SER F 50 10.80 -49.58 -15.42
N ALA F 51 9.95 -48.56 -15.36
CA ALA F 51 9.27 -48.14 -14.11
C ALA F 51 10.29 -47.79 -13.00
N SER F 52 11.32 -48.61 -12.79
CA SER F 52 12.13 -48.59 -11.53
C SER F 52 13.61 -48.31 -11.81
N PHE F 53 14.04 -48.44 -13.06
CA PHE F 53 15.48 -48.40 -13.42
C PHE F 53 15.81 -47.02 -13.97
N LEU F 54 16.67 -46.30 -13.25
CA LEU F 54 17.27 -44.99 -13.60
C LEU F 54 18.17 -45.16 -14.84
N TYR F 55 17.94 -44.41 -15.91
CA TYR F 55 18.81 -44.38 -17.11
C TYR F 55 20.17 -43.80 -16.75
N SER F 56 21.22 -44.23 -17.46
CA SER F 56 22.64 -43.92 -17.19
C SER F 56 22.98 -42.50 -17.64
N GLY F 57 23.70 -41.76 -16.80
CA GLY F 57 24.05 -40.34 -17.05
C GLY F 57 22.95 -39.43 -16.55
N VAL F 58 22.17 -39.91 -15.58
CA VAL F 58 21.08 -39.16 -14.90
C VAL F 58 21.47 -39.02 -13.44
N PRO F 59 21.24 -37.87 -12.76
CA PRO F 59 21.56 -37.78 -11.34
C PRO F 59 20.77 -38.83 -10.53
N SER F 60 21.00 -38.87 -9.21
CA SER F 60 20.48 -39.89 -8.27
C SER F 60 19.20 -39.39 -7.58
N ARG F 61 18.79 -38.14 -7.82
CA ARG F 61 17.56 -37.60 -7.18
C ARG F 61 16.36 -38.37 -7.74
N PHE F 62 16.23 -38.38 -9.07
CA PHE F 62 15.17 -39.05 -9.84
C PHE F 62 15.07 -40.50 -9.39
N SER F 63 13.88 -40.90 -8.92
CA SER F 63 13.52 -42.30 -8.60
C SER F 63 12.16 -42.60 -9.25
N GLY F 64 11.90 -43.88 -9.47
CA GLY F 64 10.62 -44.37 -10.02
C GLY F 64 10.25 -45.71 -9.39
N SER F 65 8.97 -45.91 -9.10
CA SER F 65 8.42 -47.20 -8.62
C SER F 65 7.08 -47.50 -9.30
N ARG F 66 6.63 -48.75 -9.19
CA ARG F 66 5.34 -49.27 -9.73
C ARG F 66 4.56 -49.87 -8.55
N SER F 67 3.24 -49.64 -8.52
CA SER F 67 2.24 -50.34 -7.67
C SER F 67 0.99 -50.63 -8.52
N GLY F 68 0.73 -51.90 -8.83
CA GLY F 68 -0.27 -52.33 -9.84
C GLY F 68 -0.09 -51.57 -11.15
N THR F 69 -1.09 -50.76 -11.52
CA THR F 69 -1.11 -49.81 -12.66
C THR F 69 -0.82 -48.38 -12.16
N ASP F 70 -0.35 -48.21 -10.92
CA ASP F 70 0.15 -46.92 -10.38
C ASP F 70 1.66 -46.87 -10.55
N PHE F 71 2.13 -45.84 -11.27
CA PHE F 71 3.55 -45.55 -11.55
C PHE F 71 3.81 -44.10 -11.12
N THR F 72 4.91 -43.94 -10.41
CA THR F 72 5.28 -42.73 -9.64
C THR F 72 6.71 -42.39 -10.07
N LEU F 73 6.91 -41.12 -10.44
CA LEU F 73 8.23 -40.49 -10.63
C LEU F 73 8.44 -39.53 -9.48
N THR F 74 9.63 -39.54 -8.88
CA THR F 74 9.98 -38.71 -7.71
C THR F 74 11.31 -38.01 -7.95
N ILE F 75 11.30 -36.68 -7.78
CA ILE F 75 12.53 -35.83 -7.62
C ILE F 75 12.71 -35.61 -6.11
N SER F 76 13.73 -36.27 -5.55
CA SER F 76 14.01 -36.33 -4.09
C SER F 76 14.33 -34.92 -3.57
N SER F 77 14.97 -34.12 -4.42
CA SER F 77 15.49 -32.77 -4.12
C SER F 77 15.43 -31.93 -5.40
N LEU F 78 14.24 -31.42 -5.74
CA LEU F 78 13.97 -30.64 -6.98
C LEU F 78 14.96 -29.48 -7.07
N GLN F 79 15.61 -29.33 -8.24
CA GLN F 79 16.65 -28.30 -8.50
C GLN F 79 16.19 -27.41 -9.64
N PRO F 80 16.68 -26.15 -9.73
CA PRO F 80 16.22 -25.24 -10.78
C PRO F 80 16.14 -26.02 -12.11
N GLU F 81 17.26 -26.65 -12.48
CA GLU F 81 17.52 -27.41 -13.75
C GLU F 81 16.57 -28.60 -13.97
N ASP F 82 15.47 -28.74 -13.21
CA ASP F 82 14.46 -29.81 -13.41
C ASP F 82 13.13 -29.17 -13.82
N PHE F 83 13.07 -27.84 -13.89
CA PHE F 83 11.99 -27.13 -14.61
C PHE F 83 11.84 -27.88 -15.93
N ALA F 84 10.65 -28.42 -16.19
CA ALA F 84 10.36 -29.28 -17.36
C ALA F 84 8.95 -29.85 -17.25
N THR F 85 8.35 -30.13 -18.41
CA THR F 85 7.23 -31.07 -18.59
C THR F 85 7.87 -32.45 -18.66
N TYR F 86 7.46 -33.33 -17.74
CA TYR F 86 7.79 -34.76 -17.65
C TYR F 86 6.60 -35.56 -18.19
N TYR F 87 6.89 -36.62 -18.95
CA TYR F 87 5.92 -37.57 -19.58
C TYR F 87 6.17 -39.02 -19.14
N CYS F 88 5.08 -39.71 -18.80
CA CYS F 88 5.03 -41.17 -18.60
C CYS F 88 4.69 -41.82 -19.94
N GLN F 89 5.37 -42.93 -20.26
CA GLN F 89 5.07 -43.72 -21.48
C GLN F 89 4.89 -45.20 -21.11
N GLN F 90 3.91 -45.86 -21.75
CA GLN F 90 3.76 -47.33 -21.75
C GLN F 90 4.24 -47.91 -23.10
N HIS F 91 5.02 -48.99 -23.07
CA HIS F 91 5.52 -49.65 -24.30
C HIS F 91 5.30 -51.17 -24.21
N TYR F 92 4.18 -51.59 -23.60
CA TYR F 92 3.80 -53.01 -23.44
C TYR F 92 3.09 -53.48 -24.71
N THR F 93 2.14 -52.67 -25.18
CA THR F 93 1.50 -52.84 -26.51
C THR F 93 1.83 -51.65 -27.41
N THR F 94 1.54 -51.84 -28.69
CA THR F 94 1.57 -50.85 -29.79
C THR F 94 0.11 -50.48 -30.04
N PRO F 95 -0.29 -49.19 -30.12
CA PRO F 95 0.65 -48.06 -30.12
C PRO F 95 1.24 -47.83 -28.74
N PRO F 96 2.53 -47.44 -28.61
CA PRO F 96 3.05 -46.89 -27.36
C PRO F 96 2.39 -45.52 -27.13
N THR F 97 1.81 -45.33 -25.96
CA THR F 97 0.97 -44.16 -25.63
C THR F 97 1.59 -43.43 -24.43
N PHE F 98 1.47 -42.10 -24.43
CA PHE F 98 2.08 -41.18 -23.43
C PHE F 98 0.96 -40.62 -22.57
N GLY F 99 1.32 -40.15 -21.37
CA GLY F 99 0.47 -39.30 -20.54
C GLY F 99 0.45 -37.90 -21.12
N GLN F 100 -0.62 -37.14 -20.86
CA GLN F 100 -0.89 -35.79 -21.40
C GLN F 100 0.16 -34.77 -20.92
N GLY F 101 1.06 -35.13 -19.99
CA GLY F 101 2.22 -34.31 -19.59
C GLY F 101 2.03 -33.65 -18.24
N THR F 102 3.09 -33.55 -17.42
CA THR F 102 3.02 -32.95 -16.05
C THR F 102 4.02 -31.81 -15.97
N LYS F 103 3.55 -30.56 -16.00
CA LYS F 103 4.39 -29.33 -16.11
C LYS F 103 4.87 -28.97 -14.70
N VAL F 104 6.18 -28.78 -14.49
CA VAL F 104 6.77 -28.55 -13.15
C VAL F 104 7.49 -27.20 -13.10
N GLU F 105 6.96 -26.26 -12.31
CA GLU F 105 7.49 -24.87 -12.17
C GLU F 105 8.21 -24.78 -10.83
N ILE F 106 9.41 -24.23 -10.80
CA ILE F 106 10.18 -24.04 -9.53
C ILE F 106 9.59 -22.82 -8.84
N LYS F 107 9.28 -22.96 -7.56
CA LYS F 107 8.88 -21.86 -6.64
C LYS F 107 10.15 -21.35 -5.97
N ARG F 108 10.33 -20.04 -6.01
CA ARG F 108 11.51 -19.33 -5.46
C ARG F 108 11.00 -18.05 -4.79
N THR F 109 11.90 -17.30 -4.14
CA THR F 109 11.58 -15.99 -3.49
C THR F 109 11.16 -14.98 -4.57
N VAL F 110 10.24 -14.08 -4.22
CA VAL F 110 9.64 -13.09 -5.15
C VAL F 110 10.78 -12.23 -5.65
N ALA F 111 10.85 -11.98 -6.97
CA ALA F 111 11.91 -11.18 -7.60
C ALA F 111 11.29 -10.11 -8.48
N ALA F 112 11.84 -8.90 -8.34
CA ALA F 112 11.39 -7.71 -9.05
C ALA F 112 11.99 -7.74 -10.44
N PRO F 113 11.16 -7.35 -11.42
CA PRO F 113 11.61 -7.28 -12.80
C PRO F 113 12.52 -6.06 -13.04
N SER F 114 13.71 -6.25 -13.64
CA SER F 114 14.48 -5.08 -14.14
C SER F 114 13.78 -4.61 -15.41
N VAL F 115 13.45 -3.33 -15.51
CA VAL F 115 12.66 -2.79 -16.67
C VAL F 115 13.55 -1.93 -17.57
N PHE F 116 13.58 -2.23 -18.88
CA PHE F 116 14.27 -1.44 -19.94
C PHE F 116 13.24 -1.12 -21.03
N ILE F 117 13.41 0.04 -21.66
CA ILE F 117 12.59 0.46 -22.84
C ILE F 117 13.54 0.87 -23.94
N PHE F 118 13.34 0.28 -25.11
CA PHE F 118 14.07 0.48 -26.38
C PHE F 118 13.18 1.17 -27.39
N PRO F 119 13.49 2.45 -27.75
CA PRO F 119 12.83 3.15 -28.84
C PRO F 119 13.04 2.49 -30.20
N PRO F 120 12.18 2.78 -31.19
CA PRO F 120 12.44 2.37 -32.57
C PRO F 120 13.86 2.71 -33.07
N SER F 121 14.45 1.82 -33.86
CA SER F 121 15.64 2.05 -34.72
C SER F 121 15.23 2.95 -35.87
N ASP F 122 16.06 3.95 -36.23
CA ASP F 122 15.84 4.81 -37.43
C ASP F 122 15.46 3.91 -38.61
N GLU F 123 16.29 2.90 -38.89
CA GLU F 123 16.14 1.95 -40.03
C GLU F 123 14.71 1.41 -40.15
N GLN F 124 14.00 1.22 -39.03
CA GLN F 124 12.57 0.81 -39.05
C GLN F 124 11.69 2.01 -39.40
N LEU F 125 12.01 3.19 -38.87
CA LEU F 125 11.25 4.45 -39.12
C LEU F 125 11.33 4.82 -40.59
N LYS F 126 12.39 4.41 -41.29
CA LYS F 126 12.52 4.61 -42.76
C LYS F 126 11.62 3.61 -43.52
N SER F 127 11.24 2.49 -42.90
CA SER F 127 10.24 1.52 -43.42
C SER F 127 8.79 1.90 -43.03
N GLY F 128 8.59 2.95 -42.22
CA GLY F 128 7.24 3.49 -41.95
C GLY F 128 6.44 2.65 -40.97
N THR F 129 7.10 1.86 -40.12
CA THR F 129 6.49 1.29 -38.89
C THR F 129 7.33 1.72 -37.71
N ALA F 130 6.79 1.60 -36.51
CA ALA F 130 7.45 1.94 -35.24
C ALA F 130 7.25 0.77 -34.27
N SER F 131 8.35 0.08 -33.96
CA SER F 131 8.42 -0.96 -32.91
C SER F 131 9.15 -0.43 -31.66
N VAL F 132 8.34 -0.03 -30.67
CA VAL F 132 8.76 0.27 -29.28
C VAL F 132 8.76 -1.03 -28.45
N VAL F 133 9.79 -1.26 -27.63
CA VAL F 133 9.98 -2.53 -26.89
C VAL F 133 10.26 -2.27 -25.41
N CYS F 134 9.37 -2.74 -24.54
CA CYS F 134 9.52 -2.78 -23.04
C CYS F 134 10.05 -4.17 -22.61
N LEU F 135 11.13 -4.24 -21.83
CA LEU F 135 11.66 -5.55 -21.37
C LEU F 135 11.49 -5.70 -19.85
N LEU F 136 10.86 -6.80 -19.40
CA LEU F 136 10.87 -7.17 -17.96
C LEU F 136 11.81 -8.37 -17.77
N ASN F 137 12.79 -8.22 -16.89
CA ASN F 137 14.01 -9.05 -16.84
C ASN F 137 14.12 -9.74 -15.48
N ASN F 138 13.97 -11.07 -15.45
CA ASN F 138 14.35 -11.91 -14.29
C ASN F 138 13.52 -11.47 -13.09
N PHE F 139 12.20 -11.55 -13.23
CA PHE F 139 11.26 -11.47 -12.07
C PHE F 139 10.86 -12.89 -11.62
N TYR F 140 10.03 -12.91 -10.55
CA TYR F 140 9.18 -14.03 -10.05
C TYR F 140 8.14 -13.46 -9.09
N PRO F 141 6.82 -13.74 -9.22
CA PRO F 141 6.26 -14.74 -10.12
C PRO F 141 5.99 -14.26 -11.56
N ARG F 142 5.47 -15.13 -12.40
CA ARG F 142 5.27 -14.91 -13.85
C ARG F 142 4.15 -13.87 -14.02
N GLU F 143 3.27 -13.64 -13.04
CA GLU F 143 2.08 -12.76 -13.24
C GLU F 143 2.49 -11.28 -13.12
N ALA F 144 2.30 -10.51 -14.19
CA ALA F 144 2.81 -9.12 -14.37
C ALA F 144 1.74 -8.28 -15.07
N LYS F 145 2.02 -6.99 -15.19
CA LYS F 145 1.16 -6.00 -15.90
C LYS F 145 2.08 -4.91 -16.46
N VAL F 146 2.29 -4.93 -17.77
CA VAL F 146 2.90 -3.86 -18.59
C VAL F 146 1.75 -3.03 -19.14
N GLN F 147 1.86 -1.72 -19.06
CA GLN F 147 0.89 -0.77 -19.63
C GLN F 147 1.73 0.26 -20.40
N TRP F 148 1.23 0.69 -21.55
CA TRP F 148 1.85 1.73 -22.41
C TRP F 148 0.97 2.96 -22.28
N LYS F 149 1.64 4.08 -22.03
CA LYS F 149 1.05 5.43 -22.09
C LYS F 149 1.83 6.16 -23.17
N VAL F 150 1.11 6.83 -24.07
CA VAL F 150 1.74 7.72 -25.10
C VAL F 150 1.25 9.15 -24.85
N ASP F 151 2.15 10.06 -24.47
CA ASP F 151 1.79 11.43 -24.00
C ASP F 151 0.71 11.28 -22.93
N ASN F 152 1.01 10.44 -21.93
CA ASN F 152 0.16 10.13 -20.77
C ASN F 152 -1.14 9.40 -21.16
N ALA F 153 -1.41 9.17 -22.46
CA ALA F 153 -2.65 8.49 -22.91
C ALA F 153 -2.42 6.99 -22.86
N LEU F 154 -3.25 6.28 -22.08
CA LEU F 154 -3.19 4.80 -21.98
C LEU F 154 -3.60 4.26 -23.34
N GLN F 155 -2.87 3.25 -23.80
CA GLN F 155 -3.00 2.65 -25.15
C GLN F 155 -3.66 1.29 -24.98
N SER F 156 -4.38 0.84 -26.01
CA SER F 156 -5.16 -0.42 -26.02
CA SER F 156 -5.11 -0.46 -26.00
C SER F 156 -4.98 -1.15 -27.36
N GLY F 157 -4.78 -2.47 -27.34
CA GLY F 157 -4.91 -3.37 -28.51
C GLY F 157 -4.07 -2.92 -29.70
N ASN F 158 -2.83 -2.57 -29.42
CA ASN F 158 -1.79 -2.39 -30.44
C ASN F 158 -0.46 -2.82 -29.84
N SER F 159 -0.47 -3.72 -28.85
CA SER F 159 0.72 -4.25 -28.12
C SER F 159 0.64 -5.77 -28.05
N GLN F 160 1.77 -6.45 -28.02
CA GLN F 160 1.73 -7.90 -27.87
C GLN F 160 2.76 -8.23 -26.83
N GLU F 161 2.40 -9.03 -25.83
CA GLU F 161 3.33 -9.43 -24.75
C GLU F 161 3.87 -10.78 -25.18
N SER F 162 4.92 -11.23 -24.53
CA SER F 162 5.52 -12.57 -24.68
C SER F 162 6.36 -12.82 -23.44
N VAL F 163 6.24 -14.01 -22.83
CA VAL F 163 7.01 -14.37 -21.60
C VAL F 163 7.86 -15.60 -21.92
N THR F 164 9.14 -15.61 -21.58
CA THR F 164 9.98 -16.83 -21.73
C THR F 164 9.32 -17.92 -20.89
N GLU F 165 9.85 -19.13 -21.03
CA GLU F 165 9.61 -20.22 -20.07
C GLU F 165 10.44 -19.84 -18.85
N GLN F 166 10.33 -20.64 -17.80
CA GLN F 166 10.99 -20.34 -16.50
C GLN F 166 12.49 -20.61 -16.66
N ASP F 167 13.33 -19.59 -16.45
CA ASP F 167 14.78 -19.79 -16.58
C ASP F 167 15.12 -21.01 -15.73
N SER F 168 16.28 -21.63 -15.97
CA SER F 168 16.61 -22.93 -15.34
C SER F 168 17.76 -22.79 -14.35
N LYS F 169 18.21 -21.56 -14.07
CA LYS F 169 19.32 -21.26 -13.12
C LYS F 169 18.79 -20.49 -11.90
N ASP F 170 18.04 -19.40 -12.12
CA ASP F 170 17.44 -18.53 -11.08
C ASP F 170 15.91 -18.69 -11.05
N SER F 171 15.38 -19.70 -11.78
CA SER F 171 13.94 -20.04 -11.84
C SER F 171 13.06 -18.80 -12.10
N THR F 172 13.64 -17.73 -12.64
CA THR F 172 12.95 -16.45 -12.98
C THR F 172 12.42 -16.50 -14.40
N TYR F 173 11.43 -15.66 -14.69
CA TYR F 173 10.83 -15.36 -16.01
C TYR F 173 11.31 -13.99 -16.52
N SER F 174 11.35 -13.86 -17.84
CA SER F 174 11.50 -12.56 -18.54
C SER F 174 10.28 -12.36 -19.44
N LEU F 175 9.83 -11.13 -19.62
CA LEU F 175 8.69 -10.75 -20.52
C LEU F 175 9.10 -9.63 -21.47
N SER F 176 8.57 -9.64 -22.69
CA SER F 176 8.76 -8.53 -23.67
C SER F 176 7.39 -8.05 -24.13
N SER F 177 7.18 -6.74 -24.16
CA SER F 177 5.92 -6.12 -24.64
C SER F 177 6.29 -5.11 -25.73
N THR F 178 5.79 -5.30 -26.95
CA THR F 178 6.05 -4.45 -28.13
C THR F 178 4.79 -3.66 -28.47
N LEU F 179 4.96 -2.35 -28.59
CA LEU F 179 3.92 -1.45 -29.10
C LEU F 179 4.26 -1.13 -30.56
N THR F 180 3.31 -1.26 -31.48
CA THR F 180 3.57 -1.12 -32.93
C THR F 180 2.70 -0.01 -33.49
N LEU F 181 3.34 1.02 -34.00
CA LEU F 181 2.68 2.20 -34.60
C LEU F 181 3.27 2.42 -35.98
N SER F 182 2.54 3.18 -36.81
CA SER F 182 3.01 3.70 -38.10
C SER F 182 3.96 4.86 -37.84
N LYS F 183 5.07 4.97 -38.57
CA LYS F 183 5.98 6.15 -38.47
C LYS F 183 5.14 7.41 -38.25
N ALA F 184 4.12 7.66 -39.08
CA ALA F 184 3.21 8.84 -39.01
C ALA F 184 2.74 8.99 -37.56
N ASP F 185 1.94 8.02 -37.08
CA ASP F 185 1.42 7.95 -35.69
C ASP F 185 2.54 8.23 -34.68
N TYR F 186 3.68 7.55 -34.81
CA TYR F 186 4.82 7.65 -33.86
C TYR F 186 5.37 9.07 -33.80
N GLU F 187 5.26 9.84 -34.90
CA GLU F 187 5.84 11.22 -34.95
C GLU F 187 4.83 12.20 -34.37
N LYS F 188 3.57 11.80 -34.14
CA LYS F 188 2.54 12.73 -33.59
C LYS F 188 2.71 12.84 -32.06
N HIS F 189 3.51 11.96 -31.47
CA HIS F 189 3.68 11.83 -30.00
C HIS F 189 5.17 12.03 -29.67
N LYS F 190 5.48 12.45 -28.44
CA LYS F 190 6.87 12.72 -27.96
C LYS F 190 7.22 11.74 -26.84
N VAL F 191 6.40 11.71 -25.78
CA VAL F 191 6.63 10.86 -24.56
C VAL F 191 6.00 9.48 -24.74
N TYR F 192 6.87 8.50 -24.87
CA TYR F 192 6.52 7.06 -24.83
C TYR F 192 7.03 6.51 -23.50
N ALA F 193 6.11 5.97 -22.71
CA ALA F 193 6.36 5.29 -21.42
C ALA F 193 5.68 3.92 -21.44
N CYS F 194 6.25 2.99 -20.67
CA CYS F 194 5.63 1.67 -20.38
CA CYS F 194 5.72 1.64 -20.38
C CYS F 194 5.68 1.42 -18.86
N GLU F 195 4.48 1.35 -18.24
CA GLU F 195 4.23 1.21 -16.78
C GLU F 195 4.10 -0.28 -16.40
N VAL F 196 4.70 -0.65 -15.29
CA VAL F 196 4.92 -2.07 -14.92
C VAL F 196 4.48 -2.23 -13.46
N THR F 197 3.69 -3.26 -13.21
CA THR F 197 3.17 -3.59 -11.86
C THR F 197 3.54 -5.04 -11.60
N HIS F 198 4.07 -5.30 -10.43
CA HIS F 198 4.54 -6.66 -10.07
C HIS F 198 4.66 -6.67 -8.55
N GLN F 199 4.41 -7.83 -7.97
CA GLN F 199 4.35 -8.10 -6.52
C GLN F 199 5.66 -7.63 -5.87
N GLY F 200 6.82 -7.92 -6.47
CA GLY F 200 8.15 -7.53 -5.96
C GLY F 200 8.38 -6.01 -5.98
N LEU F 201 7.38 -5.24 -6.42
CA LEU F 201 7.39 -3.77 -6.52
C LEU F 201 6.34 -3.19 -5.59
N CYS F 202 6.74 -2.32 -4.65
CA CYS F 202 5.85 -1.64 -3.67
C CYS F 202 5.19 -0.41 -4.30
N SER F 203 5.37 -0.20 -5.59
CA SER F 203 4.66 0.82 -6.39
C SER F 203 5.05 0.62 -7.84
N PRO F 204 4.20 1.06 -8.76
CA PRO F 204 4.49 0.90 -10.19
C PRO F 204 5.77 1.65 -10.62
N VAL F 205 6.59 0.94 -11.41
CA VAL F 205 7.81 1.40 -12.13
C VAL F 205 7.43 1.78 -13.57
N THR F 206 7.90 2.95 -14.03
CA THR F 206 7.81 3.42 -15.45
C THR F 206 9.21 3.65 -16.02
N LYS F 207 9.49 3.11 -17.20
CA LYS F 207 10.65 3.49 -18.03
C LYS F 207 10.06 4.21 -19.24
N CYS F 208 10.82 5.13 -19.82
CA CYS F 208 10.30 6.03 -20.87
C CYS F 208 11.46 6.67 -21.62
N PHE F 209 11.06 7.36 -22.69
CA PHE F 209 11.90 8.20 -23.55
C PHE F 209 10.98 9.13 -24.35
N ASN F 210 11.61 10.18 -24.88
CA ASN F 210 10.97 11.19 -25.77
C ASN F 210 11.54 11.00 -27.15
N ARG F 211 10.67 10.93 -28.14
CA ARG F 211 11.09 11.06 -29.55
C ARG F 211 12.03 12.27 -29.60
N GLY F 212 13.34 11.99 -29.65
CA GLY F 212 14.45 12.98 -29.67
C GLY F 212 15.83 12.33 -29.62
N VAL G 2 11.86 32.20 30.94
CA VAL G 2 10.76 33.14 31.33
C VAL G 2 9.46 32.35 31.45
N GLN G 3 8.80 32.40 32.62
CA GLN G 3 7.56 31.65 32.89
C GLN G 3 6.77 32.36 33.99
N LEU G 4 5.47 32.54 33.81
CA LEU G 4 4.51 33.03 34.84
C LEU G 4 3.73 31.83 35.38
N VAL G 5 3.42 31.82 36.69
CA VAL G 5 2.75 30.70 37.41
C VAL G 5 1.69 31.23 38.38
N GLU G 6 0.44 31.32 37.92
CA GLU G 6 -0.73 31.64 38.79
C GLU G 6 -0.93 30.49 39.79
N SER G 7 -1.69 30.76 40.85
CA SER G 7 -1.87 29.88 42.04
C SER G 7 -2.89 30.55 42.98
N GLY G 8 -3.50 29.77 43.87
CA GLY G 8 -4.46 30.24 44.89
C GLY G 8 -5.88 30.37 44.36
N GLY G 9 -6.15 29.93 43.13
CA GLY G 9 -7.54 29.86 42.60
C GLY G 9 -8.22 28.65 43.19
N GLY G 10 -9.54 28.51 43.01
CA GLY G 10 -10.36 27.53 43.74
C GLY G 10 -11.81 27.96 43.92
N LEU G 11 -12.58 27.24 44.73
CA LEU G 11 -14.03 27.53 44.95
C LEU G 11 -14.14 28.63 46.01
N VAL G 12 -15.12 29.54 45.91
CA VAL G 12 -15.22 30.64 46.93
C VAL G 12 -16.66 31.15 47.04
N GLN G 13 -17.15 31.20 48.27
CA GLN G 13 -18.46 31.79 48.66
C GLN G 13 -18.62 33.18 48.05
N PRO G 14 -19.83 33.53 47.58
CA PRO G 14 -20.20 34.93 47.34
C PRO G 14 -19.87 35.85 48.53
N GLY G 15 -19.24 37.00 48.25
CA GLY G 15 -18.79 37.96 49.26
C GLY G 15 -17.42 37.61 49.83
N GLY G 16 -17.00 36.34 49.70
CA GLY G 16 -15.72 35.80 50.22
C GLY G 16 -14.53 36.34 49.44
N SER G 17 -13.31 35.92 49.80
CA SER G 17 -12.00 36.52 49.42
C SER G 17 -10.94 35.46 49.13
N LEU G 18 -10.15 35.64 48.05
CA LEU G 18 -9.05 34.74 47.62
C LEU G 18 -7.82 35.54 47.21
N ARG G 19 -6.67 35.18 47.76
CA ARG G 19 -5.35 35.67 47.29
C ARG G 19 -4.79 34.79 46.15
N LEU G 20 -5.03 35.18 44.90
CA LEU G 20 -4.29 34.71 43.69
C LEU G 20 -2.82 35.18 43.72
N SER G 21 -1.88 34.39 43.18
CA SER G 21 -0.42 34.68 43.12
C SER G 21 0.12 34.45 41.72
N CYS G 22 1.15 35.20 41.31
CA CYS G 22 1.74 35.14 39.95
C CYS G 22 3.27 35.18 40.07
N ALA G 23 3.88 33.99 40.18
CA ALA G 23 5.32 33.75 40.41
C ALA G 23 6.06 33.80 39.07
N ALA G 24 6.84 34.86 38.87
CA ALA G 24 7.65 35.10 37.66
C ALA G 24 9.00 34.40 37.82
N SER G 25 9.45 33.67 36.78
CA SER G 25 10.71 32.89 36.77
C SER G 25 11.49 33.14 35.46
N GLY G 26 12.52 33.99 35.50
CA GLY G 26 13.48 34.21 34.39
C GLY G 26 13.62 35.67 34.00
N PHE G 27 12.74 36.54 34.52
CA PHE G 27 12.85 38.01 34.38
C PHE G 27 12.45 38.67 35.70
N ASN G 28 13.11 39.77 36.04
CA ASN G 28 12.87 40.57 37.27
C ASN G 28 11.65 41.47 37.03
N ILE G 29 10.58 41.26 37.81
CA ILE G 29 9.25 41.94 37.66
C ILE G 29 9.44 43.45 37.77
N LYS G 30 10.38 43.93 38.58
CA LYS G 30 10.62 45.39 38.78
C LYS G 30 10.64 46.08 37.41
N ASP G 31 11.24 45.46 36.39
CA ASP G 31 11.48 46.04 35.04
C ASP G 31 10.14 46.32 34.33
N THR G 32 9.20 45.36 34.29
CA THR G 32 7.98 45.37 33.42
C THR G 32 6.70 45.65 34.23
N TYR G 33 5.60 45.97 33.53
CA TYR G 33 4.20 46.03 34.02
C TYR G 33 3.56 44.62 34.07
N ILE G 34 2.96 44.24 35.21
CA ILE G 34 2.15 43.00 35.38
C ILE G 34 0.67 43.39 35.39
N HIS G 35 -0.16 42.65 34.66
CA HIS G 35 -1.63 42.82 34.58
C HIS G 35 -2.33 41.49 34.87
N TRP G 36 -3.54 41.54 35.43
CA TRP G 36 -4.48 40.39 35.39
C TRP G 36 -5.47 40.61 34.27
N VAL G 37 -5.85 39.50 33.62
CA VAL G 37 -6.99 39.37 32.68
C VAL G 37 -7.67 38.02 32.88
N ARG G 38 -9.02 38.00 32.82
CA ARG G 38 -9.89 36.86 33.18
C ARG G 38 -10.71 36.36 31.98
N GLN G 39 -11.16 35.09 32.04
CA GLN G 39 -11.99 34.50 30.95
C GLN G 39 -13.15 33.71 31.53
N ALA G 40 -14.34 34.33 31.56
CA ALA G 40 -15.65 33.69 31.83
C ALA G 40 -15.86 32.52 30.86
N PRO G 41 -16.12 31.27 31.32
CA PRO G 41 -16.41 30.14 30.43
C PRO G 41 -17.08 30.55 29.11
N GLY G 42 -16.45 30.15 28.00
CA GLY G 42 -16.92 30.39 26.63
C GLY G 42 -17.24 31.85 26.39
N LYS G 43 -16.35 32.75 26.81
CA LYS G 43 -16.52 34.23 26.75
C LYS G 43 -15.18 34.91 26.41
N GLY G 44 -15.27 36.22 26.16
CA GLY G 44 -14.16 37.10 25.80
C GLY G 44 -13.03 37.09 26.80
N LEU G 45 -12.29 38.19 26.82
CA LEU G 45 -11.13 38.49 27.70
C LEU G 45 -11.36 39.89 28.24
N GLU G 46 -11.15 40.08 29.54
CA GLU G 46 -11.48 41.34 30.25
C GLU G 46 -10.30 41.73 31.16
N TRP G 47 -9.66 42.85 30.82
CA TRP G 47 -8.51 43.36 31.59
C TRP G 47 -9.01 43.64 33.00
N VAL G 48 -8.43 42.99 34.00
CA VAL G 48 -8.81 43.19 35.42
C VAL G 48 -8.08 44.43 35.96
N ALA G 49 -6.78 44.29 36.26
CA ALA G 49 -5.90 45.28 36.90
C ALA G 49 -4.47 45.16 36.34
N ARG G 50 -3.63 46.13 36.74
CA ARG G 50 -2.18 46.30 36.44
C ARG G 50 -1.49 47.01 37.61
N ILE G 51 -0.21 46.69 37.85
CA ILE G 51 0.69 47.40 38.80
C ILE G 51 2.09 47.48 38.16
N TYR G 52 2.61 48.71 37.89
CA TYR G 52 4.05 48.94 37.63
C TYR G 52 4.76 48.73 38.96
N PRO G 53 5.45 47.58 39.16
CA PRO G 53 5.90 47.17 40.50
C PRO G 53 6.84 48.14 41.23
N THR G 54 7.99 48.51 40.64
CA THR G 54 9.05 49.33 41.30
C THR G 54 8.41 50.50 42.06
N ASN G 55 7.69 51.41 41.36
CA ASN G 55 7.06 52.57 42.03
C ASN G 55 5.82 52.09 42.79
N GLY G 56 5.21 50.99 42.33
CA GLY G 56 4.02 50.37 42.96
C GLY G 56 2.73 51.09 42.61
N TYR G 57 2.67 51.77 41.46
CA TYR G 57 1.47 52.46 40.92
C TYR G 57 0.53 51.39 40.39
N THR G 58 -0.78 51.59 40.50
CA THR G 58 -1.81 50.57 40.20
C THR G 58 -2.95 51.23 39.42
N ARG G 59 -3.51 50.50 38.45
CA ARG G 59 -4.66 50.90 37.60
C ARG G 59 -5.66 49.74 37.57
N TYR G 60 -6.95 50.05 37.67
CA TYR G 60 -8.05 49.07 37.84
C TYR G 60 -9.12 49.32 36.79
N ALA G 61 -9.74 48.23 36.33
CA ALA G 61 -11.01 48.26 35.56
C ALA G 61 -12.07 48.82 36.49
N ASP G 62 -13.09 49.48 35.91
CA ASP G 62 -14.36 49.82 36.61
C ASP G 62 -14.85 48.58 37.40
N SER G 63 -15.48 47.61 36.75
CA SER G 63 -16.29 46.53 37.40
C SER G 63 -15.62 45.89 38.62
N VAL G 64 -14.32 46.08 38.88
CA VAL G 64 -13.63 45.43 40.04
C VAL G 64 -13.01 46.46 40.99
N LYS G 65 -13.07 47.77 40.69
CA LYS G 65 -12.49 48.83 41.56
C LYS G 65 -13.14 48.79 42.97
N GLY G 66 -12.31 48.71 44.00
CA GLY G 66 -12.74 48.62 45.42
C GLY G 66 -12.67 47.20 45.96
N ARG G 67 -13.16 46.21 45.22
CA ARG G 67 -13.20 44.79 45.65
C ARG G 67 -11.82 44.15 45.46
N PHE G 68 -11.22 44.32 44.28
CA PHE G 68 -9.96 43.64 43.88
C PHE G 68 -8.80 44.59 44.15
N THR G 69 -7.70 44.11 44.73
CA THR G 69 -6.50 44.93 45.00
C THR G 69 -5.27 44.16 44.54
N ILE G 70 -4.56 44.69 43.54
CA ILE G 70 -3.29 44.10 43.02
C ILE G 70 -2.13 44.64 43.85
N SER G 71 -1.03 43.91 43.98
CA SER G 71 0.20 44.37 44.65
C SER G 71 1.39 43.58 44.08
N ALA G 72 2.51 43.54 44.79
CA ALA G 72 3.73 42.82 44.37
C ALA G 72 4.63 42.55 45.59
N ASP G 73 5.80 41.95 45.35
CA ASP G 73 6.86 41.64 46.35
C ASP G 73 8.13 41.34 45.58
N THR G 74 9.07 42.29 45.56
CA THR G 74 10.19 42.33 44.60
C THR G 74 11.20 41.24 44.98
N SER G 75 11.41 41.03 46.28
CA SER G 75 12.27 39.97 46.87
C SER G 75 11.85 38.61 46.34
N LYS G 76 10.55 38.29 46.42
CA LYS G 76 9.95 36.97 46.05
C LYS G 76 9.66 36.92 44.54
N ASN G 77 9.79 38.05 43.84
CA ASN G 77 9.50 38.18 42.39
C ASN G 77 8.12 37.54 42.18
N THR G 78 7.08 38.17 42.70
CA THR G 78 5.69 37.65 42.69
C THR G 78 4.71 38.82 42.82
N ALA G 79 3.68 38.84 41.97
CA ALA G 79 2.53 39.75 42.02
C ALA G 79 1.32 38.97 42.55
N TYR G 80 0.38 39.62 43.21
CA TYR G 80 -0.79 39.01 43.87
C TYR G 80 -2.00 39.82 43.42
N LEU G 81 -3.19 39.23 43.43
CA LEU G 81 -4.48 39.95 43.22
C LEU G 81 -5.44 39.51 44.31
N GLN G 82 -5.41 40.19 45.47
CA GLN G 82 -6.39 40.03 46.57
C GLN G 82 -7.76 40.45 46.03
N MET G 83 -8.67 39.49 45.95
CA MET G 83 -10.06 39.68 45.47
C MET G 83 -10.94 39.50 46.71
N ASN G 84 -11.67 40.56 47.09
CA ASN G 84 -12.63 40.58 48.23
C ASN G 84 -14.03 40.73 47.66
N SER G 85 -15.05 40.74 48.53
CA SER G 85 -16.46 40.94 48.16
C SER G 85 -16.74 40.25 46.83
N LEU G 86 -16.35 38.98 46.70
CA LEU G 86 -16.40 38.25 45.39
C LEU G 86 -17.87 38.00 45.07
N ARG G 87 -18.26 38.31 43.83
CA ARG G 87 -19.65 38.24 43.34
C ARG G 87 -19.69 37.13 42.28
N ALA G 88 -20.87 36.86 41.70
CA ALA G 88 -21.09 35.78 40.70
C ALA G 88 -20.32 36.06 39.41
N GLU G 89 -20.47 37.27 38.87
CA GLU G 89 -19.92 37.77 37.58
C GLU G 89 -18.39 37.70 37.54
N ASP G 90 -17.74 37.34 38.64
CA ASP G 90 -16.26 37.22 38.73
C ASP G 90 -15.79 35.79 38.43
N THR G 91 -16.70 34.81 38.22
CA THR G 91 -16.31 33.39 38.03
C THR G 91 -15.63 33.27 36.68
N ALA G 92 -14.36 32.85 36.64
CA ALA G 92 -13.61 32.81 35.37
C ALA G 92 -12.15 32.43 35.59
N VAL G 93 -11.43 32.30 34.49
CA VAL G 93 -9.98 31.96 34.57
C VAL G 93 -9.18 33.28 34.69
N TYR G 94 -8.47 33.46 35.80
CA TYR G 94 -7.54 34.59 35.95
C TYR G 94 -6.14 34.16 35.50
N TYR G 95 -5.76 34.68 34.32
CA TYR G 95 -4.39 34.71 33.77
C TYR G 95 -3.61 35.93 34.30
N CYS G 96 -2.31 35.79 34.53
CA CYS G 96 -1.39 36.94 34.74
C CYS G 96 -0.46 37.04 33.54
N SER G 97 -0.15 38.27 33.15
CA SER G 97 0.62 38.57 31.92
C SER G 97 1.54 39.73 32.24
N ARG G 98 2.54 39.96 31.39
CA ARG G 98 3.49 41.09 31.51
C ARG G 98 3.44 41.92 30.22
N TRP G 99 3.79 43.20 30.28
CA TRP G 99 4.24 44.02 29.12
C TRP G 99 5.74 43.80 28.89
N GLY G 100 6.22 43.96 27.65
CA GLY G 100 7.63 43.69 27.24
C GLY G 100 8.62 44.68 27.84
N GLY G 101 9.75 44.93 27.16
CA GLY G 101 10.69 46.01 27.51
C GLY G 101 9.98 47.36 27.51
N ASP G 102 10.53 48.37 28.19
CA ASP G 102 9.94 49.73 28.28
C ASP G 102 9.94 50.38 26.89
N GLY G 103 8.76 50.66 26.33
CA GLY G 103 8.53 50.99 24.92
C GLY G 103 8.10 49.77 24.11
N PHE G 104 7.71 48.68 24.81
CA PHE G 104 7.16 47.41 24.25
C PHE G 104 5.92 47.02 25.05
N TYR G 105 4.81 47.76 24.86
CA TYR G 105 3.58 47.74 25.68
C TYR G 105 2.59 46.65 25.23
N ALA G 106 3.04 45.66 24.47
CA ALA G 106 2.29 44.41 24.22
C ALA G 106 2.64 43.39 25.31
N MET G 107 1.77 42.39 25.51
CA MET G 107 1.84 41.35 26.58
C MET G 107 2.47 40.04 26.04
N ASP G 108 3.81 39.93 26.13
CA ASP G 108 4.62 38.87 25.44
C ASP G 108 4.33 37.49 26.05
N TYR G 109 4.24 37.39 27.38
CA TYR G 109 4.06 36.10 28.10
C TYR G 109 2.92 36.18 29.11
N TRP G 110 2.08 35.14 29.06
CA TRP G 110 0.92 34.86 29.96
C TRP G 110 1.20 33.63 30.83
N GLY G 111 0.36 33.41 31.83
CA GLY G 111 0.38 32.16 32.63
C GLY G 111 -0.72 31.21 32.18
N GLN G 112 -0.63 29.92 32.55
CA GLN G 112 -1.60 28.85 32.15
C GLN G 112 -3.00 29.17 32.71
N GLY G 113 -3.07 29.97 33.78
CA GLY G 113 -4.34 30.49 34.34
C GLY G 113 -4.73 29.72 35.59
N THR G 114 -5.80 30.17 36.24
CA THR G 114 -6.31 29.56 37.49
C THR G 114 -7.80 29.93 37.61
N LEU G 115 -8.65 28.95 37.34
CA LEU G 115 -10.13 29.03 37.41
C LEU G 115 -10.52 29.33 38.85
N VAL G 116 -11.36 30.37 38.99
CA VAL G 116 -11.94 30.87 40.26
C VAL G 116 -13.45 30.69 40.13
N THR G 117 -14.03 29.76 40.90
CA THR G 117 -15.49 29.44 40.91
C THR G 117 -16.12 30.07 42.16
N VAL G 118 -16.82 31.18 41.95
CA VAL G 118 -17.54 31.89 43.03
C VAL G 118 -18.89 31.20 43.11
N SER G 119 -19.06 30.48 44.21
CA SER G 119 -20.07 29.43 44.39
C SER G 119 -20.15 29.12 45.88
N SER G 120 -21.39 28.99 46.34
CA SER G 120 -21.78 28.51 47.67
C SER G 120 -21.89 26.98 47.66
N ALA G 121 -21.80 26.36 46.47
CA ALA G 121 -21.91 24.89 46.27
C ALA G 121 -20.69 24.24 46.91
N SER G 122 -20.73 22.91 47.05
CA SER G 122 -19.79 22.11 47.87
C SER G 122 -18.91 21.24 46.98
N THR G 123 -17.59 21.43 47.07
CA THR G 123 -16.56 20.53 46.47
C THR G 123 -16.90 19.04 46.64
N LYS G 124 -16.81 18.28 45.54
CA LYS G 124 -17.07 16.81 45.47
C LYS G 124 -15.96 16.16 44.61
N GLY G 125 -15.19 15.24 45.20
CA GLY G 125 -14.15 14.48 44.52
C GLY G 125 -14.77 13.43 43.61
N PRO G 126 -14.29 13.29 42.34
CA PRO G 126 -14.94 12.45 41.34
C PRO G 126 -14.81 10.97 41.69
N SER G 127 -15.73 10.15 41.15
CA SER G 127 -15.63 8.67 41.06
C SER G 127 -15.11 8.32 39.67
N VAL G 128 -14.24 7.30 39.54
CA VAL G 128 -13.62 6.87 38.24
C VAL G 128 -13.82 5.38 38.02
N PHE G 129 -14.60 5.07 37.00
CA PHE G 129 -14.85 3.71 36.45
C PHE G 129 -14.17 3.63 35.10
N PRO G 130 -13.62 2.46 34.73
CA PRO G 130 -13.01 2.27 33.42
C PRO G 130 -14.03 1.71 32.43
N LEU G 131 -14.04 2.29 31.21
CA LEU G 131 -14.75 1.82 29.99
C LEU G 131 -13.83 0.81 29.29
N ALA G 132 -14.02 -0.48 29.54
CA ALA G 132 -13.09 -1.54 29.04
C ALA G 132 -13.33 -1.78 27.55
N PRO G 133 -12.28 -2.24 26.81
CA PRO G 133 -12.38 -2.51 25.38
C PRO G 133 -13.36 -3.65 25.11
N SER G 134 -13.85 -3.77 23.87
CA SER G 134 -14.73 -4.88 23.45
C SER G 134 -13.93 -6.18 23.49
N SER G 135 -14.60 -7.29 23.78
CA SER G 135 -14.11 -8.68 23.61
C SER G 135 -13.92 -8.96 22.12
N LYS G 136 -14.97 -8.69 21.32
CA LYS G 136 -15.00 -8.89 19.84
C LYS G 136 -13.78 -8.19 19.23
N SER G 137 -13.60 -6.91 19.57
CA SER G 137 -12.43 -6.05 19.22
C SER G 137 -11.98 -6.32 17.78
N THR G 138 -12.90 -6.72 16.89
CA THR G 138 -12.67 -7.07 15.46
C THR G 138 -11.82 -8.36 15.36
N SER G 139 -11.03 -8.52 14.29
CA SER G 139 -10.08 -9.65 14.05
C SER G 139 -8.65 -9.14 13.78
N GLY G 140 -8.45 -7.82 13.70
CA GLY G 140 -7.17 -7.15 13.42
C GLY G 140 -7.36 -5.74 12.89
N GLY G 141 -7.60 -4.77 13.80
CA GLY G 141 -7.84 -3.35 13.47
C GLY G 141 -7.64 -2.45 14.67
N THR G 142 -8.60 -1.56 14.96
CA THR G 142 -8.58 -0.61 16.12
C THR G 142 -9.74 -0.91 17.08
N ALA G 143 -9.44 -0.92 18.38
CA ALA G 143 -10.40 -1.02 19.50
C ALA G 143 -10.20 0.19 20.41
N ALA G 144 -11.27 0.65 21.09
CA ALA G 144 -11.24 1.83 22.00
C ALA G 144 -11.26 1.39 23.45
N LEU G 145 -10.55 2.13 24.31
CA LEU G 145 -10.65 2.02 25.79
C LEU G 145 -10.72 3.42 26.38
N GLY G 146 -10.96 3.52 27.70
CA GLY G 146 -11.18 4.81 28.36
C GLY G 146 -11.50 4.68 29.84
N CYS G 147 -11.78 5.83 30.44
CA CYS G 147 -12.18 6.02 31.86
CA CYS G 147 -12.32 5.90 31.83
C CYS G 147 -13.39 6.99 31.87
N LEU G 148 -14.37 6.76 32.75
CA LEU G 148 -15.48 7.71 33.02
C LEU G 148 -15.20 8.37 34.37
N VAL G 149 -15.30 9.70 34.41
CA VAL G 149 -14.94 10.52 35.60
C VAL G 149 -16.19 11.31 36.02
N LYS G 150 -16.81 10.87 37.13
CA LYS G 150 -18.22 11.18 37.42
C LYS G 150 -18.35 11.78 38.83
N ASP G 151 -19.19 12.81 38.93
CA ASP G 151 -19.85 13.25 40.17
C ASP G 151 -18.81 14.06 40.95
N TYR G 152 -18.25 15.07 40.30
CA TYR G 152 -17.30 16.00 40.92
C TYR G 152 -17.73 17.42 40.66
N PHE G 153 -17.20 18.29 41.52
CA PHE G 153 -17.44 19.74 41.51
C PHE G 153 -16.28 20.36 42.25
N PRO G 154 -15.82 21.56 41.87
CA PRO G 154 -16.17 22.17 40.59
C PRO G 154 -15.23 21.63 39.52
N GLU G 155 -15.35 22.14 38.30
CA GLU G 155 -14.23 22.06 37.32
C GLU G 155 -12.97 22.61 37.97
N PRO G 156 -11.78 22.27 37.46
CA PRO G 156 -11.63 21.28 36.42
C PRO G 156 -10.98 20.04 37.01
N VAL G 157 -11.07 18.94 36.27
CA VAL G 157 -10.28 17.69 36.42
C VAL G 157 -9.19 17.70 35.34
N THR G 158 -8.06 17.01 35.57
CA THR G 158 -7.05 16.67 34.53
C THR G 158 -6.90 15.15 34.43
N VAL G 159 -6.96 14.62 33.22
CA VAL G 159 -6.75 13.17 32.91
C VAL G 159 -5.50 13.07 32.05
N SER G 160 -4.60 12.14 32.37
CA SER G 160 -3.42 11.75 31.56
C SER G 160 -3.46 10.22 31.48
N TRP G 161 -2.73 9.59 30.56
CA TRP G 161 -2.64 8.11 30.48
C TRP G 161 -1.18 7.67 30.61
N ASN G 162 -0.89 6.64 31.43
CA ASN G 162 0.48 6.10 31.70
C ASN G 162 1.41 7.28 31.98
N SER G 163 0.93 8.19 32.84
CA SER G 163 1.57 9.47 33.26
C SER G 163 2.07 10.29 32.06
N GLY G 164 1.87 9.85 30.80
CA GLY G 164 2.26 10.61 29.59
C GLY G 164 2.84 9.77 28.47
N ALA G 165 3.21 8.50 28.72
CA ALA G 165 3.79 7.58 27.70
C ALA G 165 2.80 7.30 26.55
N LEU G 166 1.49 7.47 26.82
CA LEU G 166 0.39 7.36 25.83
C LEU G 166 -0.37 8.68 25.85
N THR G 167 -0.20 9.46 24.79
CA THR G 167 -0.72 10.84 24.58
C THR G 167 -1.56 10.88 23.30
N SER G 168 -1.40 9.84 22.47
CA SER G 168 -1.71 9.85 21.01
C SER G 168 -2.98 9.02 20.76
N GLY G 169 -4.02 9.70 20.28
CA GLY G 169 -5.34 9.09 20.03
C GLY G 169 -6.22 9.22 21.25
N VAL G 170 -5.63 9.72 22.34
CA VAL G 170 -6.32 10.15 23.60
C VAL G 170 -7.30 11.29 23.25
N HIS G 171 -8.61 11.15 23.52
CA HIS G 171 -9.58 12.27 23.58
C HIS G 171 -10.15 12.42 25.00
N THR G 172 -10.10 13.62 25.54
CA THR G 172 -10.62 14.01 26.87
C THR G 172 -11.75 15.01 26.62
N PHE G 173 -13.00 14.57 26.83
CA PHE G 173 -14.20 15.35 26.45
C PHE G 173 -14.41 16.52 27.39
N PRO G 174 -14.84 17.69 26.86
CA PRO G 174 -15.51 18.69 27.68
C PRO G 174 -16.42 18.01 28.72
N ALA G 175 -16.41 18.55 29.94
CA ALA G 175 -17.23 18.05 31.06
C ALA G 175 -18.68 18.50 30.83
N VAL G 176 -19.63 17.72 31.34
CA VAL G 176 -21.08 18.02 31.22
C VAL G 176 -21.67 18.07 32.61
N LEU G 177 -22.53 19.08 32.73
CA LEU G 177 -23.20 19.55 33.96
C LEU G 177 -24.47 18.73 34.06
N GLN G 178 -24.58 17.93 35.13
CA GLN G 178 -25.63 16.90 35.23
C GLN G 178 -26.89 17.54 35.82
N SER G 179 -27.99 16.81 35.83
CA SER G 179 -29.23 17.26 36.50
C SER G 179 -29.02 17.25 38.01
N SER G 180 -27.87 16.76 38.50
CA SER G 180 -27.48 16.70 39.93
C SER G 180 -26.71 17.95 40.35
N GLY G 181 -26.24 18.75 39.38
CA GLY G 181 -25.32 19.89 39.62
C GLY G 181 -23.84 19.47 39.70
N LEU G 182 -23.50 18.19 39.48
CA LEU G 182 -22.09 17.68 39.52
C LEU G 182 -21.64 17.34 38.10
N TYR G 183 -20.33 17.28 37.90
CA TYR G 183 -19.71 17.27 36.54
C TYR G 183 -19.40 15.82 36.18
N SER G 184 -19.43 15.52 34.88
CA SER G 184 -19.10 14.21 34.27
C SER G 184 -18.28 14.43 33.00
N LEU G 185 -17.10 13.82 32.94
CA LEU G 185 -16.37 13.66 31.66
C LEU G 185 -15.99 12.20 31.48
N SER G 186 -15.81 11.84 30.23
CA SER G 186 -15.11 10.62 29.79
C SER G 186 -13.77 11.05 29.22
N SER G 187 -12.78 10.17 29.31
CA SER G 187 -11.51 10.20 28.56
C SER G 187 -11.37 8.86 27.86
N VAL G 188 -11.00 8.89 26.60
CA VAL G 188 -11.03 7.70 25.71
C VAL G 188 -9.71 7.65 24.94
N VAL G 189 -9.45 6.55 24.26
CA VAL G 189 -8.17 6.38 23.51
C VAL G 189 -8.28 5.12 22.66
N THR G 190 -8.19 5.34 21.35
CA THR G 190 -8.06 4.29 20.32
C THR G 190 -6.64 3.69 20.40
N VAL G 191 -6.56 2.36 20.35
CA VAL G 191 -5.29 1.56 20.38
C VAL G 191 -5.41 0.46 19.35
N PRO G 192 -4.31 -0.25 19.00
CA PRO G 192 -4.41 -1.37 18.07
C PRO G 192 -4.97 -2.57 18.84
N SER G 193 -5.92 -3.29 18.24
CA SER G 193 -6.68 -4.41 18.84
C SER G 193 -5.80 -5.62 19.15
N SER G 194 -4.67 -5.81 18.44
CA SER G 194 -3.77 -6.97 18.63
C SER G 194 -2.96 -6.80 19.93
N SER G 195 -2.85 -5.57 20.46
CA SER G 195 -2.05 -5.15 21.65
C SER G 195 -2.96 -4.99 22.88
N LEU G 196 -4.01 -5.82 22.98
CA LEU G 196 -4.88 -5.92 24.18
C LEU G 196 -4.25 -6.92 25.14
N GLY G 197 -3.64 -7.98 24.59
CA GLY G 197 -2.81 -8.95 25.34
C GLY G 197 -1.37 -8.49 25.52
N THR G 198 -0.96 -7.35 24.91
CA THR G 198 0.41 -6.78 25.05
C THR G 198 0.40 -5.77 26.19
N GLN G 199 -0.08 -4.55 25.93
CA GLN G 199 0.30 -3.36 26.74
C GLN G 199 -0.66 -3.22 27.92
N THR G 200 -0.43 -2.21 28.77
CA THR G 200 -1.18 -1.94 30.03
C THR G 200 -1.50 -0.44 30.09
N TYR G 201 -2.77 -0.14 30.35
CA TYR G 201 -3.36 1.22 30.17
C TYR G 201 -3.92 1.72 31.51
N ILE G 202 -3.44 2.89 31.98
CA ILE G 202 -3.69 3.46 33.34
C ILE G 202 -4.02 4.96 33.22
N CYS G 203 -5.30 5.37 33.28
CA CYS G 203 -5.66 6.82 33.29
CA CYS G 203 -5.66 6.83 33.28
C CYS G 203 -5.35 7.38 34.67
N ASN G 204 -4.84 8.60 34.70
CA ASN G 204 -4.26 9.25 35.90
C ASN G 204 -5.08 10.50 36.11
N VAL G 205 -6.00 10.43 37.06
CA VAL G 205 -7.02 11.49 37.22
C VAL G 205 -6.57 12.39 38.37
N ASN G 206 -6.86 13.69 38.25
CA ASN G 206 -6.58 14.70 39.30
C ASN G 206 -7.76 15.66 39.38
N HIS G 207 -8.31 15.82 40.60
CA HIS G 207 -9.29 16.88 40.96
C HIS G 207 -8.81 17.64 42.21
N LYS G 208 -8.08 18.74 42.01
CA LYS G 208 -7.25 19.39 43.05
C LYS G 208 -8.10 19.98 44.16
N PRO G 209 -9.31 20.56 43.90
CA PRO G 209 -10.17 21.02 44.97
C PRO G 209 -10.35 19.96 46.08
N SER G 210 -10.52 18.68 45.70
CA SER G 210 -10.83 17.50 46.56
C SER G 210 -9.55 16.73 46.93
N ASN G 211 -8.45 16.95 46.19
CA ASN G 211 -7.11 16.30 46.34
C ASN G 211 -7.28 14.81 46.11
N THR G 212 -7.98 14.47 45.03
CA THR G 212 -8.13 13.10 44.46
C THR G 212 -7.05 12.86 43.43
N LYS G 213 -6.35 11.72 43.54
CA LYS G 213 -5.22 11.35 42.64
C LYS G 213 -5.31 9.84 42.38
N VAL G 214 -6.18 9.45 41.44
CA VAL G 214 -6.48 8.04 41.08
C VAL G 214 -5.75 7.69 39.78
N ASP G 215 -4.84 6.72 39.86
CA ASP G 215 -4.11 6.13 38.72
C ASP G 215 -4.81 4.81 38.38
N LYS G 216 -6.09 4.93 38.02
CA LYS G 216 -6.99 3.82 37.60
C LYS G 216 -6.38 3.04 36.44
N LYS G 217 -6.53 1.71 36.48
CA LYS G 217 -6.07 0.77 35.42
C LYS G 217 -7.28 0.20 34.68
N VAL G 218 -7.33 0.41 33.37
CA VAL G 218 -8.24 -0.28 32.41
C VAL G 218 -7.61 -1.63 32.06
N GLU G 219 -8.44 -2.67 32.00
CA GLU G 219 -8.07 -4.08 31.67
C GLU G 219 -9.09 -4.57 30.66
N PRO G 220 -8.77 -5.60 29.84
CA PRO G 220 -9.75 -6.08 28.87
C PRO G 220 -10.94 -6.77 29.53
N LYS G 221 -12.09 -6.78 28.84
CA LYS G 221 -13.29 -7.63 29.06
C LYS G 221 -14.48 -7.02 28.30
N ASP H 1 -13.75 54.41 27.49
CA ASP H 1 -12.67 53.51 26.97
C ASP H 1 -12.87 53.31 25.46
N ILE H 2 -11.96 52.56 24.82
CA ILE H 2 -12.02 52.22 23.37
C ILE H 2 -12.72 50.86 23.18
N GLN H 3 -13.80 50.85 22.40
CA GLN H 3 -14.49 49.63 21.91
C GLN H 3 -13.67 49.06 20.75
N MET H 4 -13.62 47.73 20.63
CA MET H 4 -12.92 47.00 19.53
C MET H 4 -13.91 46.03 18.87
N THR H 5 -13.98 46.08 17.54
CA THR H 5 -15.06 45.46 16.74
C THR H 5 -14.42 44.52 15.73
N GLN H 6 -14.16 43.29 16.19
CA GLN H 6 -13.58 42.17 15.41
C GLN H 6 -14.66 41.57 14.49
N SER H 7 -14.26 41.07 13.33
CA SER H 7 -15.16 40.47 12.32
C SER H 7 -14.38 39.49 11.48
N PRO H 8 -14.97 38.34 11.11
CA PRO H 8 -16.32 37.97 11.57
C PRO H 8 -16.15 37.28 12.93
N SER H 9 -17.24 36.89 13.59
CA SER H 9 -17.20 36.27 14.95
C SER H 9 -16.75 34.80 14.85
N SER H 10 -16.87 34.20 13.68
CA SER H 10 -16.49 32.79 13.44
C SER H 10 -16.25 32.65 11.94
N LEU H 11 -15.51 31.63 11.53
CA LEU H 11 -15.14 31.49 10.10
C LEU H 11 -14.59 30.09 9.93
N SER H 12 -14.87 29.49 8.76
CA SER H 12 -14.46 28.14 8.30
C SER H 12 -13.79 28.30 6.94
N ALA H 13 -12.78 27.48 6.68
CA ALA H 13 -11.79 27.67 5.62
C ALA H 13 -10.91 26.43 5.55
N SER H 14 -10.65 25.93 4.33
CA SER H 14 -9.80 24.74 4.00
C SER H 14 -8.30 25.09 4.08
N VAL H 15 -7.41 24.09 3.99
CA VAL H 15 -5.98 24.22 4.41
C VAL H 15 -5.17 24.91 3.31
N GLY H 16 -4.55 26.06 3.66
CA GLY H 16 -3.72 26.87 2.75
C GLY H 16 -4.55 27.97 2.11
N ASP H 17 -5.76 28.22 2.60
CA ASP H 17 -6.59 29.37 2.20
C ASP H 17 -6.03 30.61 2.91
N ARG H 18 -6.41 31.80 2.44
CA ARG H 18 -5.94 33.12 2.95
C ARG H 18 -7.08 33.73 3.77
N VAL H 19 -7.05 33.46 5.06
CA VAL H 19 -8.05 33.94 6.04
C VAL H 19 -7.50 35.24 6.64
N THR H 20 -8.38 36.24 6.71
CA THR H 20 -8.11 37.60 7.23
C THR H 20 -9.17 37.97 8.30
N ILE H 21 -8.71 38.30 9.50
CA ILE H 21 -9.63 38.81 10.55
C ILE H 21 -9.52 40.33 10.56
N THR H 22 -10.64 41.03 10.66
CA THR H 22 -10.61 42.50 10.62
C THR H 22 -11.11 42.96 11.99
N CYS H 23 -10.42 43.93 12.54
CA CYS H 23 -10.72 44.50 13.86
C CYS H 23 -10.69 46.01 13.71
N ARG H 24 -11.79 46.66 14.08
CA ARG H 24 -12.02 48.12 13.88
C ARG H 24 -12.13 48.78 15.26
N ALA H 25 -11.30 49.79 15.52
CA ALA H 25 -11.29 50.58 16.77
C ALA H 25 -12.33 51.70 16.70
N SER H 26 -12.98 51.97 17.83
CA SER H 26 -14.00 53.04 18.02
C SER H 26 -13.37 54.42 17.82
N GLN H 27 -12.24 54.68 18.46
CA GLN H 27 -11.45 55.95 18.33
C GLN H 27 -10.09 55.57 17.75
N ASP H 28 -9.19 56.56 17.66
CA ASP H 28 -7.78 56.38 17.21
C ASP H 28 -7.05 55.49 18.21
N VAL H 29 -6.05 54.75 17.75
CA VAL H 29 -5.13 53.91 18.59
C VAL H 29 -3.79 53.76 17.89
N ASN H 30 -3.66 54.28 16.68
CA ASN H 30 -2.34 54.36 16.00
C ASN H 30 -1.89 52.94 15.61
N THR H 31 -0.93 52.37 16.30
CA THR H 31 -0.17 51.18 15.88
C THR H 31 -0.19 50.20 17.05
N ALA H 32 -0.81 50.64 18.16
CA ALA H 32 -0.85 49.97 19.49
C ALA H 32 -1.94 48.91 19.50
N VAL H 33 -1.75 47.92 18.64
CA VAL H 33 -2.71 46.83 18.34
C VAL H 33 -1.86 45.57 18.29
N ALA H 34 -2.10 44.68 19.24
CA ALA H 34 -1.53 43.31 19.22
C ALA H 34 -2.66 42.36 18.84
N TRP H 35 -2.26 41.18 18.36
CA TRP H 35 -3.12 40.03 18.03
C TRP H 35 -2.65 38.83 18.82
N TYR H 36 -3.58 38.13 19.45
CA TYR H 36 -3.30 36.88 20.21
C TYR H 36 -4.08 35.72 19.60
N GLN H 37 -3.72 34.51 20.07
CA GLN H 37 -4.20 33.19 19.59
C GLN H 37 -4.41 32.28 20.81
N GLN H 38 -5.69 32.00 21.14
CA GLN H 38 -6.09 30.96 22.13
C GLN H 38 -6.55 29.68 21.47
N LYS H 39 -5.72 28.63 21.53
CA LYS H 39 -6.17 27.23 21.36
C LYS H 39 -6.94 26.82 22.62
N PRO H 40 -8.04 26.02 22.54
CA PRO H 40 -8.87 25.70 23.71
C PRO H 40 -8.14 25.14 24.94
N GLY H 41 -8.53 25.62 26.13
CA GLY H 41 -7.90 25.28 27.42
C GLY H 41 -6.44 25.74 27.52
N LYS H 42 -6.03 26.69 26.68
CA LYS H 42 -4.64 27.25 26.72
C LYS H 42 -4.73 28.77 26.88
N ALA H 43 -3.61 29.36 27.34
CA ALA H 43 -3.38 30.81 27.45
C ALA H 43 -3.18 31.39 26.05
N PRO H 44 -3.68 32.61 25.79
CA PRO H 44 -3.54 33.17 24.45
C PRO H 44 -2.03 33.46 24.29
N LYS H 45 -1.55 33.33 23.05
CA LYS H 45 -0.14 33.57 22.62
C LYS H 45 -0.10 34.84 21.73
N LEU H 46 0.87 35.71 22.00
CA LEU H 46 1.12 36.93 21.18
C LEU H 46 1.71 36.49 19.85
N LEU H 47 1.12 37.00 18.77
CA LEU H 47 1.58 36.83 17.36
C LEU H 47 2.10 38.18 16.87
N ILE H 48 1.17 39.13 16.76
CA ILE H 48 1.40 40.43 16.12
C ILE H 48 1.36 41.46 17.22
N TYR H 49 2.35 42.36 17.22
CA TYR H 49 2.41 43.59 18.05
C TYR H 49 2.69 44.76 17.12
N SER H 50 2.20 45.94 17.49
CA SER H 50 2.44 47.23 16.79
C SER H 50 1.80 47.16 15.41
N ALA H 51 0.66 46.47 15.35
CA ALA H 51 -0.10 46.18 14.12
C ALA H 51 0.61 45.16 13.23
N SER H 52 1.91 45.25 12.97
CA SER H 52 2.58 44.51 11.86
C SER H 52 3.83 43.76 12.33
N PHE H 53 4.18 43.87 13.60
CA PHE H 53 5.46 43.31 14.08
C PHE H 53 5.22 41.87 14.58
N LEU H 54 5.64 40.91 13.73
CA LEU H 54 5.77 39.46 14.06
C LEU H 54 6.60 39.29 15.33
N TYR H 55 6.09 38.50 16.29
CA TYR H 55 6.77 37.98 17.50
C TYR H 55 7.70 36.80 17.14
N SER H 56 8.67 36.55 18.02
CA SER H 56 9.78 35.57 17.87
C SER H 56 9.30 34.16 18.24
N GLY H 57 9.24 33.26 17.25
CA GLY H 57 8.81 31.85 17.42
C GLY H 57 7.62 31.55 16.51
N VAL H 58 6.90 32.60 16.11
CA VAL H 58 5.65 32.52 15.31
C VAL H 58 6.06 32.30 13.87
N PRO H 59 5.55 31.24 13.21
CA PRO H 59 5.71 31.09 11.76
C PRO H 59 5.32 32.38 11.03
N SER H 60 6.00 32.64 9.91
CA SER H 60 5.83 33.84 9.04
C SER H 60 4.43 33.87 8.42
N ARG H 61 3.75 32.72 8.31
CA ARG H 61 2.46 32.59 7.57
C ARG H 61 1.43 33.54 8.22
N PHE H 62 1.81 34.17 9.35
CA PHE H 62 1.06 35.24 10.07
C PHE H 62 1.58 36.64 9.65
N SER H 63 0.68 37.53 9.21
CA SER H 63 0.98 38.90 8.70
C SER H 63 -0.04 39.89 9.29
N GLY H 64 0.39 41.03 9.81
CA GLY H 64 -0.52 42.10 10.30
C GLY H 64 -0.55 43.31 9.36
N SER H 65 -1.58 44.15 9.43
CA SER H 65 -1.61 45.47 8.76
C SER H 65 -2.57 46.43 9.48
N ARG H 66 -2.34 47.74 9.33
CA ARG H 66 -3.21 48.84 9.84
C ARG H 66 -3.66 49.71 8.67
N SER H 67 -4.88 50.29 8.73
CA SER H 67 -5.41 51.30 7.76
C SER H 67 -6.46 52.18 8.42
N GLY H 68 -6.08 53.43 8.76
CA GLY H 68 -6.83 54.31 9.68
C GLY H 68 -7.09 53.61 11.01
N THR H 69 -8.35 53.26 11.27
CA THR H 69 -8.82 52.45 12.44
C THR H 69 -9.14 51.01 11.98
N ASP H 70 -8.55 50.54 10.87
CA ASP H 70 -8.81 49.17 10.34
C ASP H 70 -7.52 48.33 10.45
N PHE H 71 -7.57 47.29 11.29
CA PHE H 71 -6.47 46.33 11.54
C PHE H 71 -6.89 44.99 10.94
N THR H 72 -5.91 44.15 10.66
CA THR H 72 -6.05 43.00 9.74
C THR H 72 -4.93 42.05 10.15
N LEU H 73 -5.33 40.95 10.78
CA LEU H 73 -4.52 39.73 10.94
C LEU H 73 -4.83 38.84 9.74
N THR H 74 -3.78 38.26 9.15
CA THR H 74 -3.81 37.42 7.93
C THR H 74 -2.99 36.15 8.15
N ILE H 75 -3.51 35.03 7.65
CA ILE H 75 -2.88 33.69 7.70
C ILE H 75 -2.77 33.24 6.25
N SER H 76 -1.54 33.21 5.71
CA SER H 76 -1.27 33.09 4.25
C SER H 76 -1.58 31.65 3.84
N SER H 77 -1.12 30.66 4.62
CA SER H 77 -1.34 29.23 4.33
C SER H 77 -1.92 28.56 5.58
N LEU H 78 -3.25 28.55 5.68
CA LEU H 78 -4.01 28.01 6.82
C LEU H 78 -3.72 26.51 6.95
N GLN H 79 -3.51 26.08 8.20
CA GLN H 79 -2.97 24.77 8.62
C GLN H 79 -3.71 24.28 9.86
N PRO H 80 -3.82 22.93 9.97
CA PRO H 80 -4.54 22.29 11.07
C PRO H 80 -4.46 23.09 12.39
N GLU H 81 -3.23 23.46 12.73
CA GLU H 81 -2.81 23.89 14.09
C GLU H 81 -3.27 25.34 14.27
N ASP H 82 -3.64 26.03 13.20
CA ASP H 82 -4.10 27.44 13.27
C ASP H 82 -5.56 27.49 13.75
N PHE H 83 -6.19 26.36 14.02
CA PHE H 83 -7.49 26.32 14.72
C PHE H 83 -7.31 26.97 16.08
N ALA H 84 -8.12 28.01 16.36
CA ALA H 84 -8.12 28.76 17.64
C ALA H 84 -9.10 29.93 17.62
N THR H 85 -9.17 30.61 18.77
CA THR H 85 -9.79 31.96 18.87
C THR H 85 -8.66 33.00 18.91
N TYR H 86 -8.78 33.98 18.04
CA TYR H 86 -7.82 35.05 17.78
C TYR H 86 -8.46 36.35 18.23
N TYR H 87 -7.71 37.13 19.02
CA TYR H 87 -8.13 38.39 19.64
C TYR H 87 -7.25 39.55 19.12
N CYS H 88 -7.89 40.67 18.80
CA CYS H 88 -7.25 41.98 18.71
C CYS H 88 -7.34 42.64 20.09
N GLN H 89 -6.44 43.60 20.33
CA GLN H 89 -6.40 44.42 21.57
C GLN H 89 -5.70 45.75 21.29
N GLN H 90 -6.34 46.87 21.61
CA GLN H 90 -5.72 48.21 21.70
C GLN H 90 -5.03 48.33 23.05
N HIS H 91 -3.85 48.93 23.09
CA HIS H 91 -3.09 49.21 24.34
C HIS H 91 -2.54 50.64 24.31
N TYR H 92 -3.30 51.55 23.68
CA TYR H 92 -3.01 53.00 23.49
C TYR H 92 -3.48 53.78 24.71
N THR H 93 -4.59 53.35 25.32
CA THR H 93 -5.15 53.93 26.56
C THR H 93 -5.24 52.85 27.66
N THR H 94 -5.90 53.21 28.75
CA THR H 94 -6.22 52.33 29.89
C THR H 94 -7.73 52.48 30.16
N PRO H 95 -8.54 51.40 30.26
CA PRO H 95 -8.06 50.01 30.23
C PRO H 95 -7.77 49.54 28.81
N PRO H 96 -6.80 48.63 28.60
CA PRO H 96 -6.68 47.98 27.31
C PRO H 96 -7.95 47.14 27.12
N THR H 97 -8.37 46.94 25.86
CA THR H 97 -9.62 46.22 25.50
C THR H 97 -9.33 45.20 24.40
N PHE H 98 -10.28 44.32 24.17
CA PHE H 98 -10.18 43.18 23.24
C PHE H 98 -11.42 43.13 22.35
N GLY H 99 -11.32 42.35 21.28
CA GLY H 99 -12.49 42.00 20.46
C GLY H 99 -13.40 41.03 21.16
N GLN H 100 -14.48 40.63 20.48
CA GLN H 100 -15.31 39.47 20.86
C GLN H 100 -14.61 38.17 20.45
N GLY H 101 -13.45 38.24 19.82
CA GLY H 101 -12.73 37.06 19.27
C GLY H 101 -13.35 36.58 17.97
N THR H 102 -12.60 35.78 17.21
CA THR H 102 -13.04 35.12 15.94
C THR H 102 -12.53 33.70 16.01
N LYS H 103 -13.40 32.70 15.83
CA LYS H 103 -13.06 31.25 15.88
C LYS H 103 -12.79 30.77 14.48
N VAL H 104 -11.60 30.20 14.28
CA VAL H 104 -11.21 29.61 12.98
C VAL H 104 -11.32 28.10 13.11
N GLU H 105 -12.37 27.54 12.51
CA GLU H 105 -12.49 26.08 12.29
C GLU H 105 -11.89 25.78 10.91
N ILE H 106 -11.21 24.63 10.78
CA ILE H 106 -10.64 24.08 9.51
C ILE H 106 -11.74 23.34 8.75
N LYS H 107 -11.71 23.44 7.43
CA LYS H 107 -12.70 22.81 6.52
C LYS H 107 -11.94 21.70 5.78
N ARG H 108 -12.41 20.47 5.90
CA ARG H 108 -11.65 19.30 5.42
C ARG H 108 -12.63 18.36 4.70
N THR H 109 -12.15 17.20 4.28
CA THR H 109 -12.95 16.15 3.59
C THR H 109 -13.83 15.42 4.62
N VAL H 110 -15.10 15.20 4.26
CA VAL H 110 -16.06 14.43 5.10
C VAL H 110 -15.36 13.14 5.58
N ALA H 111 -15.57 12.77 6.85
CA ALA H 111 -14.99 11.58 7.52
C ALA H 111 -16.06 10.94 8.38
N ALA H 112 -16.26 9.64 8.18
CA ALA H 112 -17.27 8.83 8.87
C ALA H 112 -16.75 8.47 10.26
N PRO H 113 -17.57 8.67 11.30
CA PRO H 113 -17.19 8.22 12.64
C PRO H 113 -16.90 6.71 12.65
N SER H 114 -15.91 6.32 13.43
CA SER H 114 -15.71 4.95 13.96
C SER H 114 -16.44 4.88 15.30
N VAL H 115 -17.43 4.00 15.44
CA VAL H 115 -18.30 4.00 16.64
C VAL H 115 -17.87 2.90 17.60
N PHE H 116 -17.83 3.22 18.88
CA PHE H 116 -17.50 2.26 19.98
C PHE H 116 -18.54 2.43 21.07
N ILE H 117 -18.96 1.30 21.65
CA ILE H 117 -19.91 1.21 22.77
C ILE H 117 -19.25 0.41 23.92
N PHE H 118 -19.28 0.97 25.13
CA PHE H 118 -18.74 0.44 26.40
C PHE H 118 -19.89 0.26 27.41
N PRO H 119 -20.16 -0.99 27.82
CA PRO H 119 -21.13 -1.27 28.88
C PRO H 119 -20.72 -0.68 30.21
N PRO H 120 -21.62 -0.56 31.21
CA PRO H 120 -21.17 -0.17 32.55
C PRO H 120 -20.10 -1.14 33.08
N SER H 121 -19.16 -0.61 33.85
CA SER H 121 -18.13 -1.34 34.64
C SER H 121 -18.81 -2.13 35.75
N ASP H 122 -18.31 -3.32 36.08
CA ASP H 122 -18.74 -4.05 37.30
C ASP H 122 -18.81 -3.05 38.47
N GLU H 123 -17.67 -2.46 38.82
CA GLU H 123 -17.54 -1.43 39.91
C GLU H 123 -18.74 -0.48 39.92
N GLN H 124 -19.12 0.09 38.77
CA GLN H 124 -20.13 1.17 38.73
C GLN H 124 -21.49 0.56 39.06
N LEU H 125 -21.79 -0.58 38.43
CA LEU H 125 -23.07 -1.32 38.64
C LEU H 125 -23.33 -1.45 40.15
N LYS H 126 -22.48 -2.22 40.84
CA LYS H 126 -22.56 -2.55 42.30
C LYS H 126 -22.97 -1.33 43.14
N SER H 127 -22.62 -0.12 42.73
CA SER H 127 -22.86 1.14 43.51
C SER H 127 -24.24 1.73 43.17
N GLY H 128 -24.99 1.12 42.23
CA GLY H 128 -26.39 1.48 41.96
C GLY H 128 -26.59 2.13 40.61
N THR H 129 -25.54 2.67 39.99
CA THR H 129 -25.73 3.37 38.71
C THR H 129 -25.25 2.48 37.57
N ALA H 130 -25.62 2.88 36.35
CA ALA H 130 -25.13 2.37 35.06
C ALA H 130 -25.11 3.51 34.06
N SER H 131 -23.88 3.96 33.75
CA SER H 131 -23.47 4.84 32.63
C SER H 131 -23.01 3.99 31.43
N VAL H 132 -23.75 4.01 30.32
CA VAL H 132 -23.34 3.37 29.03
C VAL H 132 -22.96 4.48 28.03
N VAL H 133 -21.89 4.27 27.25
CA VAL H 133 -21.23 5.28 26.32
C VAL H 133 -21.18 4.75 24.88
N CYS H 134 -21.71 5.50 23.90
CA CYS H 134 -21.38 5.45 22.44
C CYS H 134 -20.32 6.53 22.20
N LEU H 135 -19.14 6.17 21.69
CA LEU H 135 -18.06 7.11 21.25
C LEU H 135 -17.97 7.16 19.70
N LEU H 136 -18.17 8.35 19.12
CA LEU H 136 -17.96 8.64 17.68
C LEU H 136 -16.56 9.25 17.52
N ASN H 137 -15.57 8.43 17.16
CA ASN H 137 -14.16 8.83 17.08
C ASN H 137 -13.89 9.40 15.66
N ASN H 138 -13.37 10.64 15.63
CA ASN H 138 -12.69 11.31 14.49
C ASN H 138 -13.63 11.34 13.26
N PHE H 139 -14.51 12.35 13.22
CA PHE H 139 -15.33 12.67 12.02
C PHE H 139 -15.30 14.16 11.67
N TYR H 140 -15.78 14.44 10.45
CA TYR H 140 -16.06 15.78 9.88
C TYR H 140 -17.21 15.67 8.89
N PRO H 141 -18.27 16.51 8.90
CA PRO H 141 -18.40 17.65 9.80
C PRO H 141 -18.82 17.28 11.24
N ARG H 142 -19.12 18.31 12.04
CA ARG H 142 -19.36 18.25 13.50
C ARG H 142 -20.79 17.77 13.72
N GLU H 143 -21.69 17.98 12.76
CA GLU H 143 -23.13 17.64 12.93
C GLU H 143 -23.32 16.11 12.92
N ALA H 144 -23.39 15.45 14.07
CA ALA H 144 -23.73 14.00 14.20
C ALA H 144 -25.07 13.82 14.97
N LYS H 145 -25.80 12.74 14.73
CA LYS H 145 -27.04 12.37 15.45
C LYS H 145 -26.79 11.03 16.13
N VAL H 146 -26.99 10.92 17.45
CA VAL H 146 -26.80 9.67 18.24
C VAL H 146 -28.12 9.35 18.93
N GLN H 147 -28.65 8.15 18.69
CA GLN H 147 -29.99 7.71 19.13
C GLN H 147 -29.78 6.43 19.94
N TRP H 148 -30.19 6.42 21.20
CA TRP H 148 -30.04 5.25 22.09
C TRP H 148 -31.27 4.35 21.94
N LYS H 149 -31.03 3.05 21.87
CA LYS H 149 -32.11 2.03 21.80
C LYS H 149 -31.84 0.97 22.87
N VAL H 150 -32.80 0.75 23.78
CA VAL H 150 -32.82 -0.45 24.70
C VAL H 150 -33.93 -1.42 24.25
N ASP H 151 -33.58 -2.66 23.88
CA ASP H 151 -34.53 -3.73 23.44
C ASP H 151 -35.51 -3.17 22.41
N ASN H 152 -35.03 -2.27 21.55
CA ASN H 152 -35.68 -1.77 20.31
C ASN H 152 -36.55 -0.52 20.56
N ALA H 153 -36.70 -0.05 21.80
CA ALA H 153 -37.35 1.25 22.10
C ALA H 153 -36.34 2.40 22.12
N LEU H 154 -36.71 3.51 21.48
CA LEU H 154 -35.96 4.79 21.41
C LEU H 154 -36.07 5.47 22.77
N GLN H 155 -34.94 5.81 23.38
CA GLN H 155 -34.89 6.45 24.71
C GLN H 155 -34.98 7.97 24.54
N SER H 156 -35.18 8.69 25.66
CA SER H 156 -35.21 10.18 25.71
CA SER H 156 -35.19 10.18 25.71
C SER H 156 -34.76 10.68 27.09
N GLY H 157 -34.17 11.89 27.15
CA GLY H 157 -33.85 12.60 28.40
C GLY H 157 -33.06 11.79 29.44
N ASN H 158 -32.36 10.74 29.03
CA ASN H 158 -31.41 9.99 29.89
C ASN H 158 -30.07 9.90 29.17
N SER H 159 -29.85 10.74 28.15
CA SER H 159 -28.53 10.89 27.47
C SER H 159 -28.05 12.34 27.55
N GLN H 160 -26.74 12.52 27.67
CA GLN H 160 -26.02 13.80 27.54
C GLN H 160 -24.83 13.55 26.63
N GLU H 161 -24.65 14.41 25.62
CA GLU H 161 -23.58 14.39 24.59
C GLU H 161 -22.56 15.52 24.86
N SER H 162 -21.25 15.21 24.74
CA SER H 162 -20.09 16.13 24.79
C SER H 162 -19.27 15.99 23.51
N VAL H 163 -18.92 17.11 22.85
CA VAL H 163 -18.13 17.16 21.59
C VAL H 163 -16.78 17.81 21.92
N THR H 164 -15.69 17.23 21.38
CA THR H 164 -14.29 17.74 21.43
C THR H 164 -14.13 18.93 20.48
N GLU H 165 -13.15 19.78 20.76
CA GLU H 165 -12.86 20.96 19.92
C GLU H 165 -11.99 20.43 18.78
N GLN H 166 -12.29 20.87 17.55
CA GLN H 166 -11.72 20.31 16.28
C GLN H 166 -10.24 19.98 16.52
N ASP H 167 -9.73 18.85 16.05
CA ASP H 167 -8.36 18.38 16.41
C ASP H 167 -7.27 19.27 15.79
N SER H 168 -6.07 19.27 16.39
CA SER H 168 -4.91 20.10 15.97
C SER H 168 -4.21 19.55 14.72
N LYS H 169 -4.26 18.23 14.48
CA LYS H 169 -3.65 17.58 13.29
C LYS H 169 -4.74 17.27 12.26
N ASP H 170 -5.51 16.18 12.43
CA ASP H 170 -6.50 15.66 11.43
C ASP H 170 -7.77 16.52 11.35
N SER H 171 -7.88 17.62 12.12
CA SER H 171 -8.95 18.65 11.98
C SER H 171 -10.33 18.02 12.21
N THR H 172 -10.36 16.88 12.94
CA THR H 172 -11.60 16.12 13.22
C THR H 172 -12.18 16.48 14.60
N TYR H 173 -13.45 16.09 14.77
CA TYR H 173 -14.28 16.15 15.99
C TYR H 173 -14.48 14.74 16.56
N SER H 174 -14.64 14.63 17.88
CA SER H 174 -15.12 13.37 18.54
C SER H 174 -16.22 13.67 19.59
N LEU H 175 -17.12 12.72 19.87
CA LEU H 175 -18.48 12.98 20.49
C LEU H 175 -18.93 11.82 21.37
N SER H 176 -18.80 11.92 22.68
CA SER H 176 -19.43 10.94 23.62
C SER H 176 -20.87 11.37 23.95
N SER H 177 -21.78 10.39 23.90
CA SER H 177 -23.11 10.36 24.54
C SER H 177 -23.14 9.33 25.68
N THR H 178 -23.52 9.77 26.88
CA THR H 178 -23.68 8.93 28.10
C THR H 178 -25.17 8.64 28.28
N LEU H 179 -25.56 7.36 28.32
CA LEU H 179 -26.91 6.93 28.80
C LEU H 179 -26.82 6.63 30.30
N THR H 180 -27.73 7.19 31.11
CA THR H 180 -27.69 7.12 32.61
C THR H 180 -28.95 6.38 33.12
N LEU H 181 -28.76 5.17 33.66
CA LEU H 181 -29.82 4.34 34.30
C LEU H 181 -29.38 3.92 35.69
N SER H 182 -30.35 3.53 36.52
CA SER H 182 -30.12 2.80 37.80
C SER H 182 -29.78 1.33 37.51
N LYS H 183 -28.99 0.69 38.38
CA LYS H 183 -28.71 -0.75 38.30
C LYS H 183 -30.02 -1.51 38.09
N ALA H 184 -31.10 -1.14 38.80
CA ALA H 184 -32.38 -1.87 38.73
C ALA H 184 -32.87 -1.81 37.29
N ASP H 185 -33.12 -0.60 36.75
CA ASP H 185 -33.66 -0.42 35.37
C ASP H 185 -32.71 -1.09 34.37
N TYR H 186 -31.41 -0.89 34.51
CA TYR H 186 -30.40 -1.48 33.59
C TYR H 186 -30.65 -3.00 33.52
N GLU H 187 -30.73 -3.67 34.66
CA GLU H 187 -30.89 -5.16 34.72
C GLU H 187 -32.20 -5.64 34.07
N LYS H 188 -33.17 -4.76 33.79
CA LYS H 188 -34.50 -5.17 33.25
C LYS H 188 -34.43 -5.57 31.77
N HIS H 189 -33.45 -5.12 31.00
CA HIS H 189 -33.43 -5.21 29.52
C HIS H 189 -32.18 -5.95 29.00
N LYS H 190 -32.16 -6.36 27.73
CA LYS H 190 -31.11 -7.30 27.24
C LYS H 190 -30.14 -6.63 26.26
N VAL H 191 -30.68 -6.02 25.21
CA VAL H 191 -29.91 -5.48 24.05
C VAL H 191 -29.92 -3.96 24.14
N TYR H 192 -28.78 -3.40 24.53
CA TYR H 192 -28.55 -1.95 24.65
C TYR H 192 -27.73 -1.52 23.45
N ALA H 193 -28.39 -0.91 22.47
CA ALA H 193 -27.81 -0.51 21.17
C ALA H 193 -27.80 1.02 21.08
N CYS H 194 -27.06 1.57 20.12
CA CYS H 194 -26.98 3.06 19.92
CA CYS H 194 -26.96 3.05 19.93
C CYS H 194 -26.56 3.42 18.50
N GLU H 195 -27.45 4.13 17.82
CA GLU H 195 -27.51 4.31 16.35
C GLU H 195 -27.04 5.72 15.98
N VAL H 196 -26.04 5.77 15.12
CA VAL H 196 -25.29 6.98 14.76
C VAL H 196 -25.65 7.33 13.33
N THR H 197 -26.00 8.59 13.08
CA THR H 197 -26.39 9.14 11.76
C THR H 197 -25.33 10.21 11.46
N HIS H 198 -24.85 10.30 10.22
CA HIS H 198 -23.82 11.27 9.79
C HIS H 198 -23.67 11.28 8.27
N GLN H 199 -23.13 12.37 7.74
CA GLN H 199 -22.92 12.68 6.30
C GLN H 199 -21.80 11.79 5.72
N GLY H 200 -21.00 11.16 6.59
CA GLY H 200 -19.93 10.22 6.24
C GLY H 200 -20.51 8.84 6.06
N LEU H 201 -21.72 8.60 6.55
CA LEU H 201 -22.39 7.28 6.56
C LEU H 201 -23.45 7.24 5.47
N CYS H 202 -23.38 6.23 4.61
CA CYS H 202 -24.40 5.91 3.58
C CYS H 202 -25.57 5.19 4.25
N SER H 203 -25.49 4.99 5.57
CA SER H 203 -26.58 4.35 6.36
C SER H 203 -26.35 4.49 7.85
N PRO H 204 -27.41 4.73 8.63
CA PRO H 204 -27.35 4.48 10.07
C PRO H 204 -26.40 3.32 10.39
N VAL H 205 -25.35 3.61 11.15
CA VAL H 205 -24.52 2.62 11.89
C VAL H 205 -25.08 2.50 13.30
N THR H 206 -25.01 1.30 13.88
CA THR H 206 -25.47 0.95 15.25
C THR H 206 -24.44 0.01 15.88
N LYS H 207 -24.04 0.28 17.11
CA LYS H 207 -23.23 -0.63 17.93
C LYS H 207 -24.23 -1.17 18.95
N CYS H 208 -24.05 -2.40 19.40
CA CYS H 208 -24.98 -3.03 20.37
C CYS H 208 -24.20 -4.00 21.25
N PHE H 209 -24.73 -4.27 22.44
CA PHE H 209 -24.24 -5.36 23.31
C PHE H 209 -25.43 -6.02 24.01
N ASN H 210 -25.37 -7.34 24.09
CA ASN H 210 -26.19 -8.16 25.02
C ASN H 210 -25.65 -8.03 26.44
N ARG H 211 -26.42 -7.37 27.32
CA ARG H 211 -26.27 -7.54 28.80
C ARG H 211 -25.91 -9.01 29.07
N GLY H 212 -24.61 -9.29 29.25
CA GLY H 212 -24.05 -10.67 29.37
C GLY H 212 -22.58 -10.72 28.98
P PO4 I . 31.43 61.85 8.38
O1 PO4 I . 30.17 61.57 7.51
O2 PO4 I . 31.99 60.53 8.94
O3 PO4 I . 32.51 62.55 7.53
O4 PO4 I . 31.03 62.75 9.56
P PO4 J . -2.55 55.77 30.85
O1 PO4 J . -3.59 55.50 29.72
O2 PO4 J . -2.41 54.53 31.74
O3 PO4 J . -1.16 56.15 30.22
O4 PO4 J . -3.05 56.93 31.72
#